data_2GEN
# 
_entry.id   2GEN 
# 
_audit_conform.dict_name       mmcif_pdbx.dic 
_audit_conform.dict_version    5.399 
_audit_conform.dict_location   http://mmcif.pdb.org/dictionaries/ascii/mmcif_pdbx.dic 
# 
loop_
_database_2.database_id 
_database_2.database_code 
_database_2.pdbx_database_accession 
_database_2.pdbx_DOI 
PDB   2GEN         pdb_00002gen 10.2210/pdb2gen/pdb 
RCSB  RCSB037024   ?            ?                   
WWPDB D_1000037024 ?            ?                   
# 
loop_
_pdbx_audit_revision_history.ordinal 
_pdbx_audit_revision_history.data_content_type 
_pdbx_audit_revision_history.major_revision 
_pdbx_audit_revision_history.minor_revision 
_pdbx_audit_revision_history.revision_date 
1 'Structure model' 1 0 2006-04-18 
2 'Structure model' 1 1 2008-05-01 
3 'Structure model' 1 2 2011-07-13 
4 'Structure model' 1 3 2024-11-20 
# 
_pdbx_audit_revision_details.ordinal             1 
_pdbx_audit_revision_details.revision_ordinal    1 
_pdbx_audit_revision_details.data_content_type   'Structure model' 
_pdbx_audit_revision_details.provider            repository 
_pdbx_audit_revision_details.type                'Initial release' 
_pdbx_audit_revision_details.description         ? 
_pdbx_audit_revision_details.details             ? 
# 
loop_
_pdbx_audit_revision_group.ordinal 
_pdbx_audit_revision_group.revision_ordinal 
_pdbx_audit_revision_group.data_content_type 
_pdbx_audit_revision_group.group 
1 2 'Structure model' 'Version format compliance' 
2 3 'Structure model' 'Version format compliance' 
3 4 'Structure model' 'Data collection'           
4 4 'Structure model' 'Database references'       
5 4 'Structure model' 'Derived calculations'      
6 4 'Structure model' 'Structure summary'         
# 
loop_
_pdbx_audit_revision_category.ordinal 
_pdbx_audit_revision_category.revision_ordinal 
_pdbx_audit_revision_category.data_content_type 
_pdbx_audit_revision_category.category 
1 4 'Structure model' chem_comp_atom            
2 4 'Structure model' chem_comp_bond            
3 4 'Structure model' database_2                
4 4 'Structure model' pdbx_entry_details        
5 4 'Structure model' pdbx_modification_feature 
6 4 'Structure model' struct_conn               
7 4 'Structure model' struct_ref_seq_dif        
# 
loop_
_pdbx_audit_revision_item.ordinal 
_pdbx_audit_revision_item.revision_ordinal 
_pdbx_audit_revision_item.data_content_type 
_pdbx_audit_revision_item.item 
1 4 'Structure model' '_database_2.pdbx_DOI'                
2 4 'Structure model' '_database_2.pdbx_database_accession' 
3 4 'Structure model' '_struct_conn.pdbx_leaving_atom_flag' 
4 4 'Structure model' '_struct_ref_seq_dif.details'         
# 
_pdbx_database_status.status_code                     REL 
_pdbx_database_status.entry_id                        2GEN 
_pdbx_database_status.recvd_initial_deposition_date   2006-03-20 
_pdbx_database_status.deposit_site                    RCSB 
_pdbx_database_status.process_site                    RCSB 
_pdbx_database_status.status_code_sf                  REL 
_pdbx_database_status.status_code_mr                  ? 
_pdbx_database_status.SG_entry                        Y 
_pdbx_database_status.pdb_format_compatible           Y 
_pdbx_database_status.status_code_cs                  ? 
_pdbx_database_status.status_code_nmr_data            ? 
_pdbx_database_status.methods_development_category    ? 
# 
_pdbx_database_related.db_name        TargetDB 
_pdbx_database_related.db_id          APC6095 
_pdbx_database_related.details        . 
_pdbx_database_related.content_type   unspecified 
# 
loop_
_audit_author.name 
_audit_author.pdbx_ordinal 
'Tan, K.'                                       1 
'Skarina, T.'                                   2 
'Onopriyenko, O.'                               3 
'Savchenko, A.'                                 4 
'Edwards, A.'                                   5 
'Joachimiak, A.'                                6 
'Midwest Center for Structural Genomics (MCSG)' 7 
# 
_citation.id                        primary 
_citation.title                     
'The crystal structure of a probable transcriptional regulator from Pseudomonas aeruginosa PAO1' 
_citation.journal_abbrev            'To be Published' 
_citation.journal_volume            ? 
_citation.page_first                ? 
_citation.page_last                 ? 
_citation.year                      ? 
_citation.journal_id_ASTM           ? 
_citation.country                   ? 
_citation.journal_id_ISSN           ? 
_citation.journal_id_CSD            0353 
_citation.book_publisher            ? 
_citation.pdbx_database_id_PubMed   ? 
_citation.pdbx_database_id_DOI      ? 
# 
loop_
_citation_author.citation_id 
_citation_author.name 
_citation_author.ordinal 
_citation_author.identifier_ORCID 
primary 'Tan, K.'         1 ? 
primary 'Skarina, T.'     2 ? 
primary 'Onopriyenko, O.' 3 ? 
primary 'Savchenko, A.'   4 ? 
primary 'Edwards, A.'     5 ? 
primary 'Joachimiak, A.'  6 ? 
# 
loop_
_entity.id 
_entity.type 
_entity.src_method 
_entity.pdbx_description 
_entity.formula_weight 
_entity.pdbx_number_of_molecules 
_entity.pdbx_ec 
_entity.pdbx_mutation 
_entity.pdbx_fragment 
_entity.details 
1 polymer man 'probable transcriptional regulator' 21827.160 1   ? ? ? ? 
2 water   nat water                                18.015    175 ? ? ? ? 
# 
_entity_poly.entity_id                      1 
_entity_poly.type                           'polypeptide(L)' 
_entity_poly.nstd_linkage                   no 
_entity_poly.nstd_monomer                   yes 
_entity_poly.pdbx_seq_one_letter_code       
;GH(MSE)GRSSRKDEILQAALACFSEHGVDATTIE(MSE)IRDRSGASIGSLYHHFGNKERIHGELYLAGIGQYAALLEA
GFARARSAEETVRLLVTSYIDWVVANPDWARFILHSRGRVEAGELGERLRADNQAHFARIHAALAGYRAEGLFRE(MSE)
PDDCFASVVIGPAHDLARQWLAGRTRVALADCRELLAQVAWDSVRAAGS
;
_entity_poly.pdbx_seq_one_letter_code_can   
;GHMGRSSRKDEILQAALACFSEHGVDATTIEMIRDRSGASIGSLYHHFGNKERIHGELYLAGIGQYAALLEAGFARARSA
EETVRLLVTSYIDWVVANPDWARFILHSRGRVEAGELGERLRADNQAHFARIHAALAGYRAEGLFREMPDDCFASVVIGP
AHDLARQWLAGRTRVALADCRELLAQVAWDSVRAAGS
;
_entity_poly.pdbx_strand_id                 A 
_entity_poly.pdbx_target_identifier         APC6095 
# 
_pdbx_entity_nonpoly.entity_id   2 
_pdbx_entity_nonpoly.name        water 
_pdbx_entity_nonpoly.comp_id     HOH 
# 
loop_
_entity_poly_seq.entity_id 
_entity_poly_seq.num 
_entity_poly_seq.mon_id 
_entity_poly_seq.hetero 
1 1   GLY n 
1 2   HIS n 
1 3   MSE n 
1 4   GLY n 
1 5   ARG n 
1 6   SER n 
1 7   SER n 
1 8   ARG n 
1 9   LYS n 
1 10  ASP n 
1 11  GLU n 
1 12  ILE n 
1 13  LEU n 
1 14  GLN n 
1 15  ALA n 
1 16  ALA n 
1 17  LEU n 
1 18  ALA n 
1 19  CYS n 
1 20  PHE n 
1 21  SER n 
1 22  GLU n 
1 23  HIS n 
1 24  GLY n 
1 25  VAL n 
1 26  ASP n 
1 27  ALA n 
1 28  THR n 
1 29  THR n 
1 30  ILE n 
1 31  GLU n 
1 32  MSE n 
1 33  ILE n 
1 34  ARG n 
1 35  ASP n 
1 36  ARG n 
1 37  SER n 
1 38  GLY n 
1 39  ALA n 
1 40  SER n 
1 41  ILE n 
1 42  GLY n 
1 43  SER n 
1 44  LEU n 
1 45  TYR n 
1 46  HIS n 
1 47  HIS n 
1 48  PHE n 
1 49  GLY n 
1 50  ASN n 
1 51  LYS n 
1 52  GLU n 
1 53  ARG n 
1 54  ILE n 
1 55  HIS n 
1 56  GLY n 
1 57  GLU n 
1 58  LEU n 
1 59  TYR n 
1 60  LEU n 
1 61  ALA n 
1 62  GLY n 
1 63  ILE n 
1 64  GLY n 
1 65  GLN n 
1 66  TYR n 
1 67  ALA n 
1 68  ALA n 
1 69  LEU n 
1 70  LEU n 
1 71  GLU n 
1 72  ALA n 
1 73  GLY n 
1 74  PHE n 
1 75  ALA n 
1 76  ARG n 
1 77  ALA n 
1 78  ARG n 
1 79  SER n 
1 80  ALA n 
1 81  GLU n 
1 82  GLU n 
1 83  THR n 
1 84  VAL n 
1 85  ARG n 
1 86  LEU n 
1 87  LEU n 
1 88  VAL n 
1 89  THR n 
1 90  SER n 
1 91  TYR n 
1 92  ILE n 
1 93  ASP n 
1 94  TRP n 
1 95  VAL n 
1 96  VAL n 
1 97  ALA n 
1 98  ASN n 
1 99  PRO n 
1 100 ASP n 
1 101 TRP n 
1 102 ALA n 
1 103 ARG n 
1 104 PHE n 
1 105 ILE n 
1 106 LEU n 
1 107 HIS n 
1 108 SER n 
1 109 ARG n 
1 110 GLY n 
1 111 ARG n 
1 112 VAL n 
1 113 GLU n 
1 114 ALA n 
1 115 GLY n 
1 116 GLU n 
1 117 LEU n 
1 118 GLY n 
1 119 GLU n 
1 120 ARG n 
1 121 LEU n 
1 122 ARG n 
1 123 ALA n 
1 124 ASP n 
1 125 ASN n 
1 126 GLN n 
1 127 ALA n 
1 128 HIS n 
1 129 PHE n 
1 130 ALA n 
1 131 ARG n 
1 132 ILE n 
1 133 HIS n 
1 134 ALA n 
1 135 ALA n 
1 136 LEU n 
1 137 ALA n 
1 138 GLY n 
1 139 TYR n 
1 140 ARG n 
1 141 ALA n 
1 142 GLU n 
1 143 GLY n 
1 144 LEU n 
1 145 PHE n 
1 146 ARG n 
1 147 GLU n 
1 148 MSE n 
1 149 PRO n 
1 150 ASP n 
1 151 ASP n 
1 152 CYS n 
1 153 PHE n 
1 154 ALA n 
1 155 SER n 
1 156 VAL n 
1 157 VAL n 
1 158 ILE n 
1 159 GLY n 
1 160 PRO n 
1 161 ALA n 
1 162 HIS n 
1 163 ASP n 
1 164 LEU n 
1 165 ALA n 
1 166 ARG n 
1 167 GLN n 
1 168 TRP n 
1 169 LEU n 
1 170 ALA n 
1 171 GLY n 
1 172 ARG n 
1 173 THR n 
1 174 ARG n 
1 175 VAL n 
1 176 ALA n 
1 177 LEU n 
1 178 ALA n 
1 179 ASP n 
1 180 CYS n 
1 181 ARG n 
1 182 GLU n 
1 183 LEU n 
1 184 LEU n 
1 185 ALA n 
1 186 GLN n 
1 187 VAL n 
1 188 ALA n 
1 189 TRP n 
1 190 ASP n 
1 191 SER n 
1 192 VAL n 
1 193 ARG n 
1 194 ALA n 
1 195 ALA n 
1 196 GLY n 
1 197 SER n 
# 
_entity_src_gen.entity_id                          1 
_entity_src_gen.pdbx_src_id                        1 
_entity_src_gen.pdbx_alt_source_flag               sample 
_entity_src_gen.pdbx_seq_type                      ? 
_entity_src_gen.pdbx_beg_seq_num                   ? 
_entity_src_gen.pdbx_end_seq_num                   ? 
_entity_src_gen.gene_src_common_name               ? 
_entity_src_gen.gene_src_genus                     Pseudomonas 
_entity_src_gen.pdbx_gene_src_gene                 15597033 
_entity_src_gen.gene_src_species                   'Pseudomonas aeruginosa' 
_entity_src_gen.gene_src_strain                    PA01 
_entity_src_gen.gene_src_tissue                    ? 
_entity_src_gen.gene_src_tissue_fraction           ? 
_entity_src_gen.gene_src_details                   ? 
_entity_src_gen.pdbx_gene_src_fragment             ? 
_entity_src_gen.pdbx_gene_src_scientific_name      'Pseudomonas aeruginosa PAO1' 
_entity_src_gen.pdbx_gene_src_ncbi_taxonomy_id     208964 
_entity_src_gen.pdbx_gene_src_variant              ? 
_entity_src_gen.pdbx_gene_src_cell_line            ? 
_entity_src_gen.pdbx_gene_src_atcc                 ? 
_entity_src_gen.pdbx_gene_src_organ                ? 
_entity_src_gen.pdbx_gene_src_organelle            ? 
_entity_src_gen.pdbx_gene_src_cell                 ? 
_entity_src_gen.pdbx_gene_src_cellular_location    ? 
_entity_src_gen.host_org_common_name               ? 
_entity_src_gen.pdbx_host_org_scientific_name      'Escherichia coli BL21' 
_entity_src_gen.pdbx_host_org_ncbi_taxonomy_id     511693 
_entity_src_gen.host_org_genus                     Escherichia 
_entity_src_gen.pdbx_host_org_gene                 ? 
_entity_src_gen.pdbx_host_org_organ                ? 
_entity_src_gen.host_org_species                   'Escherichia coli' 
_entity_src_gen.pdbx_host_org_tissue               ? 
_entity_src_gen.pdbx_host_org_tissue_fraction      ? 
_entity_src_gen.pdbx_host_org_strain               BL21 
_entity_src_gen.pdbx_host_org_variant              ? 
_entity_src_gen.pdbx_host_org_cell_line            ? 
_entity_src_gen.pdbx_host_org_atcc                 ? 
_entity_src_gen.pdbx_host_org_culture_collection   ? 
_entity_src_gen.pdbx_host_org_cell                 ? 
_entity_src_gen.pdbx_host_org_organelle            ? 
_entity_src_gen.pdbx_host_org_cellular_location    ? 
_entity_src_gen.pdbx_host_org_vector_type          PLASMID 
_entity_src_gen.pdbx_host_org_vector               ? 
_entity_src_gen.host_org_details                   ? 
_entity_src_gen.expression_system_id               ? 
_entity_src_gen.plasmid_name                       pET15b 
_entity_src_gen.plasmid_details                    ? 
_entity_src_gen.pdbx_description                   ? 
# 
loop_
_chem_comp.id 
_chem_comp.type 
_chem_comp.mon_nstd_flag 
_chem_comp.name 
_chem_comp.pdbx_synonyms 
_chem_comp.formula 
_chem_comp.formula_weight 
ALA 'L-peptide linking' y ALANINE          ? 'C3 H7 N O2'     89.093  
ARG 'L-peptide linking' y ARGININE         ? 'C6 H15 N4 O2 1' 175.209 
ASN 'L-peptide linking' y ASPARAGINE       ? 'C4 H8 N2 O3'    132.118 
ASP 'L-peptide linking' y 'ASPARTIC ACID'  ? 'C4 H7 N O4'     133.103 
CYS 'L-peptide linking' y CYSTEINE         ? 'C3 H7 N O2 S'   121.158 
GLN 'L-peptide linking' y GLUTAMINE        ? 'C5 H10 N2 O3'   146.144 
GLU 'L-peptide linking' y 'GLUTAMIC ACID'  ? 'C5 H9 N O4'     147.129 
GLY 'peptide linking'   y GLYCINE          ? 'C2 H5 N O2'     75.067  
HIS 'L-peptide linking' y HISTIDINE        ? 'C6 H10 N3 O2 1' 156.162 
HOH non-polymer         . WATER            ? 'H2 O'           18.015  
ILE 'L-peptide linking' y ISOLEUCINE       ? 'C6 H13 N O2'    131.173 
LEU 'L-peptide linking' y LEUCINE          ? 'C6 H13 N O2'    131.173 
LYS 'L-peptide linking' y LYSINE           ? 'C6 H15 N2 O2 1' 147.195 
MET 'L-peptide linking' y METHIONINE       ? 'C5 H11 N O2 S'  149.211 
MSE 'L-peptide linking' n SELENOMETHIONINE ? 'C5 H11 N O2 Se' 196.106 
PHE 'L-peptide linking' y PHENYLALANINE    ? 'C9 H11 N O2'    165.189 
PRO 'L-peptide linking' y PROLINE          ? 'C5 H9 N O2'     115.130 
SER 'L-peptide linking' y SERINE           ? 'C3 H7 N O3'     105.093 
THR 'L-peptide linking' y THREONINE        ? 'C4 H9 N O3'     119.119 
TRP 'L-peptide linking' y TRYPTOPHAN       ? 'C11 H12 N2 O2'  204.225 
TYR 'L-peptide linking' y TYROSINE         ? 'C9 H11 N O3'    181.189 
VAL 'L-peptide linking' y VALINE           ? 'C5 H11 N O2'    117.146 
# 
loop_
_pdbx_poly_seq_scheme.asym_id 
_pdbx_poly_seq_scheme.entity_id 
_pdbx_poly_seq_scheme.seq_id 
_pdbx_poly_seq_scheme.mon_id 
_pdbx_poly_seq_scheme.ndb_seq_num 
_pdbx_poly_seq_scheme.pdb_seq_num 
_pdbx_poly_seq_scheme.auth_seq_num 
_pdbx_poly_seq_scheme.pdb_mon_id 
_pdbx_poly_seq_scheme.auth_mon_id 
_pdbx_poly_seq_scheme.pdb_strand_id 
_pdbx_poly_seq_scheme.pdb_ins_code 
_pdbx_poly_seq_scheme.hetero 
A 1 1   GLY 1   -1  ?   ?   ?   A . n 
A 1 2   HIS 2   0   ?   ?   ?   A . n 
A 1 3   MSE 3   1   ?   ?   ?   A . n 
A 1 4   GLY 4   2   ?   ?   ?   A . n 
A 1 5   ARG 5   3   ?   ?   ?   A . n 
A 1 6   SER 6   4   ?   ?   ?   A . n 
A 1 7   SER 7   5   ?   ?   ?   A . n 
A 1 8   ARG 8   6   6   ARG ARG A . n 
A 1 9   LYS 9   7   7   LYS LYS A . n 
A 1 10  ASP 10  8   8   ASP ASP A . n 
A 1 11  GLU 11  9   9   GLU GLU A . n 
A 1 12  ILE 12  10  10  ILE ILE A . n 
A 1 13  LEU 13  11  11  LEU LEU A . n 
A 1 14  GLN 14  12  12  GLN GLN A . n 
A 1 15  ALA 15  13  13  ALA ALA A . n 
A 1 16  ALA 16  14  14  ALA ALA A . n 
A 1 17  LEU 17  15  15  LEU LEU A . n 
A 1 18  ALA 18  16  16  ALA ALA A . n 
A 1 19  CYS 19  17  17  CYS CYS A . n 
A 1 20  PHE 20  18  18  PHE PHE A . n 
A 1 21  SER 21  19  19  SER SER A . n 
A 1 22  GLU 22  20  20  GLU GLU A . n 
A 1 23  HIS 23  21  21  HIS HIS A . n 
A 1 24  GLY 24  22  22  GLY GLY A . n 
A 1 25  VAL 25  23  23  VAL VAL A . n 
A 1 26  ASP 26  24  24  ASP ASP A . n 
A 1 27  ALA 27  25  25  ALA ALA A . n 
A 1 28  THR 28  26  26  THR THR A . n 
A 1 29  THR 29  27  27  THR THR A . n 
A 1 30  ILE 30  28  28  ILE ILE A . n 
A 1 31  GLU 31  29  29  GLU GLU A . n 
A 1 32  MSE 32  30  30  MSE MSE A . n 
A 1 33  ILE 33  31  31  ILE ILE A . n 
A 1 34  ARG 34  32  32  ARG ARG A . n 
A 1 35  ASP 35  33  33  ASP ASP A . n 
A 1 36  ARG 36  34  34  ARG ARG A . n 
A 1 37  SER 37  35  35  SER SER A . n 
A 1 38  GLY 38  36  36  GLY GLY A . n 
A 1 39  ALA 39  37  37  ALA ALA A . n 
A 1 40  SER 40  38  38  SER SER A . n 
A 1 41  ILE 41  39  39  ILE ILE A . n 
A 1 42  GLY 42  40  40  GLY GLY A . n 
A 1 43  SER 43  41  41  SER SER A . n 
A 1 44  LEU 44  42  42  LEU LEU A . n 
A 1 45  TYR 45  43  43  TYR TYR A . n 
A 1 46  HIS 46  44  44  HIS HIS A . n 
A 1 47  HIS 47  45  45  HIS HIS A . n 
A 1 48  PHE 48  46  46  PHE PHE A . n 
A 1 49  GLY 49  47  47  GLY GLY A . n 
A 1 50  ASN 50  48  48  ASN ASN A . n 
A 1 51  LYS 51  49  49  LYS LYS A . n 
A 1 52  GLU 52  50  50  GLU GLU A . n 
A 1 53  ARG 53  51  51  ARG ARG A . n 
A 1 54  ILE 54  52  52  ILE ILE A . n 
A 1 55  HIS 55  53  53  HIS HIS A . n 
A 1 56  GLY 56  54  54  GLY GLY A . n 
A 1 57  GLU 57  55  55  GLU GLU A . n 
A 1 58  LEU 58  56  56  LEU LEU A . n 
A 1 59  TYR 59  57  57  TYR TYR A . n 
A 1 60  LEU 60  58  58  LEU LEU A . n 
A 1 61  ALA 61  59  59  ALA ALA A . n 
A 1 62  GLY 62  60  60  GLY GLY A . n 
A 1 63  ILE 63  61  61  ILE ILE A . n 
A 1 64  GLY 64  62  62  GLY GLY A . n 
A 1 65  GLN 65  63  63  GLN GLN A . n 
A 1 66  TYR 66  64  64  TYR TYR A . n 
A 1 67  ALA 67  65  65  ALA ALA A . n 
A 1 68  ALA 68  66  66  ALA ALA A . n 
A 1 69  LEU 69  67  67  LEU LEU A . n 
A 1 70  LEU 70  68  68  LEU LEU A . n 
A 1 71  GLU 71  69  69  GLU GLU A . n 
A 1 72  ALA 72  70  70  ALA ALA A . n 
A 1 73  GLY 73  71  71  GLY GLY A . n 
A 1 74  PHE 74  72  72  PHE PHE A . n 
A 1 75  ALA 75  73  73  ALA ALA A . n 
A 1 76  ARG 76  74  74  ARG ARG A . n 
A 1 77  ALA 77  75  75  ALA ALA A . n 
A 1 78  ARG 78  76  76  ARG ARG A . n 
A 1 79  SER 79  77  77  SER SER A . n 
A 1 80  ALA 80  78  78  ALA ALA A . n 
A 1 81  GLU 81  79  79  GLU GLU A . n 
A 1 82  GLU 82  80  80  GLU GLU A . n 
A 1 83  THR 83  81  81  THR THR A . n 
A 1 84  VAL 84  82  82  VAL VAL A . n 
A 1 85  ARG 85  83  83  ARG ARG A . n 
A 1 86  LEU 86  84  84  LEU LEU A . n 
A 1 87  LEU 87  85  85  LEU LEU A . n 
A 1 88  VAL 88  86  86  VAL VAL A . n 
A 1 89  THR 89  87  87  THR THR A . n 
A 1 90  SER 90  88  88  SER SER A . n 
A 1 91  TYR 91  89  89  TYR TYR A . n 
A 1 92  ILE 92  90  90  ILE ILE A . n 
A 1 93  ASP 93  91  91  ASP ASP A . n 
A 1 94  TRP 94  92  92  TRP TRP A . n 
A 1 95  VAL 95  93  93  VAL VAL A . n 
A 1 96  VAL 96  94  94  VAL VAL A . n 
A 1 97  ALA 97  95  95  ALA ALA A . n 
A 1 98  ASN 98  96  96  ASN ASN A . n 
A 1 99  PRO 99  97  97  PRO PRO A . n 
A 1 100 ASP 100 98  98  ASP ASP A . n 
A 1 101 TRP 101 99  99  TRP TRP A . n 
A 1 102 ALA 102 100 100 ALA ALA A . n 
A 1 103 ARG 103 101 101 ARG ARG A . n 
A 1 104 PHE 104 102 102 PHE PHE A . n 
A 1 105 ILE 105 103 103 ILE ILE A . n 
A 1 106 LEU 106 104 104 LEU LEU A . n 
A 1 107 HIS 107 105 105 HIS HIS A . n 
A 1 108 SER 108 106 106 SER SER A . n 
A 1 109 ARG 109 107 107 ARG ARG A . n 
A 1 110 GLY 110 108 108 GLY GLY A . n 
A 1 111 ARG 111 109 109 ARG ARG A . n 
A 1 112 VAL 112 110 110 VAL VAL A . n 
A 1 113 GLU 113 111 111 GLU GLU A . n 
A 1 114 ALA 114 112 112 ALA ALA A . n 
A 1 115 GLY 115 113 113 GLY GLY A . n 
A 1 116 GLU 116 114 114 GLU GLU A . n 
A 1 117 LEU 117 115 115 LEU LEU A . n 
A 1 118 GLY 118 116 116 GLY GLY A . n 
A 1 119 GLU 119 117 117 GLU GLU A . n 
A 1 120 ARG 120 118 118 ARG ARG A . n 
A 1 121 LEU 121 119 119 LEU LEU A . n 
A 1 122 ARG 122 120 120 ARG ARG A . n 
A 1 123 ALA 123 121 121 ALA ALA A . n 
A 1 124 ASP 124 122 122 ASP ASP A . n 
A 1 125 ASN 125 123 123 ASN ASN A . n 
A 1 126 GLN 126 124 124 GLN GLN A . n 
A 1 127 ALA 127 125 125 ALA ALA A . n 
A 1 128 HIS 128 126 126 HIS HIS A . n 
A 1 129 PHE 129 127 127 PHE PHE A . n 
A 1 130 ALA 130 128 128 ALA ALA A . n 
A 1 131 ARG 131 129 129 ARG ARG A . n 
A 1 132 ILE 132 130 130 ILE ILE A . n 
A 1 133 HIS 133 131 131 HIS HIS A . n 
A 1 134 ALA 134 132 132 ALA ALA A . n 
A 1 135 ALA 135 133 133 ALA ALA A . n 
A 1 136 LEU 136 134 134 LEU LEU A . n 
A 1 137 ALA 137 135 135 ALA ALA A . n 
A 1 138 GLY 138 136 136 GLY GLY A . n 
A 1 139 TYR 139 137 137 TYR TYR A . n 
A 1 140 ARG 140 138 138 ARG ARG A . n 
A 1 141 ALA 141 139 139 ALA ALA A . n 
A 1 142 GLU 142 140 140 GLU GLU A . n 
A 1 143 GLY 143 141 141 GLY GLY A . n 
A 1 144 LEU 144 142 142 LEU LEU A . n 
A 1 145 PHE 145 143 143 PHE PHE A . n 
A 1 146 ARG 146 144 144 ARG ARG A . n 
A 1 147 GLU 147 145 145 GLU GLU A . n 
A 1 148 MSE 148 146 146 MSE MSE A . n 
A 1 149 PRO 149 147 147 PRO PRO A . n 
A 1 150 ASP 150 148 148 ASP ASP A . n 
A 1 151 ASP 151 149 149 ASP ASP A . n 
A 1 152 CYS 152 150 150 CYS CYS A . n 
A 1 153 PHE 153 151 151 PHE PHE A . n 
A 1 154 ALA 154 152 152 ALA ALA A . n 
A 1 155 SER 155 153 153 SER SER A . n 
A 1 156 VAL 156 154 154 VAL VAL A . n 
A 1 157 VAL 157 155 155 VAL VAL A . n 
A 1 158 ILE 158 156 156 ILE ILE A . n 
A 1 159 GLY 159 157 157 GLY GLY A . n 
A 1 160 PRO 160 158 158 PRO PRO A . n 
A 1 161 ALA 161 159 159 ALA ALA A . n 
A 1 162 HIS 162 160 160 HIS HIS A . n 
A 1 163 ASP 163 161 161 ASP ASP A . n 
A 1 164 LEU 164 162 162 LEU LEU A . n 
A 1 165 ALA 165 163 163 ALA ALA A . n 
A 1 166 ARG 166 164 164 ARG ARG A . n 
A 1 167 GLN 167 165 165 GLN GLN A . n 
A 1 168 TRP 168 166 166 TRP TRP A . n 
A 1 169 LEU 169 167 167 LEU LEU A . n 
A 1 170 ALA 170 168 168 ALA ALA A . n 
A 1 171 GLY 171 169 169 GLY GLY A . n 
A 1 172 ARG 172 170 170 ARG ARG A . n 
A 1 173 THR 173 171 171 THR THR A . n 
A 1 174 ARG 174 172 172 ARG ARG A . n 
A 1 175 VAL 175 173 173 VAL VAL A . n 
A 1 176 ALA 176 174 174 ALA ALA A . n 
A 1 177 LEU 177 175 175 LEU LEU A . n 
A 1 178 ALA 178 176 176 ALA ALA A . n 
A 1 179 ASP 179 177 177 ASP ASP A . n 
A 1 180 CYS 180 178 178 CYS CYS A . n 
A 1 181 ARG 181 179 179 ARG ARG A . n 
A 1 182 GLU 182 180 180 GLU GLU A . n 
A 1 183 LEU 183 181 181 LEU LEU A . n 
A 1 184 LEU 184 182 182 LEU LEU A . n 
A 1 185 ALA 185 183 183 ALA ALA A . n 
A 1 186 GLN 186 184 184 GLN GLN A . n 
A 1 187 VAL 187 185 185 VAL VAL A . n 
A 1 188 ALA 188 186 186 ALA ALA A . n 
A 1 189 TRP 189 187 187 TRP TRP A . n 
A 1 190 ASP 190 188 188 ASP ASP A . n 
A 1 191 SER 191 189 189 SER SER A . n 
A 1 192 VAL 192 190 190 VAL VAL A . n 
A 1 193 ARG 193 191 191 ARG ARG A . n 
A 1 194 ALA 194 192 192 ALA ALA A . n 
A 1 195 ALA 195 193 193 ALA ALA A . n 
A 1 196 GLY 196 194 ?   ?   ?   A . n 
A 1 197 SER 197 195 ?   ?   ?   A . n 
# 
loop_
_pdbx_nonpoly_scheme.asym_id 
_pdbx_nonpoly_scheme.entity_id 
_pdbx_nonpoly_scheme.mon_id 
_pdbx_nonpoly_scheme.ndb_seq_num 
_pdbx_nonpoly_scheme.pdb_seq_num 
_pdbx_nonpoly_scheme.auth_seq_num 
_pdbx_nonpoly_scheme.pdb_mon_id 
_pdbx_nonpoly_scheme.auth_mon_id 
_pdbx_nonpoly_scheme.pdb_strand_id 
_pdbx_nonpoly_scheme.pdb_ins_code 
B 2 HOH 1   196 1   HOH HOH A . 
B 2 HOH 2   197 2   HOH HOH A . 
B 2 HOH 3   198 3   HOH HOH A . 
B 2 HOH 4   199 4   HOH HOH A . 
B 2 HOH 5   200 5   HOH HOH A . 
B 2 HOH 6   201 6   HOH HOH A . 
B 2 HOH 7   202 7   HOH HOH A . 
B 2 HOH 8   203 8   HOH HOH A . 
B 2 HOH 9   204 9   HOH HOH A . 
B 2 HOH 10  205 10  HOH HOH A . 
B 2 HOH 11  206 11  HOH HOH A . 
B 2 HOH 12  207 12  HOH HOH A . 
B 2 HOH 13  208 13  HOH HOH A . 
B 2 HOH 14  209 14  HOH HOH A . 
B 2 HOH 15  210 15  HOH HOH A . 
B 2 HOH 16  211 16  HOH HOH A . 
B 2 HOH 17  212 17  HOH HOH A . 
B 2 HOH 18  213 18  HOH HOH A . 
B 2 HOH 19  214 19  HOH HOH A . 
B 2 HOH 20  215 20  HOH HOH A . 
B 2 HOH 21  216 21  HOH HOH A . 
B 2 HOH 22  217 22  HOH HOH A . 
B 2 HOH 23  218 23  HOH HOH A . 
B 2 HOH 24  219 24  HOH HOH A . 
B 2 HOH 25  220 25  HOH HOH A . 
B 2 HOH 26  221 26  HOH HOH A . 
B 2 HOH 27  222 27  HOH HOH A . 
B 2 HOH 28  223 28  HOH HOH A . 
B 2 HOH 29  224 29  HOH HOH A . 
B 2 HOH 30  225 30  HOH HOH A . 
B 2 HOH 31  226 31  HOH HOH A . 
B 2 HOH 32  227 32  HOH HOH A . 
B 2 HOH 33  228 33  HOH HOH A . 
B 2 HOH 34  229 34  HOH HOH A . 
B 2 HOH 35  230 35  HOH HOH A . 
B 2 HOH 36  231 36  HOH HOH A . 
B 2 HOH 37  232 37  HOH HOH A . 
B 2 HOH 38  233 38  HOH HOH A . 
B 2 HOH 39  234 39  HOH HOH A . 
B 2 HOH 40  235 40  HOH HOH A . 
B 2 HOH 41  236 41  HOH HOH A . 
B 2 HOH 42  237 42  HOH HOH A . 
B 2 HOH 43  238 43  HOH HOH A . 
B 2 HOH 44  239 44  HOH HOH A . 
B 2 HOH 45  240 45  HOH HOH A . 
B 2 HOH 46  241 46  HOH HOH A . 
B 2 HOH 47  242 47  HOH HOH A . 
B 2 HOH 48  243 48  HOH HOH A . 
B 2 HOH 49  244 49  HOH HOH A . 
B 2 HOH 50  245 50  HOH HOH A . 
B 2 HOH 51  246 51  HOH HOH A . 
B 2 HOH 52  247 52  HOH HOH A . 
B 2 HOH 53  248 53  HOH HOH A . 
B 2 HOH 54  249 54  HOH HOH A . 
B 2 HOH 55  250 55  HOH HOH A . 
B 2 HOH 56  251 56  HOH HOH A . 
B 2 HOH 57  252 57  HOH HOH A . 
B 2 HOH 58  253 58  HOH HOH A . 
B 2 HOH 59  254 59  HOH HOH A . 
B 2 HOH 60  255 60  HOH HOH A . 
B 2 HOH 61  256 61  HOH HOH A . 
B 2 HOH 62  257 62  HOH HOH A . 
B 2 HOH 63  258 63  HOH HOH A . 
B 2 HOH 64  259 64  HOH HOH A . 
B 2 HOH 65  260 65  HOH HOH A . 
B 2 HOH 66  261 66  HOH HOH A . 
B 2 HOH 67  262 67  HOH HOH A . 
B 2 HOH 68  263 68  HOH HOH A . 
B 2 HOH 69  264 69  HOH HOH A . 
B 2 HOH 70  265 70  HOH HOH A . 
B 2 HOH 71  266 71  HOH HOH A . 
B 2 HOH 72  267 72  HOH HOH A . 
B 2 HOH 73  268 73  HOH HOH A . 
B 2 HOH 74  269 74  HOH HOH A . 
B 2 HOH 75  270 75  HOH HOH A . 
B 2 HOH 76  271 76  HOH HOH A . 
B 2 HOH 77  272 77  HOH HOH A . 
B 2 HOH 78  273 78  HOH HOH A . 
B 2 HOH 79  274 79  HOH HOH A . 
B 2 HOH 80  275 80  HOH HOH A . 
B 2 HOH 81  276 81  HOH HOH A . 
B 2 HOH 82  277 82  HOH HOH A . 
B 2 HOH 83  278 83  HOH HOH A . 
B 2 HOH 84  279 84  HOH HOH A . 
B 2 HOH 85  280 85  HOH HOH A . 
B 2 HOH 86  281 86  HOH HOH A . 
B 2 HOH 87  282 87  HOH HOH A . 
B 2 HOH 88  283 88  HOH HOH A . 
B 2 HOH 89  284 89  HOH HOH A . 
B 2 HOH 90  285 90  HOH HOH A . 
B 2 HOH 91  286 91  HOH HOH A . 
B 2 HOH 92  287 92  HOH HOH A . 
B 2 HOH 93  288 93  HOH HOH A . 
B 2 HOH 94  289 94  HOH HOH A . 
B 2 HOH 95  290 95  HOH HOH A . 
B 2 HOH 96  291 96  HOH HOH A . 
B 2 HOH 97  292 97  HOH HOH A . 
B 2 HOH 98  293 98  HOH HOH A . 
B 2 HOH 99  294 99  HOH HOH A . 
B 2 HOH 100 295 100 HOH HOH A . 
B 2 HOH 101 296 101 HOH HOH A . 
B 2 HOH 102 297 102 HOH HOH A . 
B 2 HOH 103 298 103 HOH HOH A . 
B 2 HOH 104 299 104 HOH HOH A . 
B 2 HOH 105 300 105 HOH HOH A . 
B 2 HOH 106 301 106 HOH HOH A . 
B 2 HOH 107 302 107 HOH HOH A . 
B 2 HOH 108 303 108 HOH HOH A . 
B 2 HOH 109 304 109 HOH HOH A . 
B 2 HOH 110 305 110 HOH HOH A . 
B 2 HOH 111 306 111 HOH HOH A . 
B 2 HOH 112 307 112 HOH HOH A . 
B 2 HOH 113 308 113 HOH HOH A . 
B 2 HOH 114 309 114 HOH HOH A . 
B 2 HOH 115 310 115 HOH HOH A . 
B 2 HOH 116 311 116 HOH HOH A . 
B 2 HOH 117 312 117 HOH HOH A . 
B 2 HOH 118 313 118 HOH HOH A . 
B 2 HOH 119 314 119 HOH HOH A . 
B 2 HOH 120 315 120 HOH HOH A . 
B 2 HOH 121 316 121 HOH HOH A . 
B 2 HOH 122 317 122 HOH HOH A . 
B 2 HOH 123 318 123 HOH HOH A . 
B 2 HOH 124 319 124 HOH HOH A . 
B 2 HOH 125 320 125 HOH HOH A . 
B 2 HOH 126 321 126 HOH HOH A . 
B 2 HOH 127 322 127 HOH HOH A . 
B 2 HOH 128 323 128 HOH HOH A . 
B 2 HOH 129 324 129 HOH HOH A . 
B 2 HOH 130 325 130 HOH HOH A . 
B 2 HOH 131 326 131 HOH HOH A . 
B 2 HOH 132 327 132 HOH HOH A . 
B 2 HOH 133 328 133 HOH HOH A . 
B 2 HOH 134 329 134 HOH HOH A . 
B 2 HOH 135 330 135 HOH HOH A . 
B 2 HOH 136 331 136 HOH HOH A . 
B 2 HOH 137 332 137 HOH HOH A . 
B 2 HOH 138 333 138 HOH HOH A . 
B 2 HOH 139 334 139 HOH HOH A . 
B 2 HOH 140 335 140 HOH HOH A . 
B 2 HOH 141 336 141 HOH HOH A . 
B 2 HOH 142 337 142 HOH HOH A . 
B 2 HOH 143 338 143 HOH HOH A . 
B 2 HOH 144 339 144 HOH HOH A . 
B 2 HOH 145 340 145 HOH HOH A . 
B 2 HOH 146 341 146 HOH HOH A . 
B 2 HOH 147 342 147 HOH HOH A . 
B 2 HOH 148 343 148 HOH HOH A . 
B 2 HOH 149 344 149 HOH HOH A . 
B 2 HOH 150 345 150 HOH HOH A . 
B 2 HOH 151 346 151 HOH HOH A . 
B 2 HOH 152 347 152 HOH HOH A . 
B 2 HOH 153 348 153 HOH HOH A . 
B 2 HOH 154 349 154 HOH HOH A . 
B 2 HOH 155 350 155 HOH HOH A . 
B 2 HOH 156 351 156 HOH HOH A . 
B 2 HOH 157 352 157 HOH HOH A . 
B 2 HOH 158 353 158 HOH HOH A . 
B 2 HOH 159 354 159 HOH HOH A . 
B 2 HOH 160 355 160 HOH HOH A . 
B 2 HOH 161 356 161 HOH HOH A . 
B 2 HOH 162 357 162 HOH HOH A . 
B 2 HOH 163 358 163 HOH HOH A . 
B 2 HOH 164 359 164 HOH HOH A . 
B 2 HOH 165 360 165 HOH HOH A . 
B 2 HOH 166 361 166 HOH HOH A . 
B 2 HOH 167 362 167 HOH HOH A . 
B 2 HOH 168 363 168 HOH HOH A . 
B 2 HOH 169 364 169 HOH HOH A . 
B 2 HOH 170 365 170 HOH HOH A . 
B 2 HOH 171 366 171 HOH HOH A . 
B 2 HOH 172 367 172 HOH HOH A . 
B 2 HOH 173 368 173 HOH HOH A . 
B 2 HOH 174 369 174 HOH HOH A . 
B 2 HOH 175 370 175 HOH HOH A . 
# 
loop_
_software.name 
_software.classification 
_software.version 
_software.citation_id 
_software.pdbx_ordinal 
REFMAC      refinement        5.2.0019 ? 1 
SBC-Collect 'data collection' .        ? 2 
HKL-2000    'data scaling'    .        ? 3 
HKL-3000    phasing           .        ? 4 
SHELXD      phasing           .        ? 5 
MLPHARE     phasing           .        ? 6 
DM          phasing           .        ? 7 
RESOLVE     phasing           .        ? 8 
# 
_cell.entry_id           2GEN 
_cell.length_a           38.335 
_cell.length_b           69.130 
_cell.length_c           176.864 
_cell.angle_alpha        90.00 
_cell.angle_beta         90.00 
_cell.angle_gamma        90.00 
_cell.Z_PDB              8 
_cell.pdbx_unique_axis   ? 
_cell.length_a_esd       ? 
_cell.length_b_esd       ? 
_cell.length_c_esd       ? 
_cell.angle_alpha_esd    ? 
_cell.angle_beta_esd     ? 
_cell.angle_gamma_esd    ? 
# 
_symmetry.entry_id                         2GEN 
_symmetry.space_group_name_H-M             'I 2 2 2' 
_symmetry.pdbx_full_space_group_name_H-M   ? 
_symmetry.cell_setting                     ? 
_symmetry.Int_Tables_number                23 
_symmetry.space_group_name_Hall            ? 
# 
_exptl.entry_id          2GEN 
_exptl.method            'X-RAY DIFFRACTION' 
_exptl.crystals_number   1 
# 
_exptl_crystal.id                    1 
_exptl_crystal.density_meas          ? 
_exptl_crystal.density_Matthews      2.73 
_exptl_crystal.density_percent_sol   54.88 
_exptl_crystal.description           ? 
_exptl_crystal.F_000                 ? 
_exptl_crystal.preparation           ? 
# 
_exptl_crystal_grow.crystal_id      1 
_exptl_crystal_grow.method          'VAPOR DIFFUSION, SITTING DROP' 
_exptl_crystal_grow.temp            298 
_exptl_crystal_grow.temp_details    ? 
_exptl_crystal_grow.pH              4.6 
_exptl_crystal_grow.pdbx_details    
'1.2M di-Ammonium Tartrate, 0.1M NaAcetate, pH 4.6, VAPOR DIFFUSION, SITTING DROP, temperature 298K' 
_exptl_crystal_grow.pdbx_pH_range   . 
# 
_diffrn.id                     1 
_diffrn.ambient_temp           100 
_diffrn.ambient_temp_details   ? 
_diffrn.crystal_id             1 
# 
_diffrn_detector.diffrn_id              1 
_diffrn_detector.detector               CCD 
_diffrn_detector.type                   'ADSC QUANTUM 315' 
_diffrn_detector.pdbx_collection_date   2006-03-07 
_diffrn_detector.details                mirrors 
# 
_diffrn_radiation.diffrn_id                        1 
_diffrn_radiation.wavelength_id                    1 
_diffrn_radiation.pdbx_monochromatic_or_laue_m_l   M 
_diffrn_radiation.monochromator                    'Si 111 channel' 
_diffrn_radiation.pdbx_diffrn_protocol             SAD 
_diffrn_radiation.pdbx_scattering_type             x-ray 
# 
_diffrn_radiation_wavelength.id           1 
_diffrn_radiation_wavelength.wavelength   0.97929 
_diffrn_radiation_wavelength.wt           1.0 
# 
_diffrn_source.diffrn_id                   1 
_diffrn_source.source                      SYNCHROTRON 
_diffrn_source.type                        'APS BEAMLINE 19-ID' 
_diffrn_source.pdbx_synchrotron_site       APS 
_diffrn_source.pdbx_synchrotron_beamline   19-ID 
_diffrn_source.pdbx_wavelength             ? 
_diffrn_source.pdbx_wavelength_list        0.97929 
# 
_reflns.entry_id                     2GEN 
_reflns.observed_criterion_sigma_I   1 
_reflns.observed_criterion_sigma_F   1 
_reflns.d_resolution_low             18.03 
_reflns.d_resolution_high            1.7 
_reflns.number_obs                   26275 
_reflns.number_all                   26394 
_reflns.percent_possible_obs         99.9 
_reflns.pdbx_Rmerge_I_obs            0.071 
_reflns.pdbx_Rsym_value              ? 
_reflns.pdbx_netI_over_sigmaI        43.6 
_reflns.B_iso_Wilson_estimate        27.52 
_reflns.pdbx_redundancy              9.2 
_reflns.R_free_details               ? 
_reflns.limit_h_max                  ? 
_reflns.limit_h_min                  ? 
_reflns.limit_k_max                  ? 
_reflns.limit_k_min                  ? 
_reflns.limit_l_max                  ? 
_reflns.limit_l_min                  ? 
_reflns.observed_criterion_F_max     ? 
_reflns.observed_criterion_F_min     ? 
_reflns.pdbx_chi_squared             ? 
_reflns.pdbx_scaling_rejects         ? 
_reflns.pdbx_diffrn_id               1 
_reflns.pdbx_ordinal                 1 
# 
_reflns_shell.d_res_high             1.7 
_reflns_shell.d_res_low              1.76 
_reflns_shell.percent_possible_all   99.6 
_reflns_shell.Rmerge_I_obs           0.717 
_reflns_shell.pdbx_Rsym_value        ? 
_reflns_shell.meanI_over_sigI_obs    2.45 
_reflns_shell.pdbx_redundancy        8.0 
_reflns_shell.percent_possible_obs   ? 
_reflns_shell.number_unique_all      2588 
_reflns_shell.number_measured_all    ? 
_reflns_shell.number_measured_obs    ? 
_reflns_shell.number_unique_obs      ? 
_reflns_shell.pdbx_chi_squared       ? 
_reflns_shell.pdbx_diffrn_id         ? 
_reflns_shell.pdbx_ordinal           1 
# 
_refine.entry_id                                 2GEN 
_refine.ls_number_reflns_obs                     24914 
_refine.ls_number_reflns_all                     24914 
_refine.pdbx_ls_sigma_I                          ? 
_refine.pdbx_ls_sigma_F                          0.0 
_refine.pdbx_data_cutoff_high_absF               ? 
_refine.pdbx_data_cutoff_low_absF                ? 
_refine.pdbx_data_cutoff_high_rms_absF           ? 
_refine.ls_d_res_low                             18.03 
_refine.ls_d_res_high                            1.70 
_refine.ls_percent_reflns_obs                    99.61 
_refine.ls_R_factor_obs                          0.21164 
_refine.ls_R_factor_all                          0.21164 
_refine.ls_R_factor_R_work                       0.20967 
_refine.ls_R_factor_R_free                       0.24842 
_refine.ls_R_factor_R_free_error                 ? 
_refine.ls_R_factor_R_free_error_details         ? 
_refine.ls_percent_reflns_R_free                 5.1 
_refine.ls_number_reflns_R_free                  1333 
_refine.ls_number_parameters                     ? 
_refine.ls_number_restraints                     ? 
_refine.occupancy_min                            ? 
_refine.occupancy_max                            ? 
_refine.correlation_coeff_Fo_to_Fc               0.951 
_refine.correlation_coeff_Fo_to_Fc_free          0.933 
_refine.B_iso_mean                               30.167 
_refine.aniso_B[1][1]                            0.01 
_refine.aniso_B[2][2]                            0.00 
_refine.aniso_B[3][3]                            -0.01 
_refine.aniso_B[1][2]                            0.00 
_refine.aniso_B[1][3]                            0.00 
_refine.aniso_B[2][3]                            0.00 
_refine.solvent_model_details                    MASK 
_refine.solvent_model_param_ksol                 ? 
_refine.solvent_model_param_bsol                 ? 
_refine.pdbx_solvent_vdw_probe_radii             1.20 
_refine.pdbx_solvent_ion_probe_radii             0.80 
_refine.pdbx_solvent_shrinkage_radii             0.80 
_refine.pdbx_ls_cross_valid_method               THROUGHOUT 
_refine.details                                  'HYDROGENS HAVE BEEN ADDED IN THE RIDING POSITIONS' 
_refine.pdbx_starting_model                      ? 
_refine.pdbx_method_to_determine_struct          SAD 
_refine.pdbx_isotropic_thermal_model             ? 
_refine.pdbx_stereochemistry_target_values       'MAXIMUM LIKELIHOOD' 
_refine.pdbx_stereochem_target_val_spec_case     ? 
_refine.pdbx_R_Free_selection_details            RANDOM 
_refine.pdbx_overall_ESU_R                       0.109 
_refine.pdbx_overall_ESU_R_Free                  0.111 
_refine.overall_SU_ML                            0.069 
_refine.overall_SU_B                             2.038 
_refine.ls_redundancy_reflns_obs                 ? 
_refine.B_iso_min                                ? 
_refine.B_iso_max                                ? 
_refine.overall_SU_R_Cruickshank_DPI             ? 
_refine.overall_SU_R_free                        ? 
_refine.ls_wR_factor_R_free                      ? 
_refine.ls_wR_factor_R_work                      ? 
_refine.overall_FOM_free_R_set                   ? 
_refine.overall_FOM_work_R_set                   ? 
_refine.pdbx_refine_id                           'X-RAY DIFFRACTION' 
_refine.pdbx_diffrn_id                           1 
_refine.pdbx_TLS_residual_ADP_flag               ? 
_refine.pdbx_overall_phase_error                 ? 
_refine.pdbx_overall_SU_R_free_Cruickshank_DPI   ? 
_refine.pdbx_overall_SU_R_Blow_DPI               ? 
_refine.pdbx_overall_SU_R_free_Blow_DPI          ? 
# 
_refine_hist.pdbx_refine_id                   'X-RAY DIFFRACTION' 
_refine_hist.cycle_id                         LAST 
_refine_hist.pdbx_number_atoms_protein        1467 
_refine_hist.pdbx_number_atoms_nucleic_acid   0 
_refine_hist.pdbx_number_atoms_ligand         0 
_refine_hist.number_atoms_solvent             175 
_refine_hist.number_atoms_total               1642 
_refine_hist.d_res_high                       1.70 
_refine_hist.d_res_low                        18.03 
# 
loop_
_refine_ls_restr.type 
_refine_ls_restr.dev_ideal 
_refine_ls_restr.dev_ideal_target 
_refine_ls_restr.weight 
_refine_ls_restr.number 
_refine_ls_restr.pdbx_refine_id 
_refine_ls_restr.pdbx_restraint_function 
r_bond_refined_d         0.016  0.021  ? 1497 'X-RAY DIFFRACTION' ? 
r_angle_refined_deg      1.424  1.927  ? 2025 'X-RAY DIFFRACTION' ? 
r_dihedral_angle_1_deg   4.281  5.000  ? 187  'X-RAY DIFFRACTION' ? 
r_dihedral_angle_2_deg   31.692 21.688 ? 77   'X-RAY DIFFRACTION' ? 
r_dihedral_angle_3_deg   15.612 15.000 ? 236  'X-RAY DIFFRACTION' ? 
r_dihedral_angle_4_deg   13.027 15.000 ? 20   'X-RAY DIFFRACTION' ? 
r_chiral_restr           0.134  0.200  ? 218  'X-RAY DIFFRACTION' ? 
r_gen_planes_refined     0.007  0.020  ? 1169 'X-RAY DIFFRACTION' ? 
r_nbd_refined            0.211  0.200  ? 706  'X-RAY DIFFRACTION' ? 
r_nbtor_refined          0.304  0.200  ? 1051 'X-RAY DIFFRACTION' ? 
r_xyhbond_nbd_refined    0.125  0.200  ? 118  'X-RAY DIFFRACTION' ? 
r_symmetry_vdw_refined   0.311  0.200  ? 53   'X-RAY DIFFRACTION' ? 
r_symmetry_hbond_refined 0.188  0.200  ? 16   'X-RAY DIFFRACTION' ? 
r_mcbond_it              1.089  1.500  ? 954  'X-RAY DIFFRACTION' ? 
r_mcangle_it             1.684  2.000  ? 1459 'X-RAY DIFFRACTION' ? 
r_scbond_it              2.711  3.000  ? 621  'X-RAY DIFFRACTION' ? 
r_scangle_it             3.888  4.500  ? 566  'X-RAY DIFFRACTION' ? 
# 
_refine_ls_shell.pdbx_total_number_of_bins_used   20 
_refine_ls_shell.d_res_high                       1.702 
_refine_ls_shell.d_res_low                        1.746 
_refine_ls_shell.number_reflns_R_work             1808 
_refine_ls_shell.R_factor_R_work                  0.285 
_refine_ls_shell.percent_reflns_obs               99.47 
_refine_ls_shell.R_factor_R_free                  0.286 
_refine_ls_shell.R_factor_R_free_error            ? 
_refine_ls_shell.percent_reflns_R_free            ? 
_refine_ls_shell.number_reflns_R_free             84 
_refine_ls_shell.number_reflns_all                ? 
_refine_ls_shell.R_factor_all                     ? 
_refine_ls_shell.number_reflns_obs                ? 
_refine_ls_shell.redundancy_reflns_obs            ? 
_refine_ls_shell.pdbx_refine_id                   'X-RAY DIFFRACTION' 
# 
_struct.entry_id                  2GEN 
_struct.title                     
'Structural Genomics, the crystal structure of a probable transcriptional regulator from Pseudomonas aeruginosa PAO1' 
_struct.pdbx_model_details        ? 
_struct.pdbx_CASP_flag            ? 
_struct.pdbx_model_type_details   ? 
# 
_struct_keywords.entry_id        2GEN 
_struct_keywords.pdbx_keywords   TRANSCRIPTION 
_struct_keywords.text            
;APC6095, Pseudomonas aeruginosa PA01, TetR family, Structural Genomics, PSI, Protein Structure Initiative, Midwest Center for Structural Genomics, MCSG, TRANSCRIPTION
;
# 
loop_
_struct_asym.id 
_struct_asym.pdbx_blank_PDB_chainid_flag 
_struct_asym.pdbx_modified 
_struct_asym.entity_id 
_struct_asym.details 
A N N 1 ? 
B N N 2 ? 
# 
_struct_ref.id                         1 
_struct_ref.db_name                    UNP 
_struct_ref.db_code                    Q9I2Q9_PSEAE 
_struct_ref.pdbx_db_accession          Q9I2Q9 
_struct_ref.entity_id                  1 
_struct_ref.pdbx_align_begin           1 
_struct_ref.pdbx_db_isoform            ? 
_struct_ref.pdbx_seq_one_letter_code   ? 
# 
_struct_ref_seq.align_id                      1 
_struct_ref_seq.ref_id                        1 
_struct_ref_seq.pdbx_PDB_id_code              2GEN 
_struct_ref_seq.pdbx_strand_id                A 
_struct_ref_seq.seq_align_beg                 3 
_struct_ref_seq.pdbx_seq_align_beg_ins_code   ? 
_struct_ref_seq.seq_align_end                 195 
_struct_ref_seq.pdbx_seq_align_end_ins_code   ? 
_struct_ref_seq.pdbx_db_accession             Q9I2Q9 
_struct_ref_seq.db_align_beg                  1 
_struct_ref_seq.pdbx_db_align_beg_ins_code    ? 
_struct_ref_seq.db_align_end                  193 
_struct_ref_seq.pdbx_db_align_end_ins_code    ? 
_struct_ref_seq.pdbx_auth_seq_align_beg       1 
_struct_ref_seq.pdbx_auth_seq_align_end       193 
# 
loop_
_struct_ref_seq_dif.align_id 
_struct_ref_seq_dif.pdbx_pdb_id_code 
_struct_ref_seq_dif.mon_id 
_struct_ref_seq_dif.pdbx_pdb_strand_id 
_struct_ref_seq_dif.seq_num 
_struct_ref_seq_dif.pdbx_pdb_ins_code 
_struct_ref_seq_dif.pdbx_seq_db_name 
_struct_ref_seq_dif.pdbx_seq_db_accession_code 
_struct_ref_seq_dif.db_mon_id 
_struct_ref_seq_dif.pdbx_seq_db_seq_num 
_struct_ref_seq_dif.details 
_struct_ref_seq_dif.pdbx_auth_seq_num 
_struct_ref_seq_dif.pdbx_ordinal 
1 2GEN MSE A 3   ? UNP Q9I2Q9 MET 1   'modified residue' 1   1 
1 2GEN MSE A 32  ? UNP Q9I2Q9 MET 30  'modified residue' 30  2 
1 2GEN MSE A 148 ? UNP Q9I2Q9 MET 146 'modified residue' 146 3 
1 2GEN GLY A 1   ? UNP Q9I2Q9 ?   ?   'cloning artifact' -1  4 
1 2GEN HIS A 2   ? UNP Q9I2Q9 ?   ?   'cloning artifact' 0   5 
1 2GEN GLY A 196 ? UNP Q9I2Q9 ?   ?   'cloning artifact' 194 6 
1 2GEN SER A 197 ? UNP Q9I2Q9 ?   ?   'cloning artifact' 195 7 
# 
_pdbx_struct_assembly.id                   1 
_pdbx_struct_assembly.details              author_defined_assembly 
_pdbx_struct_assembly.method_details       ? 
_pdbx_struct_assembly.oligomeric_details   dimeric 
_pdbx_struct_assembly.oligomeric_count     2 
# 
_pdbx_struct_assembly_gen.assembly_id       1 
_pdbx_struct_assembly_gen.oper_expression   1,2 
_pdbx_struct_assembly_gen.asym_id_list      A,B 
# 
loop_
_pdbx_struct_oper_list.id 
_pdbx_struct_oper_list.type 
_pdbx_struct_oper_list.name 
_pdbx_struct_oper_list.symmetry_operation 
_pdbx_struct_oper_list.matrix[1][1] 
_pdbx_struct_oper_list.matrix[1][2] 
_pdbx_struct_oper_list.matrix[1][3] 
_pdbx_struct_oper_list.vector[1] 
_pdbx_struct_oper_list.matrix[2][1] 
_pdbx_struct_oper_list.matrix[2][2] 
_pdbx_struct_oper_list.matrix[2][3] 
_pdbx_struct_oper_list.vector[2] 
_pdbx_struct_oper_list.matrix[3][1] 
_pdbx_struct_oper_list.matrix[3][2] 
_pdbx_struct_oper_list.matrix[3][3] 
_pdbx_struct_oper_list.vector[3] 
1 'identity operation'         1_555 x,y,z     1.0000000000  0.0000000000  0.0000000000 0.0000000000  0.0000000000  1.0000000000  0.0000000000  0.0000000000  0.0000000000 0.0000000000  1.0000000000  0.0000000000 
2 'crystal symmetry operation' 2_655 -x+1,-y,z -0.8164459386 -0.3968971053 0.4193908882 19.3023484403 -0.3968971053 -0.1417933712 -0.9068447098 14.7581942273 0.4193908882 -0.9068447098 -0.0417606902 5.5186228025 
# 
_struct_biol.id                    1 
_struct_biol.details               
;The biological assembly is a dimer.  In the crystal structure, there is one monomer in one asymmetric unit.  The other pairing monomer can be generated by a symmetry operation of (-X+1,-Y,Z).
;
_struct_biol.pdbx_parent_biol_id   ? 
# 
loop_
_struct_conf.conf_type_id 
_struct_conf.id 
_struct_conf.pdbx_PDB_helix_id 
_struct_conf.beg_label_comp_id 
_struct_conf.beg_label_asym_id 
_struct_conf.beg_label_seq_id 
_struct_conf.pdbx_beg_PDB_ins_code 
_struct_conf.end_label_comp_id 
_struct_conf.end_label_asym_id 
_struct_conf.end_label_seq_id 
_struct_conf.pdbx_end_PDB_ins_code 
_struct_conf.beg_auth_comp_id 
_struct_conf.beg_auth_asym_id 
_struct_conf.beg_auth_seq_id 
_struct_conf.end_auth_comp_id 
_struct_conf.end_auth_asym_id 
_struct_conf.end_auth_seq_id 
_struct_conf.pdbx_PDB_helix_class 
_struct_conf.details 
_struct_conf.pdbx_PDB_helix_length 
HELX_P HELX_P1  1  ARG A 8   ? GLY A 24  ? ARG A 6   GLY A 22  1 ? 17 
HELX_P HELX_P2  2  THR A 29  ? GLY A 38  ? THR A 27  GLY A 36  1 ? 10 
HELX_P HELX_P3  3  SER A 40  ? PHE A 48  ? SER A 38  PHE A 46  1 ? 9  
HELX_P HELX_P4  4  ASN A 50  ? ALA A 77  ? ASN A 48  ALA A 75  1 ? 28 
HELX_P HELX_P5  5  SER A 79  ? ASN A 98  ? SER A 77  ASN A 96  1 ? 20 
HELX_P HELX_P6  6  ASN A 98  ? GLY A 115 ? ASN A 96  GLY A 113 1 ? 18 
HELX_P HELX_P7  7  LEU A 117 ? GLU A 142 ? LEU A 115 GLU A 140 1 ? 26 
HELX_P HELX_P8  8  PRO A 149 ? ALA A 170 ? PRO A 147 ALA A 168 1 ? 22 
HELX_P HELX_P9  9  ALA A 176 ? ASP A 179 ? ALA A 174 ASP A 177 5 ? 4  
HELX_P HELX_P10 10 CYS A 180 ? ARG A 193 ? CYS A 178 ARG A 191 1 ? 14 
# 
_struct_conf_type.id          HELX_P 
_struct_conf_type.criteria    ? 
_struct_conf_type.reference   ? 
# 
loop_
_struct_conn.id 
_struct_conn.conn_type_id 
_struct_conn.pdbx_leaving_atom_flag 
_struct_conn.pdbx_PDB_id 
_struct_conn.ptnr1_label_asym_id 
_struct_conn.ptnr1_label_comp_id 
_struct_conn.ptnr1_label_seq_id 
_struct_conn.ptnr1_label_atom_id 
_struct_conn.pdbx_ptnr1_label_alt_id 
_struct_conn.pdbx_ptnr1_PDB_ins_code 
_struct_conn.pdbx_ptnr1_standard_comp_id 
_struct_conn.ptnr1_symmetry 
_struct_conn.ptnr2_label_asym_id 
_struct_conn.ptnr2_label_comp_id 
_struct_conn.ptnr2_label_seq_id 
_struct_conn.ptnr2_label_atom_id 
_struct_conn.pdbx_ptnr2_label_alt_id 
_struct_conn.pdbx_ptnr2_PDB_ins_code 
_struct_conn.ptnr1_auth_asym_id 
_struct_conn.ptnr1_auth_comp_id 
_struct_conn.ptnr1_auth_seq_id 
_struct_conn.ptnr2_auth_asym_id 
_struct_conn.ptnr2_auth_comp_id 
_struct_conn.ptnr2_auth_seq_id 
_struct_conn.ptnr2_symmetry 
_struct_conn.pdbx_ptnr3_label_atom_id 
_struct_conn.pdbx_ptnr3_label_seq_id 
_struct_conn.pdbx_ptnr3_label_comp_id 
_struct_conn.pdbx_ptnr3_label_asym_id 
_struct_conn.pdbx_ptnr3_label_alt_id 
_struct_conn.pdbx_ptnr3_PDB_ins_code 
_struct_conn.details 
_struct_conn.pdbx_dist_value 
_struct_conn.pdbx_value_order 
_struct_conn.pdbx_role 
covale1 covale both ? A GLU 31  C ? ? ? 1_555 A MSE 32  N ? ? A GLU 29  A MSE 30  1_555 ? ? ? ? ? ? ? 1.331 ? ? 
covale2 covale both ? A MSE 32  C ? ? ? 1_555 A ILE 33  N ? ? A MSE 30  A ILE 31  1_555 ? ? ? ? ? ? ? 1.332 ? ? 
covale3 covale both ? A GLU 147 C ? ? ? 1_555 A MSE 148 N ? ? A GLU 145 A MSE 146 1_555 ? ? ? ? ? ? ? 1.325 ? ? 
covale4 covale both ? A MSE 148 C ? ? ? 1_555 A PRO 149 N ? ? A MSE 146 A PRO 147 1_555 ? ? ? ? ? ? ? 1.344 ? ? 
# 
_struct_conn_type.id          covale 
_struct_conn_type.criteria    ? 
_struct_conn_type.reference   ? 
# 
loop_
_pdbx_modification_feature.ordinal 
_pdbx_modification_feature.label_comp_id 
_pdbx_modification_feature.label_asym_id 
_pdbx_modification_feature.label_seq_id 
_pdbx_modification_feature.label_alt_id 
_pdbx_modification_feature.modified_residue_label_comp_id 
_pdbx_modification_feature.modified_residue_label_asym_id 
_pdbx_modification_feature.modified_residue_label_seq_id 
_pdbx_modification_feature.modified_residue_label_alt_id 
_pdbx_modification_feature.auth_comp_id 
_pdbx_modification_feature.auth_asym_id 
_pdbx_modification_feature.auth_seq_id 
_pdbx_modification_feature.PDB_ins_code 
_pdbx_modification_feature.symmetry 
_pdbx_modification_feature.modified_residue_auth_comp_id 
_pdbx_modification_feature.modified_residue_auth_asym_id 
_pdbx_modification_feature.modified_residue_auth_seq_id 
_pdbx_modification_feature.modified_residue_PDB_ins_code 
_pdbx_modification_feature.modified_residue_symmetry 
_pdbx_modification_feature.comp_id_linking_atom 
_pdbx_modification_feature.modified_residue_id_linking_atom 
_pdbx_modification_feature.modified_residue_id 
_pdbx_modification_feature.ref_pcm_id 
_pdbx_modification_feature.ref_comp_id 
_pdbx_modification_feature.type 
_pdbx_modification_feature.category 
1 MSE A 32  ? . . . . MSE A 30  ? 1_555 . . . . . . . MET 1 MSE Selenomethionine 'Named protein modification' 
2 MSE A 148 ? . . . . MSE A 146 ? 1_555 . . . . . . . MET 1 MSE Selenomethionine 'Named protein modification' 
# 
_pdbx_entry_details.entry_id                   2GEN 
_pdbx_entry_details.compound_details           ? 
_pdbx_entry_details.source_details             ? 
_pdbx_entry_details.nonpolymer_details         ? 
_pdbx_entry_details.sequence_details           ? 
_pdbx_entry_details.has_ligand_of_interest     ? 
_pdbx_entry_details.has_protein_modification   Y 
# 
_pdbx_validate_close_contact.id               1 
_pdbx_validate_close_contact.PDB_model_num    1 
_pdbx_validate_close_contact.auth_atom_id_1   O 
_pdbx_validate_close_contact.auth_asym_id_1   A 
_pdbx_validate_close_contact.auth_comp_id_1   HOH 
_pdbx_validate_close_contact.auth_seq_id_1    270 
_pdbx_validate_close_contact.PDB_ins_code_1   ? 
_pdbx_validate_close_contact.label_alt_id_1   ? 
_pdbx_validate_close_contact.auth_atom_id_2   O 
_pdbx_validate_close_contact.auth_asym_id_2   A 
_pdbx_validate_close_contact.auth_comp_id_2   HOH 
_pdbx_validate_close_contact.auth_seq_id_2    365 
_pdbx_validate_close_contact.PDB_ins_code_2   ? 
_pdbx_validate_close_contact.label_alt_id_2   ? 
_pdbx_validate_close_contact.dist             2.08 
# 
_pdbx_validate_symm_contact.id                1 
_pdbx_validate_symm_contact.PDB_model_num     1 
_pdbx_validate_symm_contact.auth_atom_id_1    O 
_pdbx_validate_symm_contact.auth_asym_id_1    A 
_pdbx_validate_symm_contact.auth_comp_id_1    ARG 
_pdbx_validate_symm_contact.auth_seq_id_1     172 
_pdbx_validate_symm_contact.PDB_ins_code_1    ? 
_pdbx_validate_symm_contact.label_alt_id_1    ? 
_pdbx_validate_symm_contact.site_symmetry_1   1_555 
_pdbx_validate_symm_contact.auth_atom_id_2    O 
_pdbx_validate_symm_contact.auth_asym_id_2    A 
_pdbx_validate_symm_contact.auth_comp_id_2    ARG 
_pdbx_validate_symm_contact.auth_seq_id_2     172 
_pdbx_validate_symm_contact.PDB_ins_code_2    ? 
_pdbx_validate_symm_contact.label_alt_id_2    ? 
_pdbx_validate_symm_contact.site_symmetry_2   2_755 
_pdbx_validate_symm_contact.dist              2.11 
# 
_pdbx_validate_torsion.id              1 
_pdbx_validate_torsion.PDB_model_num   1 
_pdbx_validate_torsion.auth_comp_id    PHE 
_pdbx_validate_torsion.auth_asym_id    A 
_pdbx_validate_torsion.auth_seq_id     46 
_pdbx_validate_torsion.PDB_ins_code    ? 
_pdbx_validate_torsion.label_alt_id    ? 
_pdbx_validate_torsion.phi             -125.55 
_pdbx_validate_torsion.psi             -76.79 
# 
_pdbx_SG_project.id                    1 
_pdbx_SG_project.project_name          'PSI, Protein Structure Initiative' 
_pdbx_SG_project.full_name_of_center   'Midwest Center for Structural Genomics' 
_pdbx_SG_project.initial_of_center     MCSG 
# 
loop_
_pdbx_struct_mod_residue.id 
_pdbx_struct_mod_residue.label_asym_id 
_pdbx_struct_mod_residue.label_comp_id 
_pdbx_struct_mod_residue.label_seq_id 
_pdbx_struct_mod_residue.auth_asym_id 
_pdbx_struct_mod_residue.auth_comp_id 
_pdbx_struct_mod_residue.auth_seq_id 
_pdbx_struct_mod_residue.PDB_ins_code 
_pdbx_struct_mod_residue.parent_comp_id 
_pdbx_struct_mod_residue.details 
1 A MSE 32  A MSE 30  ? MET SELENOMETHIONINE 
2 A MSE 148 A MSE 146 ? MET SELENOMETHIONINE 
# 
loop_
_pdbx_struct_special_symmetry.id 
_pdbx_struct_special_symmetry.PDB_model_num 
_pdbx_struct_special_symmetry.auth_asym_id 
_pdbx_struct_special_symmetry.auth_comp_id 
_pdbx_struct_special_symmetry.auth_seq_id 
_pdbx_struct_special_symmetry.PDB_ins_code 
_pdbx_struct_special_symmetry.label_asym_id 
_pdbx_struct_special_symmetry.label_comp_id 
_pdbx_struct_special_symmetry.label_seq_id 
1 1 A HOH 196 ? B HOH . 
2 1 A HOH 305 ? B HOH . 
# 
_pdbx_database_remark.id     300 
_pdbx_database_remark.text   
;BIOMOLECULE: 1
THIS ENTRY CONTAINS THE CRYSTALLOGRAPHIC ASYMMETRIC UNIT 
WHICH CONSISTS OF 1 CHAIN. THE MOLECULE CAN EXIST IN BOTH 
MONOMERIC AND DIMERIC FORMS. SEE REMARK 350 FOR 
INFORMATION ON GENERATING THE DIMERIC FORM.
;
# 
loop_
_pdbx_unobs_or_zero_occ_residues.id 
_pdbx_unobs_or_zero_occ_residues.PDB_model_num 
_pdbx_unobs_or_zero_occ_residues.polymer_flag 
_pdbx_unobs_or_zero_occ_residues.occupancy_flag 
_pdbx_unobs_or_zero_occ_residues.auth_asym_id 
_pdbx_unobs_or_zero_occ_residues.auth_comp_id 
_pdbx_unobs_or_zero_occ_residues.auth_seq_id 
_pdbx_unobs_or_zero_occ_residues.PDB_ins_code 
_pdbx_unobs_or_zero_occ_residues.label_asym_id 
_pdbx_unobs_or_zero_occ_residues.label_comp_id 
_pdbx_unobs_or_zero_occ_residues.label_seq_id 
1 1 Y 1 A GLY -1  ? A GLY 1   
2 1 Y 1 A HIS 0   ? A HIS 2   
3 1 Y 1 A MSE 1   ? A MSE 3   
4 1 Y 1 A GLY 2   ? A GLY 4   
5 1 Y 1 A ARG 3   ? A ARG 5   
6 1 Y 1 A SER 4   ? A SER 6   
7 1 Y 1 A SER 5   ? A SER 7   
8 1 Y 1 A GLY 194 ? A GLY 196 
9 1 Y 1 A SER 195 ? A SER 197 
# 
loop_
_chem_comp_atom.comp_id 
_chem_comp_atom.atom_id 
_chem_comp_atom.type_symbol 
_chem_comp_atom.pdbx_aromatic_flag 
_chem_comp_atom.pdbx_stereo_config 
_chem_comp_atom.pdbx_ordinal 
ALA N    N  N N 1   
ALA CA   C  N S 2   
ALA C    C  N N 3   
ALA O    O  N N 4   
ALA CB   C  N N 5   
ALA OXT  O  N N 6   
ALA H    H  N N 7   
ALA H2   H  N N 8   
ALA HA   H  N N 9   
ALA HB1  H  N N 10  
ALA HB2  H  N N 11  
ALA HB3  H  N N 12  
ALA HXT  H  N N 13  
ARG N    N  N N 14  
ARG CA   C  N S 15  
ARG C    C  N N 16  
ARG O    O  N N 17  
ARG CB   C  N N 18  
ARG CG   C  N N 19  
ARG CD   C  N N 20  
ARG NE   N  N N 21  
ARG CZ   C  N N 22  
ARG NH1  N  N N 23  
ARG NH2  N  N N 24  
ARG OXT  O  N N 25  
ARG H    H  N N 26  
ARG H2   H  N N 27  
ARG HA   H  N N 28  
ARG HB2  H  N N 29  
ARG HB3  H  N N 30  
ARG HG2  H  N N 31  
ARG HG3  H  N N 32  
ARG HD2  H  N N 33  
ARG HD3  H  N N 34  
ARG HE   H  N N 35  
ARG HH11 H  N N 36  
ARG HH12 H  N N 37  
ARG HH21 H  N N 38  
ARG HH22 H  N N 39  
ARG HXT  H  N N 40  
ASN N    N  N N 41  
ASN CA   C  N S 42  
ASN C    C  N N 43  
ASN O    O  N N 44  
ASN CB   C  N N 45  
ASN CG   C  N N 46  
ASN OD1  O  N N 47  
ASN ND2  N  N N 48  
ASN OXT  O  N N 49  
ASN H    H  N N 50  
ASN H2   H  N N 51  
ASN HA   H  N N 52  
ASN HB2  H  N N 53  
ASN HB3  H  N N 54  
ASN HD21 H  N N 55  
ASN HD22 H  N N 56  
ASN HXT  H  N N 57  
ASP N    N  N N 58  
ASP CA   C  N S 59  
ASP C    C  N N 60  
ASP O    O  N N 61  
ASP CB   C  N N 62  
ASP CG   C  N N 63  
ASP OD1  O  N N 64  
ASP OD2  O  N N 65  
ASP OXT  O  N N 66  
ASP H    H  N N 67  
ASP H2   H  N N 68  
ASP HA   H  N N 69  
ASP HB2  H  N N 70  
ASP HB3  H  N N 71  
ASP HD2  H  N N 72  
ASP HXT  H  N N 73  
CYS N    N  N N 74  
CYS CA   C  N R 75  
CYS C    C  N N 76  
CYS O    O  N N 77  
CYS CB   C  N N 78  
CYS SG   S  N N 79  
CYS OXT  O  N N 80  
CYS H    H  N N 81  
CYS H2   H  N N 82  
CYS HA   H  N N 83  
CYS HB2  H  N N 84  
CYS HB3  H  N N 85  
CYS HG   H  N N 86  
CYS HXT  H  N N 87  
GLN N    N  N N 88  
GLN CA   C  N S 89  
GLN C    C  N N 90  
GLN O    O  N N 91  
GLN CB   C  N N 92  
GLN CG   C  N N 93  
GLN CD   C  N N 94  
GLN OE1  O  N N 95  
GLN NE2  N  N N 96  
GLN OXT  O  N N 97  
GLN H    H  N N 98  
GLN H2   H  N N 99  
GLN HA   H  N N 100 
GLN HB2  H  N N 101 
GLN HB3  H  N N 102 
GLN HG2  H  N N 103 
GLN HG3  H  N N 104 
GLN HE21 H  N N 105 
GLN HE22 H  N N 106 
GLN HXT  H  N N 107 
GLU N    N  N N 108 
GLU CA   C  N S 109 
GLU C    C  N N 110 
GLU O    O  N N 111 
GLU CB   C  N N 112 
GLU CG   C  N N 113 
GLU CD   C  N N 114 
GLU OE1  O  N N 115 
GLU OE2  O  N N 116 
GLU OXT  O  N N 117 
GLU H    H  N N 118 
GLU H2   H  N N 119 
GLU HA   H  N N 120 
GLU HB2  H  N N 121 
GLU HB3  H  N N 122 
GLU HG2  H  N N 123 
GLU HG3  H  N N 124 
GLU HE2  H  N N 125 
GLU HXT  H  N N 126 
GLY N    N  N N 127 
GLY CA   C  N N 128 
GLY C    C  N N 129 
GLY O    O  N N 130 
GLY OXT  O  N N 131 
GLY H    H  N N 132 
GLY H2   H  N N 133 
GLY HA2  H  N N 134 
GLY HA3  H  N N 135 
GLY HXT  H  N N 136 
HIS N    N  N N 137 
HIS CA   C  N S 138 
HIS C    C  N N 139 
HIS O    O  N N 140 
HIS CB   C  N N 141 
HIS CG   C  Y N 142 
HIS ND1  N  Y N 143 
HIS CD2  C  Y N 144 
HIS CE1  C  Y N 145 
HIS NE2  N  Y N 146 
HIS OXT  O  N N 147 
HIS H    H  N N 148 
HIS H2   H  N N 149 
HIS HA   H  N N 150 
HIS HB2  H  N N 151 
HIS HB3  H  N N 152 
HIS HD1  H  N N 153 
HIS HD2  H  N N 154 
HIS HE1  H  N N 155 
HIS HE2  H  N N 156 
HIS HXT  H  N N 157 
HOH O    O  N N 158 
HOH H1   H  N N 159 
HOH H2   H  N N 160 
ILE N    N  N N 161 
ILE CA   C  N S 162 
ILE C    C  N N 163 
ILE O    O  N N 164 
ILE CB   C  N S 165 
ILE CG1  C  N N 166 
ILE CG2  C  N N 167 
ILE CD1  C  N N 168 
ILE OXT  O  N N 169 
ILE H    H  N N 170 
ILE H2   H  N N 171 
ILE HA   H  N N 172 
ILE HB   H  N N 173 
ILE HG12 H  N N 174 
ILE HG13 H  N N 175 
ILE HG21 H  N N 176 
ILE HG22 H  N N 177 
ILE HG23 H  N N 178 
ILE HD11 H  N N 179 
ILE HD12 H  N N 180 
ILE HD13 H  N N 181 
ILE HXT  H  N N 182 
LEU N    N  N N 183 
LEU CA   C  N S 184 
LEU C    C  N N 185 
LEU O    O  N N 186 
LEU CB   C  N N 187 
LEU CG   C  N N 188 
LEU CD1  C  N N 189 
LEU CD2  C  N N 190 
LEU OXT  O  N N 191 
LEU H    H  N N 192 
LEU H2   H  N N 193 
LEU HA   H  N N 194 
LEU HB2  H  N N 195 
LEU HB3  H  N N 196 
LEU HG   H  N N 197 
LEU HD11 H  N N 198 
LEU HD12 H  N N 199 
LEU HD13 H  N N 200 
LEU HD21 H  N N 201 
LEU HD22 H  N N 202 
LEU HD23 H  N N 203 
LEU HXT  H  N N 204 
LYS N    N  N N 205 
LYS CA   C  N S 206 
LYS C    C  N N 207 
LYS O    O  N N 208 
LYS CB   C  N N 209 
LYS CG   C  N N 210 
LYS CD   C  N N 211 
LYS CE   C  N N 212 
LYS NZ   N  N N 213 
LYS OXT  O  N N 214 
LYS H    H  N N 215 
LYS H2   H  N N 216 
LYS HA   H  N N 217 
LYS HB2  H  N N 218 
LYS HB3  H  N N 219 
LYS HG2  H  N N 220 
LYS HG3  H  N N 221 
LYS HD2  H  N N 222 
LYS HD3  H  N N 223 
LYS HE2  H  N N 224 
LYS HE3  H  N N 225 
LYS HZ1  H  N N 226 
LYS HZ2  H  N N 227 
LYS HZ3  H  N N 228 
LYS HXT  H  N N 229 
MET N    N  N N 230 
MET CA   C  N S 231 
MET C    C  N N 232 
MET O    O  N N 233 
MET CB   C  N N 234 
MET CG   C  N N 235 
MET SD   S  N N 236 
MET CE   C  N N 237 
MET OXT  O  N N 238 
MET H    H  N N 239 
MET H2   H  N N 240 
MET HA   H  N N 241 
MET HB2  H  N N 242 
MET HB3  H  N N 243 
MET HG2  H  N N 244 
MET HG3  H  N N 245 
MET HE1  H  N N 246 
MET HE2  H  N N 247 
MET HE3  H  N N 248 
MET HXT  H  N N 249 
MSE N    N  N N 250 
MSE CA   C  N S 251 
MSE C    C  N N 252 
MSE O    O  N N 253 
MSE OXT  O  N N 254 
MSE CB   C  N N 255 
MSE CG   C  N N 256 
MSE SE   SE N N 257 
MSE CE   C  N N 258 
MSE H    H  N N 259 
MSE H2   H  N N 260 
MSE HA   H  N N 261 
MSE HXT  H  N N 262 
MSE HB2  H  N N 263 
MSE HB3  H  N N 264 
MSE HG2  H  N N 265 
MSE HG3  H  N N 266 
MSE HE1  H  N N 267 
MSE HE2  H  N N 268 
MSE HE3  H  N N 269 
PHE N    N  N N 270 
PHE CA   C  N S 271 
PHE C    C  N N 272 
PHE O    O  N N 273 
PHE CB   C  N N 274 
PHE CG   C  Y N 275 
PHE CD1  C  Y N 276 
PHE CD2  C  Y N 277 
PHE CE1  C  Y N 278 
PHE CE2  C  Y N 279 
PHE CZ   C  Y N 280 
PHE OXT  O  N N 281 
PHE H    H  N N 282 
PHE H2   H  N N 283 
PHE HA   H  N N 284 
PHE HB2  H  N N 285 
PHE HB3  H  N N 286 
PHE HD1  H  N N 287 
PHE HD2  H  N N 288 
PHE HE1  H  N N 289 
PHE HE2  H  N N 290 
PHE HZ   H  N N 291 
PHE HXT  H  N N 292 
PRO N    N  N N 293 
PRO CA   C  N S 294 
PRO C    C  N N 295 
PRO O    O  N N 296 
PRO CB   C  N N 297 
PRO CG   C  N N 298 
PRO CD   C  N N 299 
PRO OXT  O  N N 300 
PRO H    H  N N 301 
PRO HA   H  N N 302 
PRO HB2  H  N N 303 
PRO HB3  H  N N 304 
PRO HG2  H  N N 305 
PRO HG3  H  N N 306 
PRO HD2  H  N N 307 
PRO HD3  H  N N 308 
PRO HXT  H  N N 309 
SER N    N  N N 310 
SER CA   C  N S 311 
SER C    C  N N 312 
SER O    O  N N 313 
SER CB   C  N N 314 
SER OG   O  N N 315 
SER OXT  O  N N 316 
SER H    H  N N 317 
SER H2   H  N N 318 
SER HA   H  N N 319 
SER HB2  H  N N 320 
SER HB3  H  N N 321 
SER HG   H  N N 322 
SER HXT  H  N N 323 
THR N    N  N N 324 
THR CA   C  N S 325 
THR C    C  N N 326 
THR O    O  N N 327 
THR CB   C  N R 328 
THR OG1  O  N N 329 
THR CG2  C  N N 330 
THR OXT  O  N N 331 
THR H    H  N N 332 
THR H2   H  N N 333 
THR HA   H  N N 334 
THR HB   H  N N 335 
THR HG1  H  N N 336 
THR HG21 H  N N 337 
THR HG22 H  N N 338 
THR HG23 H  N N 339 
THR HXT  H  N N 340 
TRP N    N  N N 341 
TRP CA   C  N S 342 
TRP C    C  N N 343 
TRP O    O  N N 344 
TRP CB   C  N N 345 
TRP CG   C  Y N 346 
TRP CD1  C  Y N 347 
TRP CD2  C  Y N 348 
TRP NE1  N  Y N 349 
TRP CE2  C  Y N 350 
TRP CE3  C  Y N 351 
TRP CZ2  C  Y N 352 
TRP CZ3  C  Y N 353 
TRP CH2  C  Y N 354 
TRP OXT  O  N N 355 
TRP H    H  N N 356 
TRP H2   H  N N 357 
TRP HA   H  N N 358 
TRP HB2  H  N N 359 
TRP HB3  H  N N 360 
TRP HD1  H  N N 361 
TRP HE1  H  N N 362 
TRP HE3  H  N N 363 
TRP HZ2  H  N N 364 
TRP HZ3  H  N N 365 
TRP HH2  H  N N 366 
TRP HXT  H  N N 367 
TYR N    N  N N 368 
TYR CA   C  N S 369 
TYR C    C  N N 370 
TYR O    O  N N 371 
TYR CB   C  N N 372 
TYR CG   C  Y N 373 
TYR CD1  C  Y N 374 
TYR CD2  C  Y N 375 
TYR CE1  C  Y N 376 
TYR CE2  C  Y N 377 
TYR CZ   C  Y N 378 
TYR OH   O  N N 379 
TYR OXT  O  N N 380 
TYR H    H  N N 381 
TYR H2   H  N N 382 
TYR HA   H  N N 383 
TYR HB2  H  N N 384 
TYR HB3  H  N N 385 
TYR HD1  H  N N 386 
TYR HD2  H  N N 387 
TYR HE1  H  N N 388 
TYR HE2  H  N N 389 
TYR HH   H  N N 390 
TYR HXT  H  N N 391 
VAL N    N  N N 392 
VAL CA   C  N S 393 
VAL C    C  N N 394 
VAL O    O  N N 395 
VAL CB   C  N N 396 
VAL CG1  C  N N 397 
VAL CG2  C  N N 398 
VAL OXT  O  N N 399 
VAL H    H  N N 400 
VAL H2   H  N N 401 
VAL HA   H  N N 402 
VAL HB   H  N N 403 
VAL HG11 H  N N 404 
VAL HG12 H  N N 405 
VAL HG13 H  N N 406 
VAL HG21 H  N N 407 
VAL HG22 H  N N 408 
VAL HG23 H  N N 409 
VAL HXT  H  N N 410 
# 
loop_
_chem_comp_bond.comp_id 
_chem_comp_bond.atom_id_1 
_chem_comp_bond.atom_id_2 
_chem_comp_bond.value_order 
_chem_comp_bond.pdbx_aromatic_flag 
_chem_comp_bond.pdbx_stereo_config 
_chem_comp_bond.pdbx_ordinal 
ALA N   CA   sing N N 1   
ALA N   H    sing N N 2   
ALA N   H2   sing N N 3   
ALA CA  C    sing N N 4   
ALA CA  CB   sing N N 5   
ALA CA  HA   sing N N 6   
ALA C   O    doub N N 7   
ALA C   OXT  sing N N 8   
ALA CB  HB1  sing N N 9   
ALA CB  HB2  sing N N 10  
ALA CB  HB3  sing N N 11  
ALA OXT HXT  sing N N 12  
ARG N   CA   sing N N 13  
ARG N   H    sing N N 14  
ARG N   H2   sing N N 15  
ARG CA  C    sing N N 16  
ARG CA  CB   sing N N 17  
ARG CA  HA   sing N N 18  
ARG C   O    doub N N 19  
ARG C   OXT  sing N N 20  
ARG CB  CG   sing N N 21  
ARG CB  HB2  sing N N 22  
ARG CB  HB3  sing N N 23  
ARG CG  CD   sing N N 24  
ARG CG  HG2  sing N N 25  
ARG CG  HG3  sing N N 26  
ARG CD  NE   sing N N 27  
ARG CD  HD2  sing N N 28  
ARG CD  HD3  sing N N 29  
ARG NE  CZ   sing N N 30  
ARG NE  HE   sing N N 31  
ARG CZ  NH1  sing N N 32  
ARG CZ  NH2  doub N N 33  
ARG NH1 HH11 sing N N 34  
ARG NH1 HH12 sing N N 35  
ARG NH2 HH21 sing N N 36  
ARG NH2 HH22 sing N N 37  
ARG OXT HXT  sing N N 38  
ASN N   CA   sing N N 39  
ASN N   H    sing N N 40  
ASN N   H2   sing N N 41  
ASN CA  C    sing N N 42  
ASN CA  CB   sing N N 43  
ASN CA  HA   sing N N 44  
ASN C   O    doub N N 45  
ASN C   OXT  sing N N 46  
ASN CB  CG   sing N N 47  
ASN CB  HB2  sing N N 48  
ASN CB  HB3  sing N N 49  
ASN CG  OD1  doub N N 50  
ASN CG  ND2  sing N N 51  
ASN ND2 HD21 sing N N 52  
ASN ND2 HD22 sing N N 53  
ASN OXT HXT  sing N N 54  
ASP N   CA   sing N N 55  
ASP N   H    sing N N 56  
ASP N   H2   sing N N 57  
ASP CA  C    sing N N 58  
ASP CA  CB   sing N N 59  
ASP CA  HA   sing N N 60  
ASP C   O    doub N N 61  
ASP C   OXT  sing N N 62  
ASP CB  CG   sing N N 63  
ASP CB  HB2  sing N N 64  
ASP CB  HB3  sing N N 65  
ASP CG  OD1  doub N N 66  
ASP CG  OD2  sing N N 67  
ASP OD2 HD2  sing N N 68  
ASP OXT HXT  sing N N 69  
CYS N   CA   sing N N 70  
CYS N   H    sing N N 71  
CYS N   H2   sing N N 72  
CYS CA  C    sing N N 73  
CYS CA  CB   sing N N 74  
CYS CA  HA   sing N N 75  
CYS C   O    doub N N 76  
CYS C   OXT  sing N N 77  
CYS CB  SG   sing N N 78  
CYS CB  HB2  sing N N 79  
CYS CB  HB3  sing N N 80  
CYS SG  HG   sing N N 81  
CYS OXT HXT  sing N N 82  
GLN N   CA   sing N N 83  
GLN N   H    sing N N 84  
GLN N   H2   sing N N 85  
GLN CA  C    sing N N 86  
GLN CA  CB   sing N N 87  
GLN CA  HA   sing N N 88  
GLN C   O    doub N N 89  
GLN C   OXT  sing N N 90  
GLN CB  CG   sing N N 91  
GLN CB  HB2  sing N N 92  
GLN CB  HB3  sing N N 93  
GLN CG  CD   sing N N 94  
GLN CG  HG2  sing N N 95  
GLN CG  HG3  sing N N 96  
GLN CD  OE1  doub N N 97  
GLN CD  NE2  sing N N 98  
GLN NE2 HE21 sing N N 99  
GLN NE2 HE22 sing N N 100 
GLN OXT HXT  sing N N 101 
GLU N   CA   sing N N 102 
GLU N   H    sing N N 103 
GLU N   H2   sing N N 104 
GLU CA  C    sing N N 105 
GLU CA  CB   sing N N 106 
GLU CA  HA   sing N N 107 
GLU C   O    doub N N 108 
GLU C   OXT  sing N N 109 
GLU CB  CG   sing N N 110 
GLU CB  HB2  sing N N 111 
GLU CB  HB3  sing N N 112 
GLU CG  CD   sing N N 113 
GLU CG  HG2  sing N N 114 
GLU CG  HG3  sing N N 115 
GLU CD  OE1  doub N N 116 
GLU CD  OE2  sing N N 117 
GLU OE2 HE2  sing N N 118 
GLU OXT HXT  sing N N 119 
GLY N   CA   sing N N 120 
GLY N   H    sing N N 121 
GLY N   H2   sing N N 122 
GLY CA  C    sing N N 123 
GLY CA  HA2  sing N N 124 
GLY CA  HA3  sing N N 125 
GLY C   O    doub N N 126 
GLY C   OXT  sing N N 127 
GLY OXT HXT  sing N N 128 
HIS N   CA   sing N N 129 
HIS N   H    sing N N 130 
HIS N   H2   sing N N 131 
HIS CA  C    sing N N 132 
HIS CA  CB   sing N N 133 
HIS CA  HA   sing N N 134 
HIS C   O    doub N N 135 
HIS C   OXT  sing N N 136 
HIS CB  CG   sing N N 137 
HIS CB  HB2  sing N N 138 
HIS CB  HB3  sing N N 139 
HIS CG  ND1  sing Y N 140 
HIS CG  CD2  doub Y N 141 
HIS ND1 CE1  doub Y N 142 
HIS ND1 HD1  sing N N 143 
HIS CD2 NE2  sing Y N 144 
HIS CD2 HD2  sing N N 145 
HIS CE1 NE2  sing Y N 146 
HIS CE1 HE1  sing N N 147 
HIS NE2 HE2  sing N N 148 
HIS OXT HXT  sing N N 149 
HOH O   H1   sing N N 150 
HOH O   H2   sing N N 151 
ILE N   CA   sing N N 152 
ILE N   H    sing N N 153 
ILE N   H2   sing N N 154 
ILE CA  C    sing N N 155 
ILE CA  CB   sing N N 156 
ILE CA  HA   sing N N 157 
ILE C   O    doub N N 158 
ILE C   OXT  sing N N 159 
ILE CB  CG1  sing N N 160 
ILE CB  CG2  sing N N 161 
ILE CB  HB   sing N N 162 
ILE CG1 CD1  sing N N 163 
ILE CG1 HG12 sing N N 164 
ILE CG1 HG13 sing N N 165 
ILE CG2 HG21 sing N N 166 
ILE CG2 HG22 sing N N 167 
ILE CG2 HG23 sing N N 168 
ILE CD1 HD11 sing N N 169 
ILE CD1 HD12 sing N N 170 
ILE CD1 HD13 sing N N 171 
ILE OXT HXT  sing N N 172 
LEU N   CA   sing N N 173 
LEU N   H    sing N N 174 
LEU N   H2   sing N N 175 
LEU CA  C    sing N N 176 
LEU CA  CB   sing N N 177 
LEU CA  HA   sing N N 178 
LEU C   O    doub N N 179 
LEU C   OXT  sing N N 180 
LEU CB  CG   sing N N 181 
LEU CB  HB2  sing N N 182 
LEU CB  HB3  sing N N 183 
LEU CG  CD1  sing N N 184 
LEU CG  CD2  sing N N 185 
LEU CG  HG   sing N N 186 
LEU CD1 HD11 sing N N 187 
LEU CD1 HD12 sing N N 188 
LEU CD1 HD13 sing N N 189 
LEU CD2 HD21 sing N N 190 
LEU CD2 HD22 sing N N 191 
LEU CD2 HD23 sing N N 192 
LEU OXT HXT  sing N N 193 
LYS N   CA   sing N N 194 
LYS N   H    sing N N 195 
LYS N   H2   sing N N 196 
LYS CA  C    sing N N 197 
LYS CA  CB   sing N N 198 
LYS CA  HA   sing N N 199 
LYS C   O    doub N N 200 
LYS C   OXT  sing N N 201 
LYS CB  CG   sing N N 202 
LYS CB  HB2  sing N N 203 
LYS CB  HB3  sing N N 204 
LYS CG  CD   sing N N 205 
LYS CG  HG2  sing N N 206 
LYS CG  HG3  sing N N 207 
LYS CD  CE   sing N N 208 
LYS CD  HD2  sing N N 209 
LYS CD  HD3  sing N N 210 
LYS CE  NZ   sing N N 211 
LYS CE  HE2  sing N N 212 
LYS CE  HE3  sing N N 213 
LYS NZ  HZ1  sing N N 214 
LYS NZ  HZ2  sing N N 215 
LYS NZ  HZ3  sing N N 216 
LYS OXT HXT  sing N N 217 
MET N   CA   sing N N 218 
MET N   H    sing N N 219 
MET N   H2   sing N N 220 
MET CA  C    sing N N 221 
MET CA  CB   sing N N 222 
MET CA  HA   sing N N 223 
MET C   O    doub N N 224 
MET C   OXT  sing N N 225 
MET CB  CG   sing N N 226 
MET CB  HB2  sing N N 227 
MET CB  HB3  sing N N 228 
MET CG  SD   sing N N 229 
MET CG  HG2  sing N N 230 
MET CG  HG3  sing N N 231 
MET SD  CE   sing N N 232 
MET CE  HE1  sing N N 233 
MET CE  HE2  sing N N 234 
MET CE  HE3  sing N N 235 
MET OXT HXT  sing N N 236 
MSE N   CA   sing N N 237 
MSE N   H    sing N N 238 
MSE N   H2   sing N N 239 
MSE CA  C    sing N N 240 
MSE CA  CB   sing N N 241 
MSE CA  HA   sing N N 242 
MSE C   O    doub N N 243 
MSE C   OXT  sing N N 244 
MSE OXT HXT  sing N N 245 
MSE CB  CG   sing N N 246 
MSE CB  HB2  sing N N 247 
MSE CB  HB3  sing N N 248 
MSE CG  SE   sing N N 249 
MSE CG  HG2  sing N N 250 
MSE CG  HG3  sing N N 251 
MSE SE  CE   sing N N 252 
MSE CE  HE1  sing N N 253 
MSE CE  HE2  sing N N 254 
MSE CE  HE3  sing N N 255 
PHE N   CA   sing N N 256 
PHE N   H    sing N N 257 
PHE N   H2   sing N N 258 
PHE CA  C    sing N N 259 
PHE CA  CB   sing N N 260 
PHE CA  HA   sing N N 261 
PHE C   O    doub N N 262 
PHE C   OXT  sing N N 263 
PHE CB  CG   sing N N 264 
PHE CB  HB2  sing N N 265 
PHE CB  HB3  sing N N 266 
PHE CG  CD1  doub Y N 267 
PHE CG  CD2  sing Y N 268 
PHE CD1 CE1  sing Y N 269 
PHE CD1 HD1  sing N N 270 
PHE CD2 CE2  doub Y N 271 
PHE CD2 HD2  sing N N 272 
PHE CE1 CZ   doub Y N 273 
PHE CE1 HE1  sing N N 274 
PHE CE2 CZ   sing Y N 275 
PHE CE2 HE2  sing N N 276 
PHE CZ  HZ   sing N N 277 
PHE OXT HXT  sing N N 278 
PRO N   CA   sing N N 279 
PRO N   CD   sing N N 280 
PRO N   H    sing N N 281 
PRO CA  C    sing N N 282 
PRO CA  CB   sing N N 283 
PRO CA  HA   sing N N 284 
PRO C   O    doub N N 285 
PRO C   OXT  sing N N 286 
PRO CB  CG   sing N N 287 
PRO CB  HB2  sing N N 288 
PRO CB  HB3  sing N N 289 
PRO CG  CD   sing N N 290 
PRO CG  HG2  sing N N 291 
PRO CG  HG3  sing N N 292 
PRO CD  HD2  sing N N 293 
PRO CD  HD3  sing N N 294 
PRO OXT HXT  sing N N 295 
SER N   CA   sing N N 296 
SER N   H    sing N N 297 
SER N   H2   sing N N 298 
SER CA  C    sing N N 299 
SER CA  CB   sing N N 300 
SER CA  HA   sing N N 301 
SER C   O    doub N N 302 
SER C   OXT  sing N N 303 
SER CB  OG   sing N N 304 
SER CB  HB2  sing N N 305 
SER CB  HB3  sing N N 306 
SER OG  HG   sing N N 307 
SER OXT HXT  sing N N 308 
THR N   CA   sing N N 309 
THR N   H    sing N N 310 
THR N   H2   sing N N 311 
THR CA  C    sing N N 312 
THR CA  CB   sing N N 313 
THR CA  HA   sing N N 314 
THR C   O    doub N N 315 
THR C   OXT  sing N N 316 
THR CB  OG1  sing N N 317 
THR CB  CG2  sing N N 318 
THR CB  HB   sing N N 319 
THR OG1 HG1  sing N N 320 
THR CG2 HG21 sing N N 321 
THR CG2 HG22 sing N N 322 
THR CG2 HG23 sing N N 323 
THR OXT HXT  sing N N 324 
TRP N   CA   sing N N 325 
TRP N   H    sing N N 326 
TRP N   H2   sing N N 327 
TRP CA  C    sing N N 328 
TRP CA  CB   sing N N 329 
TRP CA  HA   sing N N 330 
TRP C   O    doub N N 331 
TRP C   OXT  sing N N 332 
TRP CB  CG   sing N N 333 
TRP CB  HB2  sing N N 334 
TRP CB  HB3  sing N N 335 
TRP CG  CD1  doub Y N 336 
TRP CG  CD2  sing Y N 337 
TRP CD1 NE1  sing Y N 338 
TRP CD1 HD1  sing N N 339 
TRP CD2 CE2  doub Y N 340 
TRP CD2 CE3  sing Y N 341 
TRP NE1 CE2  sing Y N 342 
TRP NE1 HE1  sing N N 343 
TRP CE2 CZ2  sing Y N 344 
TRP CE3 CZ3  doub Y N 345 
TRP CE3 HE3  sing N N 346 
TRP CZ2 CH2  doub Y N 347 
TRP CZ2 HZ2  sing N N 348 
TRP CZ3 CH2  sing Y N 349 
TRP CZ3 HZ3  sing N N 350 
TRP CH2 HH2  sing N N 351 
TRP OXT HXT  sing N N 352 
TYR N   CA   sing N N 353 
TYR N   H    sing N N 354 
TYR N   H2   sing N N 355 
TYR CA  C    sing N N 356 
TYR CA  CB   sing N N 357 
TYR CA  HA   sing N N 358 
TYR C   O    doub N N 359 
TYR C   OXT  sing N N 360 
TYR CB  CG   sing N N 361 
TYR CB  HB2  sing N N 362 
TYR CB  HB3  sing N N 363 
TYR CG  CD1  doub Y N 364 
TYR CG  CD2  sing Y N 365 
TYR CD1 CE1  sing Y N 366 
TYR CD1 HD1  sing N N 367 
TYR CD2 CE2  doub Y N 368 
TYR CD2 HD2  sing N N 369 
TYR CE1 CZ   doub Y N 370 
TYR CE1 HE1  sing N N 371 
TYR CE2 CZ   sing Y N 372 
TYR CE2 HE2  sing N N 373 
TYR CZ  OH   sing N N 374 
TYR OH  HH   sing N N 375 
TYR OXT HXT  sing N N 376 
VAL N   CA   sing N N 377 
VAL N   H    sing N N 378 
VAL N   H2   sing N N 379 
VAL CA  C    sing N N 380 
VAL CA  CB   sing N N 381 
VAL CA  HA   sing N N 382 
VAL C   O    doub N N 383 
VAL C   OXT  sing N N 384 
VAL CB  CG1  sing N N 385 
VAL CB  CG2  sing N N 386 
VAL CB  HB   sing N N 387 
VAL CG1 HG11 sing N N 388 
VAL CG1 HG12 sing N N 389 
VAL CG1 HG13 sing N N 390 
VAL CG2 HG21 sing N N 391 
VAL CG2 HG22 sing N N 392 
VAL CG2 HG23 sing N N 393 
VAL OXT HXT  sing N N 394 
# 
_atom_sites.entry_id                    2GEN 
_atom_sites.fract_transf_matrix[1][1]   0.01461178 
_atom_sites.fract_transf_matrix[1][2]   -0.01213585 
_atom_sites.fract_transf_matrix[1][3]   -0.01788006 
_atom_sites.fract_transf_matrix[2][1]   -0.01115277 
_atom_sites.fract_transf_matrix[2][2]   -0.00861199 
_atom_sites.fract_transf_matrix[2][3]   -0.00326888 
_atom_sites.fract_transf_matrix[3][1]   -0.00171286 
_atom_sites.fract_transf_matrix[3][2]   0.00370371 
_atom_sites.fract_transf_matrix[3][3]   -0.00391361 
_atom_sites.fract_transf_vector[1]      0.497871 
_atom_sites.fract_transf_vector[2]      0.180206 
_atom_sites.fract_transf_vector[3]      0.343098 
# 
loop_
_atom_type.symbol 
C  
N  
O  
S  
SE 
# 
loop_
_atom_site.group_PDB 
_atom_site.id 
_atom_site.type_symbol 
_atom_site.label_atom_id 
_atom_site.label_alt_id 
_atom_site.label_comp_id 
_atom_site.label_asym_id 
_atom_site.label_entity_id 
_atom_site.label_seq_id 
_atom_site.pdbx_PDB_ins_code 
_atom_site.Cartn_x 
_atom_site.Cartn_y 
_atom_site.Cartn_z 
_atom_site.occupancy 
_atom_site.B_iso_or_equiv 
_atom_site.pdbx_formal_charge 
_atom_site.auth_seq_id 
_atom_site.auth_comp_id 
_atom_site.auth_asym_id 
_atom_site.auth_atom_id 
_atom_site.pdbx_PDB_model_num 
ATOM   1    N  N   . ARG A 1 8   ? -15.741 -3.148  -15.962 1.00 48.13 ? 6   ARG A N   1 
ATOM   2    C  CA  . ARG A 1 8   ? -14.774 -3.537  -14.887 1.00 48.13 ? 6   ARG A CA  1 
ATOM   3    C  C   . ARG A 1 8   ? -13.873 -2.381  -14.479 1.00 46.82 ? 6   ARG A C   1 
ATOM   4    O  O   . ARG A 1 8   ? -12.904 -2.032  -15.163 1.00 47.18 ? 6   ARG A O   1 
ATOM   5    C  CB  . ARG A 1 8   ? -13.959 -4.779  -15.278 1.00 48.81 ? 6   ARG A CB  1 
ATOM   6    C  CG  . ARG A 1 8   ? -14.601 -6.103  -14.815 1.00 51.17 ? 6   ARG A CG  1 
ATOM   7    C  CD  . ARG A 1 8   ? -13.907 -6.700  -13.567 1.00 52.56 ? 6   ARG A CD  1 
ATOM   8    N  NE  . ARG A 1 8   ? -13.453 -5.664  -12.639 1.00 52.54 ? 6   ARG A NE  1 
ATOM   9    C  CZ  . ARG A 1 8   ? -14.212 -5.099  -11.707 1.00 52.13 ? 6   ARG A CZ  1 
ATOM   10   N  NH1 . ARG A 1 8   ? -15.477 -5.463  -11.559 1.00 54.09 ? 6   ARG A NH1 1 
ATOM   11   N  NH2 . ARG A 1 8   ? -13.708 -4.158  -10.920 1.00 49.59 ? 6   ARG A NH2 1 
ATOM   12   N  N   . LYS A 1 9   ? -14.214 -1.802  -13.339 1.00 45.08 ? 7   LYS A N   1 
ATOM   13   C  CA  . LYS A 1 9   ? -13.476 -0.691  -12.763 1.00 43.83 ? 7   LYS A CA  1 
ATOM   14   C  C   . LYS A 1 9   ? -11.996 -1.002  -12.533 1.00 42.55 ? 7   LYS A C   1 
ATOM   15   O  O   . LYS A 1 9   ? -11.147 -0.140  -12.723 1.00 41.97 ? 7   LYS A O   1 
ATOM   16   C  CB  . LYS A 1 9   ? -14.155 -0.271  -11.465 1.00 44.30 ? 7   LYS A CB  1 
ATOM   17   C  CG  . LYS A 1 9   ? -15.639 0.001   -11.652 1.00 45.25 ? 7   LYS A CG  1 
ATOM   18   C  CD  . LYS A 1 9   ? -16.196 0.994   -10.650 1.00 47.75 ? 7   LYS A CD  1 
ATOM   19   C  CE  . LYS A 1 9   ? -16.193 0.455   -9.233  1.00 47.78 ? 7   LYS A CE  1 
ATOM   20   N  NZ  . LYS A 1 9   ? -17.201 1.202   -8.420  1.00 50.29 ? 7   LYS A NZ  1 
ATOM   21   N  N   . ASP A 1 10  ? -11.700 -2.239  -12.125 1.00 41.25 ? 8   ASP A N   1 
ATOM   22   C  CA  . ASP A 1 10  ? -10.327 -2.679  -11.865 1.00 40.97 ? 8   ASP A CA  1 
ATOM   23   C  C   . ASP A 1 10  ? -9.503  -2.592  -13.137 1.00 40.36 ? 8   ASP A C   1 
ATOM   24   O  O   . ASP A 1 10  ? -8.338  -2.195  -13.100 1.00 39.63 ? 8   ASP A O   1 
ATOM   25   C  CB  . ASP A 1 10  ? -10.306 -4.127  -11.367 1.00 41.33 ? 8   ASP A CB  1 
ATOM   26   C  CG  . ASP A 1 10  ? -10.787 -4.268  -9.942  1.00 42.34 ? 8   ASP A CG  1 
ATOM   27   O  OD1 . ASP A 1 10  ? -11.088 -3.251  -9.267  1.00 42.42 ? 8   ASP A OD1 1 
ATOM   28   O  OD2 . ASP A 1 10  ? -10.872 -5.426  -9.495  1.00 46.48 ? 8   ASP A OD2 1 
ATOM   29   N  N   . GLU A 1 11  ? -10.126 -2.999  -14.244 1.00 39.60 ? 9   GLU A N   1 
ATOM   30   C  CA  . GLU A 1 11  ? -9.516  -2.987  -15.584 1.00 40.47 ? 9   GLU A CA  1 
ATOM   31   C  C   . GLU A 1 11  ? -9.164  -1.556  -16.002 1.00 38.11 ? 9   GLU A C   1 
ATOM   32   O  O   . GLU A 1 11  ? -8.084  -1.292  -16.548 1.00 37.55 ? 9   GLU A O   1 
ATOM   33   C  CB  . GLU A 1 11  ? -10.492 -3.630  -16.590 1.00 40.66 ? 9   GLU A CB  1 
ATOM   34   C  CG  . GLU A 1 11  ? -9.830  -4.335  -17.782 1.00 43.52 ? 9   GLU A CG  1 
ATOM   35   C  CD  . GLU A 1 11  ? -10.728 -5.404  -18.441 1.00 44.19 ? 9   GLU A CD  1 
ATOM   36   O  OE1 . GLU A 1 11  ? -11.971 -5.360  -18.254 1.00 48.56 ? 9   GLU A OE1 1 
ATOM   37   O  OE2 . GLU A 1 11  ? -10.179 -6.292  -19.154 1.00 49.65 ? 9   GLU A OE2 1 
ATOM   38   N  N   . ILE A 1 12  ? -10.084 -0.635  -15.731 1.00 36.75 ? 10  ILE A N   1 
ATOM   39   C  CA  . ILE A 1 12  ? -9.878  0.793   -16.002 1.00 34.92 ? 10  ILE A CA  1 
ATOM   40   C  C   . ILE A 1 12  ? -8.726  1.378   -15.163 1.00 33.73 ? 10  ILE A C   1 
ATOM   41   O  O   . ILE A 1 12  ? -7.840  2.070   -15.689 1.00 32.43 ? 10  ILE A O   1 
ATOM   42   C  CB  . ILE A 1 12  ? -11.185 1.589   -15.801 1.00 35.40 ? 10  ILE A CB  1 
ATOM   43   C  CG1 . ILE A 1 12  ? -12.172 1.237   -16.937 1.00 36.17 ? 10  ILE A CG1 1 
ATOM   44   C  CG2 . ILE A 1 12  ? -10.906 3.083   -15.709 1.00 34.67 ? 10  ILE A CG2 1 
ATOM   45   C  CD1 . ILE A 1 12  ? -13.618 1.585   -16.627 1.00 37.16 ? 10  ILE A CD1 1 
ATOM   46   N  N   . LEU A 1 13  ? -8.708  1.076   -13.865 1.00 32.45 ? 11  LEU A N   1 
ATOM   47   C  CA  . LEU A 1 13  ? -7.588  1.519   -13.027 1.00 30.48 ? 11  LEU A CA  1 
ATOM   48   C  C   . LEU A 1 13  ? -6.230  0.977   -13.480 1.00 30.23 ? 11  LEU A C   1 
ATOM   49   O  O   . LEU A 1 13  ? -5.230  1.691   -13.435 1.00 29.55 ? 11  LEU A O   1 
ATOM   50   C  CB  . LEU A 1 13  ? -7.844  1.203   -11.548 1.00 30.25 ? 11  LEU A CB  1 
ATOM   51   C  CG  . LEU A 1 13  ? -9.048  1.929   -10.961 1.00 30.01 ? 11  LEU A CG  1 
ATOM   52   C  CD1 . LEU A 1 13  ? -9.201  1.538   -9.504  1.00 30.87 ? 11  LEU A CD1 1 
ATOM   53   C  CD2 . LEU A 1 13  ? -8.879  3.486   -11.084 1.00 29.06 ? 11  LEU A CD2 1 
ATOM   54   N  N   . GLN A 1 14  ? -6.176  -0.280  -13.926 1.00 30.27 ? 12  GLN A N   1 
ATOM   55   C  CA  . GLN A 1 14  ? -4.899  -0.822  -14.362 1.00 31.53 ? 12  GLN A CA  1 
ATOM   56   C  C   . GLN A 1 14  ? -4.424  -0.144  -15.649 1.00 31.22 ? 12  GLN A C   1 
ATOM   57   O  O   . GLN A 1 14  ? -3.234  0.092   -15.817 1.00 31.79 ? 12  GLN A O   1 
ATOM   58   C  CB  . GLN A 1 14  ? -4.908  -2.365  -14.465 1.00 32.22 ? 12  GLN A CB  1 
ATOM   59   C  CG  . GLN A 1 14  ? -4.896  -3.101  -13.072 1.00 35.47 ? 12  GLN A CG  1 
ATOM   60   C  CD  . GLN A 1 14  ? -3.824  -2.567  -12.064 1.00 37.21 ? 12  GLN A CD  1 
ATOM   61   O  OE1 . GLN A 1 14  ? -4.140  -1.800  -11.121 1.00 36.17 ? 12  GLN A OE1 1 
ATOM   62   N  NE2 . GLN A 1 14  ? -2.569  -2.951  -12.281 1.00 35.10 ? 12  GLN A NE2 1 
ATOM   63   N  N   . ALA A 1 15  ? -5.361  0.186   -16.533 1.00 31.57 ? 13  ALA A N   1 
ATOM   64   C  CA  . ALA A 1 15  ? -5.059  0.959   -17.751 1.00 31.67 ? 13  ALA A CA  1 
ATOM   65   C  C   . ALA A 1 15  ? -4.507  2.328   -17.402 1.00 30.97 ? 13  ALA A C   1 
ATOM   66   O  O   . ALA A 1 15  ? -3.494  2.740   -17.945 1.00 31.99 ? 13  ALA A O   1 
ATOM   67   C  CB  . ALA A 1 15  ? -6.323  1.112   -18.628 1.00 32.06 ? 13  ALA A CB  1 
ATOM   68   N  N   . ALA A 1 16  ? -5.185  3.023   -16.483 1.00 30.45 ? 14  ALA A N   1 
ATOM   69   C  CA  . ALA A 1 16  ? -4.704  4.314   -16.027 1.00 29.23 ? 14  ALA A CA  1 
ATOM   70   C  C   . ALA A 1 16  ? -3.277  4.195   -15.462 1.00 29.35 ? 14  ALA A C   1 
ATOM   71   O  O   . ALA A 1 16  ? -2.374  4.956   -15.825 1.00 28.81 ? 14  ALA A O   1 
ATOM   72   C  CB  . ALA A 1 16  ? -5.668  4.908   -15.017 1.00 28.58 ? 14  ALA A CB  1 
ATOM   73   N  N   . LEU A 1 17  ? -3.047  3.196   -14.614 1.00 29.54 ? 15  LEU A N   1 
ATOM   74   C  CA  . LEU A 1 17  ? -1.710  3.000   -14.083 1.00 28.70 ? 15  LEU A CA  1 
ATOM   75   C  C   . LEU A 1 17  ? -0.658  2.819   -15.198 1.00 29.41 ? 15  LEU A C   1 
ATOM   76   O  O   . LEU A 1 17  ? 0.409   3.421   -15.134 1.00 29.18 ? 15  LEU A O   1 
ATOM   77   C  CB  . LEU A 1 17  ? -1.694  1.813   -13.103 1.00 28.79 ? 15  LEU A CB  1 
ATOM   78   C  CG  . LEU A 1 17  ? -0.314  1.362   -12.621 1.00 28.66 ? 15  LEU A CG  1 
ATOM   79   C  CD1 . LEU A 1 17  ? 0.401   2.462   -11.787 1.00 28.22 ? 15  LEU A CD1 1 
ATOM   80   C  CD2 . LEU A 1 17  ? -0.496  0.096   -11.796 1.00 27.97 ? 15  LEU A CD2 1 
ATOM   81   N  N   . ALA A 1 18  ? -0.953  1.992   -16.198 1.00 29.99 ? 16  ALA A N   1 
ATOM   82   C  CA  . ALA A 1 18  ? -0.022  1.762   -17.300 1.00 31.52 ? 16  ALA A CA  1 
ATOM   83   C  C   . ALA A 1 18  ? 0.310   3.083   -18.017 1.00 32.35 ? 16  ALA A C   1 
ATOM   84   O  O   . ALA A 1 18  ? 1.480   3.362   -18.298 1.00 32.88 ? 16  ALA A O   1 
ATOM   85   C  CB  . ALA A 1 18  ? -0.624  0.755   -18.277 1.00 31.42 ? 16  ALA A CB  1 
ATOM   86   N  N   . CYS A 1 19  ? -0.719  3.904   -18.255 1.00 33.55 ? 17  CYS A N   1 
ATOM   87   C  CA  . CYS A 1 19  ? -0.538  5.221   -18.889 1.00 34.11 ? 17  CYS A CA  1 
ATOM   88   C  C   . CYS A 1 19  ? 0.328   6.121   -18.029 1.00 34.12 ? 17  CYS A C   1 
ATOM   89   O  O   . CYS A 1 19  ? 1.300   6.695   -18.514 1.00 34.17 ? 17  CYS A O   1 
ATOM   90   C  CB  . CYS A 1 19  ? -1.892  5.902   -19.156 1.00 34.47 ? 17  CYS A CB  1 
ATOM   91   S  SG  . CYS A 1 19  ? -2.934  5.105   -20.386 1.00 37.89 ? 17  CYS A SG  1 
ATOM   92   N  N   . PHE A 1 20  ? -0.015  6.226   -16.739 1.00 34.30 ? 18  PHE A N   1 
ATOM   93   C  CA  . PHE A 1 20  ? 0.717   7.073   -15.800 1.00 34.50 ? 18  PHE A CA  1 
ATOM   94   C  C   . PHE A 1 20  ? 2.194   6.706   -15.710 1.00 35.07 ? 18  PHE A C   1 
ATOM   95   O  O   . PHE A 1 20  ? 3.048   7.580   -15.605 1.00 35.13 ? 18  PHE A O   1 
ATOM   96   C  CB  . PHE A 1 20  ? 0.110   6.999   -14.390 1.00 34.19 ? 18  PHE A CB  1 
ATOM   97   C  CG  . PHE A 1 20  ? -1.251  7.617   -14.252 1.00 33.71 ? 18  PHE A CG  1 
ATOM   98   C  CD1 . PHE A 1 20  ? -1.726  8.551   -15.164 1.00 33.58 ? 18  PHE A CD1 1 
ATOM   99   C  CD2 . PHE A 1 20  ? -2.045  7.289   -13.159 1.00 32.30 ? 18  PHE A CD2 1 
ATOM   100  C  CE1 . PHE A 1 20  ? -2.988  9.122   -15.011 1.00 31.45 ? 18  PHE A CE1 1 
ATOM   101  C  CE2 . PHE A 1 20  ? -3.296  7.845   -12.976 1.00 32.08 ? 18  PHE A CE2 1 
ATOM   102  C  CZ  . PHE A 1 20  ? -3.784  8.789   -13.917 1.00 33.45 ? 18  PHE A CZ  1 
ATOM   103  N  N   . SER A 1 21  ? 2.479   5.404   -15.738 1.00 36.25 ? 19  SER A N   1 
ATOM   104  C  CA  . SER A 1 21  ? 3.838   4.883   -15.583 1.00 37.67 ? 19  SER A CA  1 
ATOM   105  C  C   . SER A 1 21  ? 4.679   5.170   -16.815 1.00 38.72 ? 19  SER A C   1 
ATOM   106  O  O   . SER A 1 21  ? 5.838   5.524   -16.696 1.00 38.22 ? 19  SER A O   1 
ATOM   107  C  CB  . SER A 1 21  ? 3.809   3.373   -15.316 1.00 37.48 ? 19  SER A CB  1 
ATOM   108  O  OG  . SER A 1 21  ? 3.016   3.110   -14.172 1.00 38.12 ? 19  SER A OG  1 
ATOM   109  N  N   . GLU A 1 22  ? 4.053   5.040   -17.982 1.00 40.25 ? 20  GLU A N   1 
ATOM   110  C  CA  . GLU A 1 22  ? 4.712   5.231   -19.275 1.00 42.73 ? 20  GLU A CA  1 
ATOM   111  C  C   . GLU A 1 22  ? 4.923   6.711   -19.605 1.00 42.81 ? 20  GLU A C   1 
ATOM   112  O  O   . GLU A 1 22  ? 6.013   7.116   -20.034 1.00 43.36 ? 20  GLU A O   1 
ATOM   113  C  CB  . GLU A 1 22  ? 3.877   4.557   -20.355 1.00 42.39 ? 20  GLU A CB  1 
ATOM   114  C  CG  . GLU A 1 22  ? 4.478   4.588   -21.764 1.00 45.14 ? 20  GLU A CG  1 
ATOM   115  C  CD  . GLU A 1 22  ? 3.878   3.517   -22.681 1.00 45.59 ? 20  GLU A CD  1 
ATOM   116  O  OE1 . GLU A 1 22  ? 3.018   2.724   -22.213 1.00 49.76 ? 20  GLU A OE1 1 
ATOM   117  O  OE2 . GLU A 1 22  ? 4.278   3.466   -23.869 1.00 51.70 ? 20  GLU A OE2 1 
ATOM   118  N  N   . HIS A 1 23  ? 3.887   7.520   -19.395 1.00 43.39 ? 21  HIS A N   1 
ATOM   119  C  CA  . HIS A 1 23  ? 3.897   8.904   -19.859 1.00 43.66 ? 21  HIS A CA  1 
ATOM   120  C  C   . HIS A 1 23  ? 4.024   9.934   -18.740 1.00 43.06 ? 21  HIS A C   1 
ATOM   121  O  O   . HIS A 1 23  ? 4.312   11.112  -18.998 1.00 42.53 ? 21  HIS A O   1 
ATOM   122  C  CB  . HIS A 1 23  ? 2.643   9.177   -20.710 1.00 44.51 ? 21  HIS A CB  1 
ATOM   123  C  CG  . HIS A 1 23  ? 2.476   8.217   -21.847 1.00 47.35 ? 21  HIS A CG  1 
ATOM   124  N  ND1 . HIS A 1 23  ? 3.375   8.139   -22.895 1.00 50.46 ? 21  HIS A ND1 1 
ATOM   125  C  CD2 . HIS A 1 23  ? 1.529   7.283   -22.096 1.00 49.62 ? 21  HIS A CD2 1 
ATOM   126  C  CE1 . HIS A 1 23  ? 2.989   7.194   -23.734 1.00 50.42 ? 21  HIS A CE1 1 
ATOM   127  N  NE2 . HIS A 1 23  ? 1.870   6.661   -23.274 1.00 51.56 ? 21  HIS A NE2 1 
ATOM   128  N  N   . GLY A 1 24  ? 3.840   9.489   -17.495 1.00 41.44 ? 22  GLY A N   1 
ATOM   129  C  CA  . GLY A 1 24  ? 3.765   10.408  -16.375 1.00 40.21 ? 22  GLY A CA  1 
ATOM   130  C  C   . GLY A 1 24  ? 2.327   10.838  -16.199 1.00 39.39 ? 22  GLY A C   1 
ATOM   131  O  O   . GLY A 1 24  ? 1.530   10.764  -17.133 1.00 39.09 ? 22  GLY A O   1 
ATOM   132  N  N   . VAL A 1 25  ? 1.990   11.289  -14.997 1.00 39.10 ? 23  VAL A N   1 
ATOM   133  C  CA  . VAL A 1 25  ? 0.614   11.636  -14.664 1.00 38.95 ? 23  VAL A CA  1 
ATOM   134  C  C   . VAL A 1 25  ? 0.120   12.847  -15.456 1.00 39.48 ? 23  VAL A C   1 
ATOM   135  O  O   . VAL A 1 25  ? -0.942  12.794  -16.093 1.00 39.07 ? 23  VAL A O   1 
ATOM   136  C  CB  . VAL A 1 25  ? 0.448   11.851  -13.144 1.00 39.16 ? 23  VAL A CB  1 
ATOM   137  C  CG1 . VAL A 1 25  ? -0.874  12.563  -12.819 1.00 38.08 ? 23  VAL A CG1 1 
ATOM   138  C  CG2 . VAL A 1 25  ? 0.529   10.487  -12.427 1.00 38.15 ? 23  VAL A CG2 1 
ATOM   139  N  N   . ASP A 1 26  ? 0.896   13.932  -15.409 1.00 39.91 ? 24  ASP A N   1 
ATOM   140  C  CA  . ASP A 1 26  ? 0.486   15.187  -16.029 1.00 40.50 ? 24  ASP A CA  1 
ATOM   141  C  C   . ASP A 1 26  ? 0.329   15.043  -17.545 1.00 40.33 ? 24  ASP A C   1 
ATOM   142  O  O   . ASP A 1 26  ? -0.656  15.532  -18.110 1.00 40.86 ? 24  ASP A O   1 
ATOM   143  C  CB  . ASP A 1 26  ? 1.427   16.328  -15.608 1.00 41.22 ? 24  ASP A CB  1 
ATOM   144  C  CG  . ASP A 1 26  ? 1.239   16.732  -14.129 1.00 43.15 ? 24  ASP A CG  1 
ATOM   145  O  OD1 . ASP A 1 26  ? 0.105   16.640  -13.601 1.00 46.25 ? 24  ASP A OD1 1 
ATOM   146  O  OD2 . ASP A 1 26  ? 2.222   17.153  -13.483 1.00 46.64 ? 24  ASP A OD2 1 
ATOM   147  N  N   . ALA A 1 27  ? 1.243   14.319  -18.189 1.00 39.92 ? 25  ALA A N   1 
ATOM   148  C  CA  . ALA A 1 27  ? 1.160   14.083  -19.645 1.00 39.21 ? 25  ALA A CA  1 
ATOM   149  C  C   . ALA A 1 27  ? 0.106   13.058  -20.104 1.00 38.68 ? 25  ALA A C   1 
ATOM   150  O  O   . ALA A 1 27  ? -0.164  12.939  -21.311 1.00 39.31 ? 25  ALA A O   1 
ATOM   151  C  CB  . ALA A 1 27  ? 2.534   13.719  -20.212 1.00 39.62 ? 25  ALA A CB  1 
ATOM   152  N  N   . THR A 1 28  ? -0.466  12.291  -19.176 1.00 37.53 ? 26  THR A N   1 
ATOM   153  C  CA  . THR A 1 28  ? -1.559  11.367  -19.535 1.00 36.37 ? 26  THR A CA  1 
ATOM   154  C  C   . THR A 1 28  ? -2.870  12.127  -19.693 1.00 36.34 ? 26  THR A C   1 
ATOM   155  O  O   . THR A 1 28  ? -3.199  13.007  -18.894 1.00 36.89 ? 26  THR A O   1 
ATOM   156  C  CB  . THR A 1 28  ? -1.739  10.212  -18.491 1.00 35.98 ? 26  THR A CB  1 
ATOM   157  O  OG1 . THR A 1 28  ? -0.553  9.413   -18.457 1.00 34.46 ? 26  THR A OG1 1 
ATOM   158  C  CG2 . THR A 1 28  ? -2.949  9.323   -18.822 1.00 34.59 ? 26  THR A CG2 1 
ATOM   159  N  N   . THR A 1 29  ? -3.622  11.790  -20.729 1.00 36.25 ? 27  THR A N   1 
ATOM   160  C  CA  . THR A 1 29  ? -4.937  12.385  -20.918 1.00 36.41 ? 27  THR A CA  1 
ATOM   161  C  C   . THR A 1 29  ? -5.989  11.311  -20.733 1.00 36.04 ? 27  THR A C   1 
ATOM   162  O  O   . THR A 1 29  ? -5.681  10.119  -20.807 1.00 36.11 ? 27  THR A O   1 
ATOM   163  C  CB  . THR A 1 29  ? -5.064  12.970  -22.337 1.00 35.97 ? 27  THR A CB  1 
ATOM   164  O  OG1 . THR A 1 29  ? -4.908  11.901  -23.287 1.00 36.11 ? 27  THR A OG1 1 
ATOM   165  C  CG2 . THR A 1 29  ? -3.995  14.041  -22.579 1.00 36.02 ? 27  THR A CG2 1 
ATOM   166  N  N   . ILE A 1 30  ? -7.229  11.726  -20.489 1.00 36.31 ? 28  ILE A N   1 
ATOM   167  C  CA  . ILE A 1 30  ? -8.354  10.797  -20.453 1.00 37.08 ? 28  ILE A CA  1 
ATOM   168  C  C   . ILE A 1 30  ? -8.488  10.009  -21.766 1.00 37.22 ? 28  ILE A C   1 
ATOM   169  O  O   . ILE A 1 30  ? -8.912  8.862   -21.756 1.00 37.17 ? 28  ILE A O   1 
ATOM   170  C  CB  . ILE A 1 30  ? -9.684  11.498  -20.034 1.00 37.28 ? 28  ILE A CB  1 
ATOM   171  C  CG1 . ILE A 1 30  ? -10.782 10.478  -19.712 1.00 38.30 ? 28  ILE A CG1 1 
ATOM   172  C  CG2 . ILE A 1 30  ? -10.166 12.501  -21.088 1.00 37.22 ? 28  ILE A CG2 1 
ATOM   173  C  CD1 . ILE A 1 30  ? -10.807 10.054  -18.266 1.00 40.61 ? 28  ILE A CD1 1 
ATOM   174  N  N   . GLU A 1 31  ? -8.108  10.616  -22.893 1.00 37.66 ? 29  GLU A N   1 
ATOM   175  C  CA  . GLU A 1 31  ? -8.117  9.910   -24.172 1.00 38.29 ? 29  GLU A CA  1 
ATOM   176  C  C   . GLU A 1 31  ? -7.203  8.685   -24.165 1.00 38.58 ? 29  GLU A C   1 
ATOM   177  O  O   . GLU A 1 31  ? -7.591  7.605   -24.625 1.00 38.65 ? 29  GLU A O   1 
ATOM   178  C  CB  . GLU A 1 31  ? -7.722  10.853  -25.321 1.00 38.61 ? 29  GLU A CB  1 
ATOM   179  C  CG  . GLU A 1 31  ? -8.815  11.854  -25.706 1.00 38.29 ? 29  GLU A CG  1 
ATOM   180  C  CD  . GLU A 1 31  ? -8.873  13.109  -24.827 1.00 39.64 ? 29  GLU A CD  1 
ATOM   181  O  OE1 . GLU A 1 31  ? -7.979  13.360  -23.969 1.00 35.55 ? 29  GLU A OE1 1 
ATOM   182  O  OE2 . GLU A 1 31  ? -9.843  13.868  -25.016 1.00 40.34 ? 29  GLU A OE2 1 
HETATM 183  N  N   . MSE A 1 32  ? -5.995  8.855   -23.633 1.00 38.81 ? 30  MSE A N   1 
HETATM 184  C  CA  . MSE A 1 32  ? -5.025  7.755   -23.536 1.00 40.13 ? 30  MSE A CA  1 
HETATM 185  C  C   . MSE A 1 32  ? -5.570  6.592   -22.692 1.00 39.21 ? 30  MSE A C   1 
HETATM 186  O  O   . MSE A 1 32  ? -5.335  5.426   -23.009 1.00 39.14 ? 30  MSE A O   1 
HETATM 187  C  CB  . MSE A 1 32  ? -3.692  8.260   -22.989 1.00 39.80 ? 30  MSE A CB  1 
HETATM 188  C  CG  . MSE A 1 32  ? -3.062  9.276   -23.898 1.00 39.74 ? 30  MSE A CG  1 
HETATM 189  SE SE  . MSE A 1 32  ? -1.442  10.029  -23.235 0.70 44.04 ? 30  MSE A SE  1 
HETATM 190  C  CE  . MSE A 1 32  ? -1.193  11.456  -24.564 1.00 43.99 ? 30  MSE A CE  1 
ATOM   191  N  N   . ILE A 1 33  ? -6.325  6.931   -21.647 1.00 38.78 ? 31  ILE A N   1 
ATOM   192  C  CA  . ILE A 1 33  ? -6.937  5.941   -20.737 1.00 38.23 ? 31  ILE A CA  1 
ATOM   193  C  C   . ILE A 1 33  ? -8.055  5.172   -21.440 1.00 39.68 ? 31  ILE A C   1 
ATOM   194  O  O   . ILE A 1 33  ? -8.133  3.945   -21.330 1.00 38.88 ? 31  ILE A O   1 
ATOM   195  C  CB  . ILE A 1 33  ? -7.412  6.580   -19.382 1.00 37.71 ? 31  ILE A CB  1 
ATOM   196  C  CG1 . ILE A 1 33  ? -6.220  7.254   -18.674 1.00 36.19 ? 31  ILE A CG1 1 
ATOM   197  C  CG2 . ILE A 1 33  ? -8.090  5.533   -18.471 1.00 37.69 ? 31  ILE A CG2 1 
ATOM   198  C  CD1 . ILE A 1 33  ? -6.573  8.093   -17.434 1.00 36.83 ? 31  ILE A CD1 1 
ATOM   199  N  N   . ARG A 1 34  ? -8.904  5.869   -22.196 1.00 40.58 ? 32  ARG A N   1 
ATOM   200  C  CA  . ARG A 1 34  ? -9.919  5.142   -22.967 1.00 41.85 ? 32  ARG A CA  1 
ATOM   201  C  C   . ARG A 1 34  ? -9.290  4.229   -24.022 1.00 42.03 ? 32  ARG A C   1 
ATOM   202  O  O   . ARG A 1 34  ? -9.780  3.123   -24.238 1.00 42.60 ? 32  ARG A O   1 
ATOM   203  C  CB  . ARG A 1 34  ? -11.002 6.057   -23.573 1.00 42.57 ? 32  ARG A CB  1 
ATOM   204  C  CG  . ARG A 1 34  ? -10.516 7.097   -24.511 1.00 44.90 ? 32  ARG A CG  1 
ATOM   205  C  CD  . ARG A 1 34  ? -11.289 7.111   -25.857 1.00 46.54 ? 32  ARG A CD  1 
ATOM   206  N  NE  . ARG A 1 34  ? -10.332 7.545   -26.859 1.00 46.78 ? 32  ARG A NE  1 
ATOM   207  C  CZ  . ARG A 1 34  ? -10.346 8.709   -27.501 1.00 45.86 ? 32  ARG A CZ  1 
ATOM   208  N  NH1 . ARG A 1 34  ? -11.337 9.575   -27.329 1.00 43.94 ? 32  ARG A NH1 1 
ATOM   209  N  NH2 . ARG A 1 34  ? -9.362  8.973   -28.351 1.00 45.22 ? 32  ARG A NH2 1 
ATOM   210  N  N   . ASP A 1 35  ? -8.199  4.666   -24.647 1.00 42.34 ? 33  ASP A N   1 
ATOM   211  C  CA  . ASP A 1 35  ? -7.564  3.880   -25.709 1.00 43.84 ? 33  ASP A CA  1 
ATOM   212  C  C   . ASP A 1 35  ? -6.851  2.636   -25.163 1.00 44.62 ? 33  ASP A C   1 
ATOM   213  O  O   . ASP A 1 35  ? -6.885  1.556   -25.780 1.00 44.80 ? 33  ASP A O   1 
ATOM   214  C  CB  . ASP A 1 35  ? -6.580  4.730   -26.524 1.00 44.26 ? 33  ASP A CB  1 
ATOM   215  C  CG  . ASP A 1 35  ? -7.270  5.850   -27.327 1.00 44.87 ? 33  ASP A CG  1 
ATOM   216  O  OD1 . ASP A 1 35  ? -8.509  5.810   -27.530 1.00 47.52 ? 33  ASP A OD1 1 
ATOM   217  O  OD2 . ASP A 1 35  ? -6.554  6.773   -27.762 1.00 44.92 ? 33  ASP A OD2 1 
ATOM   218  N  N   . ARG A 1 36  ? -6.204  2.786   -24.010 1.00 44.86 ? 34  ARG A N   1 
ATOM   219  C  CA  . ARG A 1 36  ? -5.600  1.630   -23.353 1.00 45.57 ? 34  ARG A CA  1 
ATOM   220  C  C   . ARG A 1 36  ? -6.627  0.711   -22.703 1.00 45.28 ? 34  ARG A C   1 
ATOM   221  O  O   . ARG A 1 36  ? -6.444  -0.505  -22.700 1.00 46.10 ? 34  ARG A O   1 
ATOM   222  C  CB  . ARG A 1 36  ? -4.545  2.043   -22.329 1.00 45.90 ? 34  ARG A CB  1 
ATOM   223  C  CG  . ARG A 1 36  ? -3.621  0.889   -21.965 1.00 47.57 ? 34  ARG A CG  1 
ATOM   224  C  CD  . ARG A 1 36  ? -2.441  1.370   -21.186 1.00 51.45 ? 34  ARG A CD  1 
ATOM   225  N  NE  . ARG A 1 36  ? -1.554  2.226   -21.968 1.00 53.42 ? 34  ARG A NE  1 
ATOM   226  C  CZ  . ARG A 1 36  ? -0.272  1.968   -22.201 1.00 54.25 ? 34  ARG A CZ  1 
ATOM   227  N  NH1 . ARG A 1 36  ? 0.295   0.866   -21.718 1.00 54.83 ? 34  ARG A NH1 1 
ATOM   228  N  NH2 . ARG A 1 36  ? 0.445   2.823   -22.916 1.00 55.22 ? 34  ARG A NH2 1 
ATOM   229  N  N   . SER A 1 37  ? -7.709  1.274   -22.177 1.00 44.89 ? 35  SER A N   1 
ATOM   230  C  CA  . SER A 1 37  ? -8.700  0.481   -21.452 1.00 44.51 ? 35  SER A CA  1 
ATOM   231  C  C   . SER A 1 37  ? -9.814  -0.120  -22.298 1.00 44.24 ? 35  SER A C   1 
ATOM   232  O  O   . SER A 1 37  ? -10.497 -1.038  -21.839 1.00 44.36 ? 35  SER A O   1 
ATOM   233  C  CB  . SER A 1 37  ? -9.319  1.287   -20.312 1.00 44.33 ? 35  SER A CB  1 
ATOM   234  O  OG  . SER A 1 37  ? -10.262 2.215   -20.804 1.00 44.59 ? 35  SER A OG  1 
ATOM   235  N  N   . GLY A 1 38  ? -10.011 0.403   -23.508 1.00 44.14 ? 36  GLY A N   1 
ATOM   236  C  CA  . GLY A 1 38  ? -11.131 -0.017  -24.362 1.00 44.23 ? 36  GLY A CA  1 
ATOM   237  C  C   . GLY A 1 38  ? -12.497 0.448   -23.860 1.00 44.46 ? 36  GLY A C   1 
ATOM   238  O  O   . GLY A 1 38  ? -13.532 0.051   -24.405 1.00 45.02 ? 36  GLY A O   1 
ATOM   239  N  N   . ALA A 1 39  ? -12.512 1.275   -22.812 1.00 44.01 ? 37  ALA A N   1 
ATOM   240  C  CA  . ALA A 1 39  ? -13.754 1.886   -22.332 1.00 43.21 ? 37  ALA A CA  1 
ATOM   241  C  C   . ALA A 1 39  ? -13.928 3.263   -22.968 1.00 43.00 ? 37  ALA A C   1 
ATOM   242  O  O   . ALA A 1 39  ? -12.954 3.984   -23.204 1.00 41.94 ? 37  ALA A O   1 
ATOM   243  C  CB  . ALA A 1 39  ? -13.775 1.990   -20.822 1.00 43.49 ? 37  ALA A CB  1 
ATOM   244  N  N   . SER A 1 40  ? -15.181 3.604   -23.261 1.00 42.80 ? 38  SER A N   1 
ATOM   245  C  CA  . SER A 1 40  ? -15.522 4.889   -23.843 1.00 42.43 ? 38  SER A CA  1 
ATOM   246  C  C   . SER A 1 40  ? -15.312 5.999   -22.818 1.00 42.32 ? 38  SER A C   1 
ATOM   247  O  O   . SER A 1 40  ? -15.191 5.731   -21.616 1.00 42.16 ? 38  SER A O   1 
ATOM   248  C  CB  . SER A 1 40  ? -16.971 4.875   -24.331 1.00 41.90 ? 38  SER A CB  1 
ATOM   249  O  OG  . SER A 1 40  ? -17.884 4.808   -23.251 1.00 42.10 ? 38  SER A OG  1 
ATOM   250  N  N   . ILE A 1 41  ? -15.266 7.246   -23.285 1.00 41.84 ? 39  ILE A N   1 
ATOM   251  C  CA  . ILE A 1 41  ? -15.139 8.359   -22.366 1.00 41.69 ? 39  ILE A CA  1 
ATOM   252  C  C   . ILE A 1 41  ? -16.383 8.489   -21.473 1.00 41.65 ? 39  ILE A C   1 
ATOM   253  O  O   . ILE A 1 41  ? -16.260 8.747   -20.270 1.00 41.28 ? 39  ILE A O   1 
ATOM   254  C  CB  . ILE A 1 41  ? -14.671 9.678   -23.062 1.00 41.33 ? 39  ILE A CB  1 
ATOM   255  C  CG1 . ILE A 1 41  ? -13.158 9.597   -23.277 1.00 42.61 ? 39  ILE A CG1 1 
ATOM   256  C  CG2 . ILE A 1 41  ? -14.886 10.864  -22.152 1.00 41.19 ? 39  ILE A CG2 1 
ATOM   257  C  CD1 . ILE A 1 41  ? -12.658 10.258  -24.479 1.00 46.10 ? 39  ILE A CD1 1 
ATOM   258  N  N   . GLY A 1 42  ? -17.564 8.255   -22.046 1.00 41.11 ? 40  GLY A N   1 
ATOM   259  C  CA  . GLY A 1 42  ? -18.791 8.175   -21.253 1.00 41.50 ? 40  GLY A CA  1 
ATOM   260  C  C   . GLY A 1 42  ? -18.688 7.143   -20.126 1.00 41.60 ? 40  GLY A C   1 
ATOM   261  O  O   . GLY A 1 42  ? -19.054 7.416   -18.978 1.00 41.21 ? 40  GLY A O   1 
ATOM   262  N  N   . SER A 1 43  ? -18.168 5.969   -20.465 1.00 41.82 ? 41  SER A N   1 
ATOM   263  C  CA  . SER A 1 43  ? -17.998 4.885   -19.494 1.00 42.41 ? 41  SER A CA  1 
ATOM   264  C  C   . SER A 1 43  ? -17.006 5.233   -18.365 1.00 42.01 ? 41  SER A C   1 
ATOM   265  O  O   . SER A 1 43  ? -17.278 4.971   -17.185 1.00 42.93 ? 41  SER A O   1 
ATOM   266  C  CB  . SER A 1 43  ? -17.580 3.610   -20.217 1.00 42.55 ? 41  SER A CB  1 
ATOM   267  O  OG  . SER A 1 43  ? -17.465 2.549   -19.304 1.00 44.75 ? 41  SER A OG  1 
ATOM   268  N  N   . LEU A 1 44  ? -15.871 5.831   -18.726 1.00 40.98 ? 42  LEU A N   1 
ATOM   269  C  CA  . LEU A 1 44  ? -14.878 6.272   -17.757 1.00 40.18 ? 42  LEU A CA  1 
ATOM   270  C  C   . LEU A 1 44  ? -15.485 7.251   -16.764 1.00 40.34 ? 42  LEU A C   1 
ATOM   271  O  O   . LEU A 1 44  ? -15.175 7.227   -15.568 1.00 40.66 ? 42  LEU A O   1 
ATOM   272  C  CB  . LEU A 1 44  ? -13.684 6.907   -18.469 1.00 40.27 ? 42  LEU A CB  1 
ATOM   273  C  CG  . LEU A 1 44  ? -12.778 6.012   -19.322 1.00 39.82 ? 42  LEU A CG  1 
ATOM   274  C  CD1 . LEU A 1 44  ? -11.686 6.823   -20.013 1.00 38.27 ? 42  LEU A CD1 1 
ATOM   275  C  CD2 . LEU A 1 44  ? -12.135 4.922   -18.450 1.00 39.42 ? 42  LEU A CD2 1 
ATOM   276  N  N   . TYR A 1 45  ? -16.367 8.117   -17.255 1.00 39.39 ? 43  TYR A N   1 
ATOM   277  C  CA  . TYR A 1 45  ? -17.065 9.043   -16.387 1.00 39.19 ? 43  TYR A CA  1 
ATOM   278  C  C   . TYR A 1 45  ? -18.143 8.338   -15.547 1.00 39.67 ? 43  TYR A C   1 
ATOM   279  O  O   . TYR A 1 45  ? -18.356 8.700   -14.385 1.00 39.69 ? 43  TYR A O   1 
ATOM   280  C  CB  . TYR A 1 45  ? -17.650 10.219  -17.202 1.00 38.40 ? 43  TYR A CB  1 
ATOM   281  C  CG  . TYR A 1 45  ? -16.720 11.413  -17.315 1.00 36.26 ? 43  TYR A CG  1 
ATOM   282  C  CD1 . TYR A 1 45  ? -15.724 11.459  -18.296 1.00 33.65 ? 43  TYR A CD1 1 
ATOM   283  C  CD2 . TYR A 1 45  ? -16.822 12.485  -16.428 1.00 34.53 ? 43  TYR A CD2 1 
ATOM   284  C  CE1 . TYR A 1 45  ? -14.856 12.561  -18.399 1.00 35.88 ? 43  TYR A CE1 1 
ATOM   285  C  CE2 . TYR A 1 45  ? -15.973 13.591  -16.526 1.00 36.71 ? 43  TYR A CE2 1 
ATOM   286  C  CZ  . TYR A 1 45  ? -14.993 13.624  -17.524 1.00 36.52 ? 43  TYR A CZ  1 
ATOM   287  O  OH  . TYR A 1 45  ? -14.152 14.723  -17.609 1.00 38.33 ? 43  TYR A OH  1 
ATOM   288  N  N   . HIS A 1 46  ? -18.816 7.340   -16.128 1.00 40.56 ? 44  HIS A N   1 
ATOM   289  C  CA  . HIS A 1 46  ? -19.883 6.635   -15.413 1.00 41.61 ? 44  HIS A CA  1 
ATOM   290  C  C   . HIS A 1 46  ? -19.328 5.858   -14.222 1.00 41.76 ? 44  HIS A C   1 
ATOM   291  O  O   . HIS A 1 46  ? -19.834 5.980   -13.102 1.00 41.44 ? 44  HIS A O   1 
ATOM   292  C  CB  . HIS A 1 46  ? -20.681 5.702   -16.334 1.00 41.99 ? 44  HIS A CB  1 
ATOM   293  C  CG  . HIS A 1 46  ? -21.870 5.084   -15.662 1.00 44.16 ? 44  HIS A CG  1 
ATOM   294  N  ND1 . HIS A 1 46  ? -21.929 3.746   -15.332 1.00 44.29 ? 44  HIS A ND1 1 
ATOM   295  C  CD2 . HIS A 1 46  ? -23.036 5.626   -15.232 1.00 45.42 ? 44  HIS A CD2 1 
ATOM   296  C  CE1 . HIS A 1 46  ? -23.083 3.488   -14.741 1.00 44.55 ? 44  HIS A CE1 1 
ATOM   297  N  NE2 . HIS A 1 46  ? -23.771 4.612   -14.663 1.00 45.50 ? 44  HIS A NE2 1 
ATOM   298  N  N   . HIS A 1 47  ? -18.279 5.079   -14.479 1.00 42.33 ? 45  HIS A N   1 
ATOM   299  C  CA  . HIS A 1 47  ? -17.609 4.298   -13.435 1.00 42.85 ? 45  HIS A CA  1 
ATOM   300  C  C   . HIS A 1 47  ? -16.926 5.198   -12.422 1.00 42.38 ? 45  HIS A C   1 
ATOM   301  O  O   . HIS A 1 47  ? -17.105 5.017   -11.208 1.00 43.22 ? 45  HIS A O   1 
ATOM   302  C  CB  . HIS A 1 47  ? -16.600 3.332   -14.044 1.00 43.19 ? 45  HIS A CB  1 
ATOM   303  C  CG  . HIS A 1 47  ? -17.220 2.270   -14.893 1.00 45.76 ? 45  HIS A CG  1 
ATOM   304  N  ND1 . HIS A 1 47  ? -18.183 1.404   -14.418 1.00 47.60 ? 45  HIS A ND1 1 
ATOM   305  C  CD2 . HIS A 1 47  ? -17.015 1.933   -16.189 1.00 47.25 ? 45  HIS A CD2 1 
ATOM   306  C  CE1 . HIS A 1 47  ? -18.541 0.577   -15.386 1.00 47.57 ? 45  HIS A CE1 1 
ATOM   307  N  NE2 . HIS A 1 47  ? -17.845 0.874   -16.468 1.00 48.24 ? 45  HIS A NE2 1 
ATOM   308  N  N   . PHE A 1 48  ? -16.160 6.171   -12.910 1.00 41.34 ? 46  PHE A N   1 
ATOM   309  C  CA  . PHE A 1 48  ? -15.404 7.056   -12.038 1.00 40.08 ? 46  PHE A CA  1 
ATOM   310  C  C   . PHE A 1 48  ? -15.667 8.549   -12.267 1.00 39.55 ? 46  PHE A C   1 
ATOM   311  O  O   . PHE A 1 48  ? -16.361 9.172   -11.470 1.00 38.71 ? 46  PHE A O   1 
ATOM   312  C  CB  . PHE A 1 48  ? -13.899 6.766   -12.147 1.00 40.17 ? 46  PHE A CB  1 
ATOM   313  C  CG  . PHE A 1 48  ? -13.504 5.376   -11.703 1.00 39.93 ? 46  PHE A CG  1 
ATOM   314  C  CD1 . PHE A 1 48  ? -13.739 4.951   -10.395 1.00 39.51 ? 46  PHE A CD1 1 
ATOM   315  C  CD2 . PHE A 1 48  ? -12.883 4.498   -12.591 1.00 39.98 ? 46  PHE A CD2 1 
ATOM   316  C  CE1 . PHE A 1 48  ? -13.359 3.674   -9.975  1.00 39.09 ? 46  PHE A CE1 1 
ATOM   317  C  CE2 . PHE A 1 48  ? -12.498 3.215   -12.176 1.00 39.75 ? 46  PHE A CE2 1 
ATOM   318  C  CZ  . PHE A 1 48  ? -12.745 2.806   -10.869 1.00 40.06 ? 46  PHE A CZ  1 
ATOM   319  N  N   . GLY A 1 49  ? -15.088 9.103   -13.330 1.00 38.72 ? 47  GLY A N   1 
ATOM   320  C  CA  . GLY A 1 49  ? -15.000 10.553  -13.530 1.00 38.07 ? 47  GLY A CA  1 
ATOM   321  C  C   . GLY A 1 49  ? -13.832 10.890  -14.438 1.00 37.01 ? 47  GLY A C   1 
ATOM   322  O  O   . GLY A 1 49  ? -13.446 10.078  -15.279 1.00 36.78 ? 47  GLY A O   1 
ATOM   323  N  N   . ASN A 1 50  ? -13.257 12.078  -14.276 1.00 36.93 ? 48  ASN A N   1 
ATOM   324  C  CA  . ASN A 1 50  ? -12.149 12.511  -15.137 1.00 37.05 ? 48  ASN A CA  1 
ATOM   325  C  C   . ASN A 1 50  ? -10.818 11.913  -14.701 1.00 37.18 ? 48  ASN A C   1 
ATOM   326  O  O   . ASN A 1 50  ? -10.791 11.066  -13.793 1.00 37.58 ? 48  ASN A O   1 
ATOM   327  C  CB  . ASN A 1 50  ? -12.047 14.046  -15.195 1.00 37.39 ? 48  ASN A CB  1 
ATOM   328  C  CG  . ASN A 1 50  ? -11.913 14.688  -13.826 1.00 37.61 ? 48  ASN A CG  1 
ATOM   329  O  OD1 . ASN A 1 50  ? -11.268 14.154  -12.911 1.00 36.05 ? 48  ASN A OD1 1 
ATOM   330  N  ND2 . ASN A 1 50  ? -12.502 15.859  -13.688 1.00 37.32 ? 48  ASN A ND2 1 
ATOM   331  N  N   . LYS A 1 51  ? -9.732  12.380  -15.315 1.00 36.93 ? 49  LYS A N   1 
ATOM   332  C  CA  . LYS A 1 51  ? -8.377  11.897  -15.016 1.00 36.92 ? 49  LYS A CA  1 
ATOM   333  C  C   . LYS A 1 51  ? -8.014  12.038  -13.534 1.00 36.45 ? 49  LYS A C   1 
ATOM   334  O  O   . LYS A 1 51  ? -7.501  11.093  -12.927 1.00 35.37 ? 49  LYS A O   1 
ATOM   335  C  CB  . LYS A 1 51  ? -7.331  12.595  -15.894 1.00 37.57 ? 49  LYS A CB  1 
ATOM   336  C  CG  . LYS A 1 51  ? -5.922  12.080  -15.664 1.00 38.91 ? 49  LYS A CG  1 
ATOM   337  C  CD  . LYS A 1 51  ? -4.908  12.808  -16.474 1.00 39.57 ? 49  LYS A CD  1 
ATOM   338  C  CE  . LYS A 1 51  ? -4.315  13.990  -15.748 1.00 39.84 ? 49  LYS A CE  1 
ATOM   339  N  NZ  . LYS A 1 51  ? -3.290  14.605  -16.623 1.00 39.20 ? 49  LYS A NZ  1 
ATOM   340  N  N   . GLU A 1 52  ? -8.297  13.206  -12.953 1.00 36.46 ? 50  GLU A N   1 
ATOM   341  C  CA  . GLU A 1 52  ? -8.032  13.454  -11.530 1.00 36.55 ? 50  GLU A CA  1 
ATOM   342  C  C   . GLU A 1 52  ? -8.788  12.510  -10.581 1.00 36.39 ? 50  GLU A C   1 
ATOM   343  O  O   . GLU A 1 52  ? -8.229  12.061  -9.566  1.00 36.83 ? 50  GLU A O   1 
ATOM   344  C  CB  . GLU A 1 52  ? -8.326  14.921  -11.160 1.00 36.26 ? 50  GLU A CB  1 
ATOM   345  C  CG  . GLU A 1 52  ? -7.645  15.375  -9.865  1.00 37.55 ? 50  GLU A CG  1 
ATOM   346  C  CD  . GLU A 1 52  ? -6.111  15.338  -9.938  1.00 39.34 ? 50  GLU A CD  1 
ATOM   347  O  OE1 . GLU A 1 52  ? -5.534  15.425  -11.050 1.00 41.27 ? 50  GLU A OE1 1 
ATOM   348  O  OE2 . GLU A 1 52  ? -5.469  15.218  -8.870  1.00 39.35 ? 50  GLU A OE2 1 
ATOM   349  N  N   . ARG A 1 53  ? -10.046 12.210  -10.890 1.00 36.10 ? 51  ARG A N   1 
ATOM   350  C  CA  . ARG A 1 53  ? -10.795 11.279  -10.051 1.00 35.55 ? 51  ARG A CA  1 
ATOM   351  C  C   . ARG A 1 53  ? -10.235 9.854   -10.198 1.00 34.89 ? 51  ARG A C   1 
ATOM   352  O  O   . ARG A 1 53  ? -10.059 9.150   -9.208  1.00 34.19 ? 51  ARG A O   1 
ATOM   353  C  CB  . ARG A 1 53  ? -12.278 11.292  -10.348 1.00 36.48 ? 51  ARG A CB  1 
ATOM   354  C  CG  . ARG A 1 53  ? -13.060 10.827  -9.131  1.00 39.11 ? 51  ARG A CG  1 
ATOM   355  C  CD  . ARG A 1 53  ? -13.854 9.648   -9.502  1.00 42.84 ? 51  ARG A CD  1 
ATOM   356  N  NE  . ARG A 1 53  ? -14.470 8.993   -8.351  1.00 44.49 ? 51  ARG A NE  1 
ATOM   357  C  CZ  . ARG A 1 53  ? -15.604 9.389   -7.783  1.00 45.52 ? 51  ARG A CZ  1 
ATOM   358  N  NH1 . ARG A 1 53  ? -16.223 10.485  -8.216  1.00 46.26 ? 51  ARG A NH1 1 
ATOM   359  N  NH2 . ARG A 1 53  ? -16.099 8.712   -6.758  1.00 46.27 ? 51  ARG A NH2 1 
ATOM   360  N  N   . ILE A 1 54  ? -9.947  9.467   -11.438 1.00 32.83 ? 52  ILE A N   1 
ATOM   361  C  CA  . ILE A 1 54  ? -9.324  8.176   -11.733 1.00 31.13 ? 52  ILE A CA  1 
ATOM   362  C  C   . ILE A 1 54  ? -7.986  8.035   -11.000 1.00 30.24 ? 52  ILE A C   1 
ATOM   363  O  O   . ILE A 1 54  ? -7.683  6.961   -10.432 1.00 29.19 ? 52  ILE A O   1 
ATOM   364  C  CB  . ILE A 1 54  ? -9.154  7.958   -13.249 1.00 31.48 ? 52  ILE A CB  1 
ATOM   365  C  CG1 . ILE A 1 54  ? -10.527 7.755   -13.905 1.00 32.67 ? 52  ILE A CG1 1 
ATOM   366  C  CG2 . ILE A 1 54  ? -8.278  6.752   -13.528 1.00 31.53 ? 52  ILE A CG2 1 
ATOM   367  C  CD1 . ILE A 1 54  ? -10.507 7.664   -15.455 1.00 31.37 ? 52  ILE A CD1 1 
ATOM   368  N  N   . HIS A 1 55  ? -7.197  9.106   -11.018 1.00 28.01 ? 53  HIS A N   1 
ATOM   369  C  CA  . HIS A 1 55  ? -5.928  9.192   -10.280 1.00 28.81 ? 53  HIS A CA  1 
ATOM   370  C  C   . HIS A 1 55  ? -6.100  8.890   -8.774  1.00 28.72 ? 53  HIS A C   1 
ATOM   371  O  O   . HIS A 1 55  ? -5.370  8.051   -8.209  1.00 28.28 ? 53  HIS A O   1 
ATOM   372  C  CB  . HIS A 1 55  ? -5.323  10.579  -10.508 1.00 28.68 ? 53  HIS A CB  1 
ATOM   373  C  CG  . HIS A 1 55  ? -4.033  10.822  -9.799  1.00 28.25 ? 53  HIS A CG  1 
ATOM   374  N  ND1 . HIS A 1 55  ? -3.970  11.258  -8.494  1.00 28.58 ? 53  HIS A ND1 1 
ATOM   375  C  CD2 . HIS A 1 55  ? -2.755  10.734  -10.228 1.00 29.78 ? 53  HIS A CD2 1 
ATOM   376  C  CE1 . HIS A 1 55  ? -2.709  11.414  -8.144  1.00 30.71 ? 53  HIS A CE1 1 
ATOM   377  N  NE2 . HIS A 1 55  ? -1.950  11.098  -9.178  1.00 30.44 ? 53  HIS A NE2 1 
ATOM   378  N  N   . GLY A 1 56  ? -7.063  9.544   -8.131  1.00 28.45 ? 54  GLY A N   1 
ATOM   379  C  CA  . GLY A 1 56  ? -7.343  9.294   -6.706  1.00 27.77 ? 54  GLY A CA  1 
ATOM   380  C  C   . GLY A 1 56  ? -7.907  7.896   -6.442  1.00 28.39 ? 54  GLY A C   1 
ATOM   381  O  O   . GLY A 1 56  ? -7.571  7.262   -5.430  1.00 27.98 ? 54  GLY A O   1 
ATOM   382  N  N   . GLU A 1 57  ? -8.755  7.394   -7.337  1.00 28.00 ? 55  GLU A N   1 
ATOM   383  C  CA  . GLU A 1 57  ? -9.305  6.042   -7.173  1.00 28.27 ? 55  GLU A CA  1 
ATOM   384  C  C   . GLU A 1 57  ? -8.185  5.001   -7.304  1.00 28.01 ? 55  GLU A C   1 
ATOM   385  O  O   . GLU A 1 57  ? -8.186  3.984   -6.563  1.00 26.71 ? 55  GLU A O   1 
ATOM   386  C  CB  . GLU A 1 57  ? -10.443 5.751   -8.158  1.00 29.55 ? 55  GLU A CB  1 
ATOM   387  C  CG  . GLU A 1 57  ? -11.703 6.658   -7.975  1.00 29.77 ? 55  GLU A CG  1 
ATOM   388  C  CD  . GLU A 1 57  ? -12.586 6.273   -6.792  1.00 34.97 ? 55  GLU A CD  1 
ATOM   389  O  OE1 . GLU A 1 57  ? -12.234 5.347   -6.004  1.00 34.17 ? 55  GLU A OE1 1 
ATOM   390  O  OE2 . GLU A 1 57  ? -13.652 6.909   -6.624  1.00 34.72 ? 55  GLU A OE2 1 
ATOM   391  N  N   . LEU A 1 58  ? -7.244  5.247   -8.216  1.00 26.14 ? 56  LEU A N   1 
ATOM   392  C  CA  . LEU A 1 58  ? -6.071  4.368   -8.361  1.00 25.60 ? 56  LEU A CA  1 
ATOM   393  C  C   . LEU A 1 58  ? -5.266  4.315   -7.046  1.00 25.80 ? 56  LEU A C   1 
ATOM   394  O  O   . LEU A 1 58  ? -4.815  3.228   -6.587  1.00 25.08 ? 56  LEU A O   1 
ATOM   395  C  CB  . LEU A 1 58  ? -5.193  4.821   -9.542  1.00 25.25 ? 56  LEU A CB  1 
ATOM   396  C  CG  . LEU A 1 58  ? -3.887  4.031   -9.802  1.00 25.80 ? 56  LEU A CG  1 
ATOM   397  C  CD1 . LEU A 1 58  ? -4.194  2.543   -10.080 1.00 24.65 ? 56  LEU A CD1 1 
ATOM   398  C  CD2 . LEU A 1 58  ? -3.035  4.651   -10.930 1.00 24.61 ? 56  LEU A CD2 1 
ATOM   399  N  N   . TYR A 1 59  ? -5.098  5.487   -6.435  1.00 25.08 ? 57  TYR A N   1 
ATOM   400  C  CA  . TYR A 1 59  ? -4.398  5.594   -5.155  1.00 24.81 ? 57  TYR A CA  1 
ATOM   401  C  C   . TYR A 1 59  ? -5.133  4.791   -4.086  1.00 25.20 ? 57  TYR A C   1 
ATOM   402  O  O   . TYR A 1 59  ? -4.537  3.920   -3.396  1.00 25.35 ? 57  TYR A O   1 
ATOM   403  C  CB  . TYR A 1 59  ? -4.240  7.066   -4.715  1.00 25.22 ? 57  TYR A CB  1 
ATOM   404  C  CG  . TYR A 1 59  ? -3.411  7.176   -3.468  1.00 24.50 ? 57  TYR A CG  1 
ATOM   405  C  CD1 . TYR A 1 59  ? -2.021  7.257   -3.536  1.00 24.89 ? 57  TYR A CD1 1 
ATOM   406  C  CD2 . TYR A 1 59  ? -4.020  7.152   -2.213  1.00 26.58 ? 57  TYR A CD2 1 
ATOM   407  C  CE1 . TYR A 1 59  ? -1.253  7.327   -2.341  1.00 26.01 ? 57  TYR A CE1 1 
ATOM   408  C  CE2 . TYR A 1 59  ? -3.277  7.220   -1.047  1.00 26.12 ? 57  TYR A CE2 1 
ATOM   409  C  CZ  . TYR A 1 59  ? -1.921  7.302   -1.105  1.00 27.39 ? 57  TYR A CZ  1 
ATOM   410  O  OH  . TYR A 1 59  ? -1.225  7.327   0.090   1.00 29.15 ? 57  TYR A OH  1 
ATOM   411  N  N   . LEU A 1 60  ? -6.422  5.075   -3.929  1.00 24.92 ? 58  LEU A N   1 
ATOM   412  C  CA  . LEU A 1 60  ? -7.204  4.421   -2.871  1.00 24.88 ? 58  LEU A CA  1 
ATOM   413  C  C   . LEU A 1 60  ? -7.281  2.903   -3.060  1.00 24.93 ? 58  LEU A C   1 
ATOM   414  O  O   . LEU A 1 60  ? -7.249  2.142   -2.077  1.00 24.09 ? 58  LEU A O   1 
ATOM   415  C  CB  . LEU A 1 60  ? -8.611  5.003   -2.788  1.00 25.75 ? 58  LEU A CB  1 
ATOM   416  C  CG  . LEU A 1 60  ? -8.723  6.490   -2.411  1.00 27.13 ? 58  LEU A CG  1 
ATOM   417  C  CD1 . LEU A 1 60  ? -10.199 6.894   -2.492  1.00 28.26 ? 58  LEU A CD1 1 
ATOM   418  C  CD2 . LEU A 1 60  ? -8.184  6.779   -1.009  1.00 25.23 ? 58  LEU A CD2 1 
ATOM   419  N  N   . ALA A 1 61  ? -7.416  2.460   -4.310  1.00 23.84 ? 59  ALA A N   1 
ATOM   420  C  CA  . ALA A 1 61  ? -7.416  1.009   -4.589  1.00 24.49 ? 59  ALA A CA  1 
ATOM   421  C  C   . ALA A 1 61  ? -6.097  0.347   -4.205  1.00 23.74 ? 59  ALA A C   1 
ATOM   422  O  O   . ALA A 1 61  ? -6.104  -0.802  -3.722  1.00 23.95 ? 59  ALA A O   1 
ATOM   423  C  CB  . ALA A 1 61  ? -7.723  0.739   -6.036  1.00 24.07 ? 59  ALA A CB  1 
ATOM   424  N  N   . GLY A 1 62  ? -4.987  1.049   -4.420  1.00 23.23 ? 60  GLY A N   1 
ATOM   425  C  CA  . GLY A 1 62  ? -3.667  0.517   -4.099  1.00 23.93 ? 60  GLY A CA  1 
ATOM   426  C  C   . GLY A 1 62  ? -3.469  0.344   -2.608  1.00 24.09 ? 60  GLY A C   1 
ATOM   427  O  O   . GLY A 1 62  ? -3.063  -0.725  -2.153  1.00 22.70 ? 60  GLY A O   1 
ATOM   428  N  N   . ILE A 1 63  ? -3.745  1.384   -1.818  1.00 24.23 ? 61  ILE A N   1 
ATOM   429  C  CA  . ILE A 1 63  ? -3.700  1.193   -0.364  1.00 23.94 ? 61  ILE A CA  1 
ATOM   430  C  C   . ILE A 1 63  ? -4.744  0.172   0.100   1.00 23.64 ? 61  ILE A C   1 
ATOM   431  O  O   . ILE A 1 63  ? -4.489  -0.592  1.042   1.00 22.83 ? 61  ILE A O   1 
ATOM   432  C  CB  . ILE A 1 63  ? -3.730  2.533   0.454   1.00 24.85 ? 61  ILE A CB  1 
ATOM   433  C  CG1 . ILE A 1 63  ? -5.055  3.291   0.232   1.00 24.19 ? 61  ILE A CG1 1 
ATOM   434  C  CG2 . ILE A 1 63  ? -2.519  3.387   0.084   1.00 23.77 ? 61  ILE A CG2 1 
ATOM   435  C  CD1 . ILE A 1 63  ? -5.251  4.491   1.213   1.00 26.56 ? 61  ILE A CD1 1 
ATOM   436  N  N   . GLY A 1 64  ? -5.898  0.121   -0.568  1.00 22.59 ? 62  GLY A N   1 
ATOM   437  C  CA  . GLY A 1 64  ? -6.950  -0.849  -0.242  1.00 22.30 ? 62  GLY A CA  1 
ATOM   438  C  C   . GLY A 1 64  ? -6.451  -2.294  -0.406  1.00 22.39 ? 62  GLY A C   1 
ATOM   439  O  O   . GLY A 1 64  ? -6.897  -3.200  0.318   1.00 21.00 ? 62  GLY A O   1 
ATOM   440  N  N   . GLN A 1 65  ? -5.537  -2.513  -1.352  1.00 21.62 ? 63  GLN A N   1 
ATOM   441  C  CA  . GLN A 1 65  ? -5.070  -3.901  -1.592  1.00 20.38 ? 63  GLN A CA  1 
ATOM   442  C  C   . GLN A 1 65  ? -4.183  -4.385  -0.464  1.00 20.29 ? 63  GLN A C   1 
ATOM   443  O  O   . GLN A 1 65  ? -4.305  -5.553  -0.002  1.00 21.85 ? 63  GLN A O   1 
ATOM   444  C  CB  . GLN A 1 65  ? -4.366  -4.071  -2.953  1.00 20.93 ? 63  GLN A CB  1 
ATOM   445  C  CG  . GLN A 1 65  ? -5.352  -4.059  -4.093  1.00 21.46 ? 63  GLN A CG  1 
ATOM   446  C  CD  . GLN A 1 65  ? -4.808  -4.747  -5.339  1.00 23.33 ? 63  GLN A CD  1 
ATOM   447  O  OE1 . GLN A 1 65  ? -3.622  -5.095  -5.420  1.00 24.18 ? 63  GLN A OE1 1 
ATOM   448  N  NE2 . GLN A 1 65  ? -5.681  -4.915  -6.331  1.00 25.56 ? 63  GLN A NE2 1 
ATOM   449  N  N   . TYR A 1 66  ? -3.322  -3.503  0.016   1.00 20.14 ? 64  TYR A N   1 
ATOM   450  C  CA  . TYR A 1 66  ? -2.541  -3.839  1.197   1.00 19.95 ? 64  TYR A CA  1 
ATOM   451  C  C   . TYR A 1 66  ? -3.446  -4.133  2.406   1.00 19.72 ? 64  TYR A C   1 
ATOM   452  O  O   . TYR A 1 66  ? -3.272  -5.146  3.072   1.00 18.86 ? 64  TYR A O   1 
ATOM   453  C  CB  . TYR A 1 66  ? -1.470  -2.778  1.469   1.00 19.64 ? 64  TYR A CB  1 
ATOM   454  C  CG  . TYR A 1 66  ? -0.652  -3.028  2.719   1.00 18.44 ? 64  TYR A CG  1 
ATOM   455  C  CD1 . TYR A 1 66  ? 0.302   -4.062  2.787   1.00 18.91 ? 64  TYR A CD1 1 
ATOM   456  C  CD2 . TYR A 1 66  ? -0.831  -2.226  3.844   1.00 21.26 ? 64  TYR A CD2 1 
ATOM   457  C  CE1 . TYR A 1 66  ? 1.031   -4.306  3.952   1.00 17.10 ? 64  TYR A CE1 1 
ATOM   458  C  CE2 . TYR A 1 66  ? -0.069  -2.432  5.019   1.00 21.70 ? 64  TYR A CE2 1 
ATOM   459  C  CZ  . TYR A 1 66  ? 0.872   -3.471  5.079   1.00 19.54 ? 64  TYR A CZ  1 
ATOM   460  O  OH  . TYR A 1 66  ? 1.626   -3.684  6.223   1.00 19.40 ? 64  TYR A OH  1 
ATOM   461  N  N   . ALA A 1 67  ? -4.454  -3.294  2.641   1.00 20.02 ? 65  ALA A N   1 
ATOM   462  C  CA  . ALA A 1 67  ? -5.323  -3.530  3.806   1.00 20.48 ? 65  ALA A CA  1 
ATOM   463  C  C   . ALA A 1 67  ? -6.058  -4.863  3.707   1.00 19.34 ? 65  ALA A C   1 
ATOM   464  O  O   . ALA A 1 67  ? -6.234  -5.548  4.721   1.00 19.78 ? 65  ALA A O   1 
ATOM   465  C  CB  . ALA A 1 67  ? -6.299  -2.369  3.977   1.00 21.38 ? 65  ALA A CB  1 
ATOM   466  N  N   . ALA A 1 68  ? -6.429  -5.259  2.470   1.00 20.21 ? 66  ALA A N   1 
ATOM   467  C  CA  . ALA A 1 68  ? -7.146  -6.525  2.211   1.00 19.79 ? 66  ALA A CA  1 
ATOM   468  C  C   . ALA A 1 68  ? -6.249  -7.732  2.496   1.00 18.72 ? 66  ALA A C   1 
ATOM   469  O  O   . ALA A 1 68  ? -6.732  -8.765  3.034   1.00 19.79 ? 66  ALA A O   1 
ATOM   470  C  CB  . ALA A 1 68  ? -7.680  -6.567  0.760   1.00 21.12 ? 66  ALA A CB  1 
ATOM   471  N  N   . LEU A 1 69  ? -4.956  -7.601  2.171   1.00 18.87 ? 67  LEU A N   1 
ATOM   472  C  CA  . LEU A 1 69  ? -3.964  -8.649  2.506   1.00 17.57 ? 67  LEU A CA  1 
ATOM   473  C  C   . LEU A 1 69  ? -3.924  -8.852  4.014   1.00 17.01 ? 67  LEU A C   1 
ATOM   474  O  O   . LEU A 1 69  ? -3.936  -9.987  4.505   1.00 17.34 ? 67  LEU A O   1 
ATOM   475  C  CB  . LEU A 1 69  ? -2.583  -8.279  1.977   1.00 17.54 ? 67  LEU A CB  1 
ATOM   476  C  CG  . LEU A 1 69  ? -2.462  -8.400  0.453   1.00 19.34 ? 67  LEU A CG  1 
ATOM   477  C  CD1 . LEU A 1 69  ? -1.077  -8.008  0.045   1.00 20.48 ? 67  LEU A CD1 1 
ATOM   478  C  CD2 . LEU A 1 69  ? -2.793  -9.833  -0.078  1.00 21.73 ? 67  LEU A CD2 1 
ATOM   479  N  N   . LEU A 1 70  ? -3.910  -7.738  4.747   1.00 17.93 ? 68  LEU A N   1 
ATOM   480  C  CA  . LEU A 1 70  ? -3.854  -7.809  6.219   1.00 18.73 ? 68  LEU A CA  1 
ATOM   481  C  C   . LEU A 1 70  ? -5.082  -8.435  6.776   1.00 18.71 ? 68  LEU A C   1 
ATOM   482  O  O   . LEU A 1 70  ? -4.976  -9.280  7.652   1.00 18.63 ? 68  LEU A O   1 
ATOM   483  C  CB  . LEU A 1 70  ? -3.618  -6.436  6.872   1.00 18.32 ? 68  LEU A CB  1 
ATOM   484  C  CG  . LEU A 1 70  ? -2.281  -5.816  6.464   1.00 18.27 ? 68  LEU A CG  1 
ATOM   485  C  CD1 . LEU A 1 70  ? -2.148  -4.511  7.316   1.00 20.50 ? 68  LEU A CD1 1 
ATOM   486  C  CD2 . LEU A 1 70  ? -1.032  -6.708  6.624   1.00 19.85 ? 68  LEU A CD2 1 
ATOM   487  N  N   . GLU A 1 71  ? -6.233  -8.029  6.266   1.00 18.82 ? 69  GLU A N   1 
ATOM   488  C  CA  . GLU A 1 71  ? -7.510  -8.601  6.710   1.00 21.18 ? 69  GLU A CA  1 
ATOM   489  C  C   . GLU A 1 71  ? -7.522  -10.101 6.515   1.00 21.98 ? 69  GLU A C   1 
ATOM   490  O  O   . GLU A 1 71  ? -7.799  -10.845 7.468   1.00 23.51 ? 69  GLU A O   1 
ATOM   491  C  CB  . GLU A 1 71  ? -8.692  -7.879  6.045   1.00 22.22 ? 69  GLU A CB  1 
ATOM   492  C  CG  . GLU A 1 71  ? -10.053 -8.578  6.302   1.00 25.75 ? 69  GLU A CG  1 
ATOM   493  C  CD  . GLU A 1 71  ? -10.625 -8.395  7.707   1.00 34.84 ? 69  GLU A CD  1 
ATOM   494  O  OE1 . GLU A 1 71  ? -10.176 -7.493  8.450   1.00 36.71 ? 69  GLU A OE1 1 
ATOM   495  O  OE2 . GLU A 1 71  ? -11.570 -9.157  8.059   1.00 39.77 ? 69  GLU A OE2 1 
ATOM   496  N  N   . ALA A 1 72  ? -7.105  -10.557 5.323   1.00 20.76 ? 70  ALA A N   1 
ATOM   497  C  CA  . ALA A 1 72  ? -7.054  -12.007 5.050   1.00 20.87 ? 70  ALA A CA  1 
ATOM   498  C  C   . ALA A 1 72  ? -6.092  -12.707 6.007   1.00 21.81 ? 70  ALA A C   1 
ATOM   499  O  O   . ALA A 1 72  ? -6.368  -13.777 6.550   1.00 23.48 ? 70  ALA A O   1 
ATOM   500  C  CB  . ALA A 1 72  ? -6.662  -12.276 3.590   1.00 20.53 ? 70  ALA A CB  1 
ATOM   501  N  N   . GLY A 1 73  ? -4.946  -12.098 6.218   1.00 19.87 ? 71  GLY A N   1 
ATOM   502  C  CA  . GLY A 1 73  ? -3.915  -12.717 7.039   1.00 20.06 ? 71  GLY A CA  1 
ATOM   503  C  C   . GLY A 1 73  ? -4.207  -12.725 8.541   1.00 19.39 ? 71  GLY A C   1 
ATOM   504  O  O   . GLY A 1 73  ? -3.871  -13.684 9.220   1.00 19.35 ? 71  GLY A O   1 
ATOM   505  N  N   . PHE A 1 74  ? -4.789  -11.654 9.067   1.00 20.02 ? 72  PHE A N   1 
ATOM   506  C  CA  . PHE A 1 74  ? -5.007  -11.570 10.528  1.00 21.65 ? 72  PHE A CA  1 
ATOM   507  C  C   . PHE A 1 74  ? -5.847  -12.754 10.963  1.00 25.20 ? 72  PHE A C   1 
ATOM   508  O  O   . PHE A 1 74  ? -5.551  -13.374 12.002  1.00 26.57 ? 72  PHE A O   1 
ATOM   509  C  CB  . PHE A 1 74  ? -5.673  -10.252 10.898  1.00 22.35 ? 72  PHE A CB  1 
ATOM   510  C  CG  . PHE A 1 74  ? -4.748  -9.042  10.820  1.00 16.95 ? 72  PHE A CG  1 
ATOM   511  C  CD1 . PHE A 1 74  ? -3.405  -9.137  11.174  1.00 18.10 ? 72  PHE A CD1 1 
ATOM   512  C  CD2 . PHE A 1 74  ? -5.269  -7.775  10.489  1.00 20.74 ? 72  PHE A CD2 1 
ATOM   513  C  CE1 . PHE A 1 74  ? -2.557  -8.012  11.110  1.00 18.40 ? 72  PHE A CE1 1 
ATOM   514  C  CE2 . PHE A 1 74  ? -4.433  -6.622  10.460  1.00 19.09 ? 72  PHE A CE2 1 
ATOM   515  C  CZ  . PHE A 1 74  ? -3.088  -6.742  10.768  1.00 20.73 ? 72  PHE A CZ  1 
ATOM   516  N  N   . ALA A 1 75  ? -6.813  -13.106 10.109  1.00 25.97 ? 73  ALA A N   1 
ATOM   517  C  CA  . ALA A 1 75  ? -7.706  -14.243 10.357  1.00 27.61 ? 73  ALA A CA  1 
ATOM   518  C  C   . ALA A 1 75  ? -6.977  -15.579 10.619  1.00 27.91 ? 73  ALA A C   1 
ATOM   519  O  O   . ALA A 1 75  ? -7.450  -16.369 11.425  1.00 30.12 ? 73  ALA A O   1 
ATOM   520  C  CB  . ALA A 1 75  ? -8.730  -14.367 9.224   1.00 28.44 ? 73  ALA A CB  1 
ATOM   521  N  N   . ARG A 1 76  ? -5.818  -15.832 9.974   1.00 25.26 ? 74  ARG A N   1 
ATOM   522  C  CA  . ARG A 1 76  ? -5.117  -17.128 10.085  1.00 26.31 ? 74  ARG A CA  1 
ATOM   523  C  C   . ARG A 1 76  ? -3.717  -17.124 10.769  1.00 25.21 ? 74  ARG A C   1 
ATOM   524  O  O   . ARG A 1 76  ? -2.989  -18.165 10.805  1.00 26.62 ? 74  ARG A O   1 
ATOM   525  C  CB  . ARG A 1 76  ? -5.002  -17.756 8.689   1.00 26.97 ? 74  ARG A CB  1 
ATOM   526  C  CG  . ARG A 1 76  ? -6.364  -17.998 8.051   1.00 30.96 ? 74  ARG A CG  1 
ATOM   527  C  CD  . ARG A 1 76  ? -6.290  -18.802 6.769   1.00 37.63 ? 74  ARG A CD  1 
ATOM   528  N  NE  . ARG A 1 76  ? -6.464  -20.232 7.011   1.00 43.77 ? 74  ARG A NE  1 
ATOM   529  C  CZ  . ARG A 1 76  ? -7.643  -20.847 7.104   1.00 44.81 ? 74  ARG A CZ  1 
ATOM   530  N  NH1 . ARG A 1 76  ? -8.772  -20.160 7.008   1.00 47.43 ? 74  ARG A NH1 1 
ATOM   531  N  NH2 . ARG A 1 76  ? -7.689  -22.154 7.321   1.00 47.87 ? 74  ARG A NH2 1 
ATOM   532  N  N   . ALA A 1 77  ? -3.304  -15.948 11.248  1.00 22.67 ? 75  ALA A N   1 
ATOM   533  C  CA  . ALA A 1 77  ? -2.004  -15.822 11.913  1.00 23.71 ? 75  ALA A CA  1 
ATOM   534  C  C   . ALA A 1 77  ? -2.085  -16.561 13.257  1.00 23.71 ? 75  ALA A C   1 
ATOM   535  O  O   . ALA A 1 77  ? -3.016  -16.310 14.061  1.00 23.79 ? 75  ALA A O   1 
ATOM   536  C  CB  . ALA A 1 77  ? -1.689  -14.323 12.177  1.00 23.31 ? 75  ALA A CB  1 
ATOM   537  N  N   . ARG A 1 78  ? -1.109  -17.415 13.517  1.00 24.35 ? 76  ARG A N   1 
ATOM   538  C  CA  . ARG A 1 78  ? -1.182  -18.291 14.683  1.00 25.34 ? 76  ARG A CA  1 
ATOM   539  C  C   . ARG A 1 78  ? -0.476  -17.755 15.941  1.00 24.90 ? 76  ARG A C   1 
ATOM   540  O  O   . ARG A 1 78  ? -0.443  -18.443 16.969  1.00 24.94 ? 76  ARG A O   1 
ATOM   541  C  CB  . ARG A 1 78  ? -0.641  -19.653 14.287  1.00 28.01 ? 76  ARG A CB  1 
ATOM   542  C  CG  . ARG A 1 78  ? 0.007   -20.463 15.371  1.00 35.02 ? 76  ARG A CG  1 
ATOM   543  C  CD  . ARG A 1 78  ? 0.510   -21.751 14.744  1.00 40.78 ? 76  ARG A CD  1 
ATOM   544  N  NE  . ARG A 1 78  ? -0.498  -22.230 13.795  1.00 45.28 ? 76  ARG A NE  1 
ATOM   545  C  CZ  . ARG A 1 78  ? -1.496  -23.042 14.129  1.00 47.09 ? 76  ARG A CZ  1 
ATOM   546  N  NH1 . ARG A 1 78  ? -1.601  -23.482 15.392  1.00 46.73 ? 76  ARG A NH1 1 
ATOM   547  N  NH2 . ARG A 1 78  ? -2.365  -23.428 13.199  1.00 44.26 ? 76  ARG A NH2 1 
ATOM   548  N  N   . SER A 1 79  ? 0.085   -16.551 15.846  1.00 21.15 ? 77  SER A N   1 
ATOM   549  C  CA  . SER A 1 79  ? 0.971   -15.981 16.879  1.00 19.31 ? 77  SER A CA  1 
ATOM   550  C  C   . SER A 1 79  ? 1.260   -14.513 16.654  1.00 18.89 ? 77  SER A C   1 
ATOM   551  O  O   . SER A 1 79  ? 1.056   -13.972 15.541  1.00 16.57 ? 77  SER A O   1 
ATOM   552  C  CB  . SER A 1 79  ? 2.321   -16.712 16.898  1.00 19.01 ? 77  SER A CB  1 
ATOM   553  O  OG  . SER A 1 79  ? 3.041   -16.483 15.687  1.00 19.17 ? 77  SER A OG  1 
ATOM   554  N  N   . ALA A 1 80  ? 1.761   -13.872 17.709  1.00 18.42 ? 78  ALA A N   1 
ATOM   555  C  CA  . ALA A 1 80  ? 2.154   -12.457 17.628  1.00 17.71 ? 78  ALA A CA  1 
ATOM   556  C  C   . ALA A 1 80  ? 3.247   -12.368 16.545  1.00 16.81 ? 78  ALA A C   1 
ATOM   557  O  O   . ALA A 1 80  ? 3.234   -11.445 15.753  1.00 16.54 ? 78  ALA A O   1 
ATOM   558  C  CB  . ALA A 1 80  ? 2.735   -12.000 18.956  1.00 18.20 ? 78  ALA A CB  1 
ATOM   559  N  N   . GLU A 1 81  ? 4.157   -13.338 16.566  1.00 18.14 ? 79  GLU A N   1 
ATOM   560  C  CA  . GLU A 1 81  ? 5.241   -13.338 15.571  1.00 17.74 ? 79  GLU A CA  1 
ATOM   561  C  C   . GLU A 1 81  ? 4.690   -13.336 14.129  1.00 16.09 ? 79  GLU A C   1 
ATOM   562  O  O   . GLU A 1 81  ? 5.049   -12.489 13.289  1.00 16.55 ? 79  GLU A O   1 
ATOM   563  C  CB  . GLU A 1 81  ? 6.150   -14.548 15.771  1.00 17.36 ? 79  GLU A CB  1 
ATOM   564  C  CG  . GLU A 1 81  ? 7.280   -14.587 14.755  1.00 20.32 ? 79  GLU A CG  1 
ATOM   565  C  CD  . GLU A 1 81  ? 8.215   -15.766 14.913  1.00 24.50 ? 79  GLU A CD  1 
ATOM   566  O  OE1 . GLU A 1 81  ? 8.026   -16.604 15.815  1.00 27.39 ? 79  GLU A OE1 1 
ATOM   567  O  OE2 . GLU A 1 81  ? 9.141   -15.886 14.082  1.00 23.76 ? 79  GLU A OE2 1 
ATOM   568  N  N   . GLU A 1 82  ? 3.792   -14.271 13.825  1.00 16.33 ? 80  GLU A N   1 
ATOM   569  C  CA  . GLU A 1 82  ? 3.174   -14.248 12.496  1.00 16.70 ? 80  GLU A CA  1 
ATOM   570  C  C   . GLU A 1 82  ? 2.417   -12.947 12.175  1.00 15.80 ? 80  GLU A C   1 
ATOM   571  O  O   . GLU A 1 82  ? 2.414   -12.444 11.041  1.00 15.35 ? 80  GLU A O   1 
ATOM   572  C  CB  . GLU A 1 82  ? 2.236   -15.440 12.340  1.00 17.84 ? 80  GLU A CB  1 
ATOM   573  C  CG  . GLU A 1 82  ? 2.981   -16.777 12.202  1.00 18.50 ? 80  GLU A CG  1 
ATOM   574  C  CD  . GLU A 1 82  ? 2.091   -17.905 11.641  1.00 19.71 ? 80  GLU A CD  1 
ATOM   575  O  OE1 . GLU A 1 82  ? 0.855   -17.722 11.468  1.00 19.21 ? 80  GLU A OE1 1 
ATOM   576  O  OE2 . GLU A 1 82  ? 2.642   -19.008 11.424  1.00 21.56 ? 80  GLU A OE2 1 
ATOM   577  N  N   . THR A 1 83  ? 1.754   -12.373 13.184  1.00 15.09 ? 81  THR A N   1 
ATOM   578  C  CA  . THR A 1 83  ? 1.004   -11.132 12.954  1.00 14.61 ? 81  THR A CA  1 
ATOM   579  C  C   . THR A 1 83  ? 1.929   -9.983  12.532  1.00 13.17 ? 81  THR A C   1 
ATOM   580  O  O   . THR A 1 83  ? 1.646   -9.229  11.615  1.00 14.38 ? 81  THR A O   1 
ATOM   581  C  CB  . THR A 1 83  ? 0.141   -10.843 14.239  1.00 13.37 ? 81  THR A CB  1 
ATOM   582  O  OG1 . THR A 1 83  ? -0.723  -11.965 14.491  1.00 15.49 ? 81  THR A OG1 1 
ATOM   583  C  CG2 . THR A 1 83  ? -0.698  -9.576  14.029  1.00 17.99 ? 81  THR A CG2 1 
ATOM   584  N  N   . VAL A 1 84  ? 3.067   -9.863  13.214  1.00 13.93 ? 82  VAL A N   1 
ATOM   585  C  CA  . VAL A 1 84  ? 4.047   -8.865  12.904  1.00 13.29 ? 82  VAL A CA  1 
ATOM   586  C  C   . VAL A 1 84  ? 4.657   -9.138  11.523  1.00 13.85 ? 82  VAL A C   1 
ATOM   587  O  O   . VAL A 1 84  ? 4.709   -8.260  10.674  1.00 15.47 ? 82  VAL A O   1 
ATOM   588  C  CB  . VAL A 1 84  ? 5.135   -8.851  13.980  1.00 14.77 ? 82  VAL A CB  1 
ATOM   589  C  CG1 . VAL A 1 84  ? 6.284   -7.971  13.557  1.00 16.95 ? 82  VAL A CG1 1 
ATOM   590  C  CG2 . VAL A 1 84  ? 4.542   -8.236  15.268  1.00 15.71 ? 82  VAL A CG2 1 
ATOM   591  N  N   . ARG A 1 85  ? 5.027   -10.387 11.302  1.00 14.49 ? 83  ARG A N   1 
ATOM   592  C  CA  . ARG A 1 85  ? 5.643   -10.748 9.982   1.00 15.37 ? 83  ARG A CA  1 
ATOM   593  C  C   . ARG A 1 85  ? 4.712   -10.388 8.839   1.00 15.81 ? 83  ARG A C   1 
ATOM   594  O  O   . ARG A 1 85  ? 5.175   -9.944  7.802   1.00 15.48 ? 83  ARG A O   1 
ATOM   595  C  CB  . ARG A 1 85  ? 5.966   -12.220 9.906   1.00 16.27 ? 83  ARG A CB  1 
ATOM   596  C  CG  . ARG A 1 85  ? 7.183   -12.690 10.768  1.00 16.26 ? 83  ARG A CG  1 
ATOM   597  C  CD  . ARG A 1 85  ? 7.247   -14.214 10.780  1.00 18.64 ? 83  ARG A CD  1 
ATOM   598  N  NE  . ARG A 1 85  ? 7.453   -14.724 9.423   1.00 21.12 ? 83  ARG A NE  1 
ATOM   599  C  CZ  . ARG A 1 85  ? 8.646   -14.823 8.815   1.00 22.28 ? 83  ARG A CZ  1 
ATOM   600  N  NH1 . ARG A 1 85  ? 9.790   -14.536 9.444   1.00 20.33 ? 83  ARG A NH1 1 
ATOM   601  N  NH2 . ARG A 1 85  ? 8.692   -15.275 7.554   1.00 22.23 ? 83  ARG A NH2 1 
ATOM   602  N  N   . LEU A 1 86  ? 3.404   -10.621 9.003   1.00 14.60 ? 84  LEU A N   1 
ATOM   603  C  CA  . LEU A 1 86  ? 2.381   -10.347 7.998   1.00 14.63 ? 84  LEU A CA  1 
ATOM   604  C  C   . LEU A 1 86  ? 2.393   -8.908  7.546   1.00 14.82 ? 84  LEU A C   1 
ATOM   605  O  O   . LEU A 1 86  ? 2.207   -8.637  6.368   1.00 14.65 ? 84  LEU A O   1 
ATOM   606  C  CB  . LEU A 1 86  ? 0.995   -10.769 8.557   1.00 14.69 ? 84  LEU A CB  1 
ATOM   607  C  CG  . LEU A 1 86  ? -0.143  -10.505 7.569   1.00 17.83 ? 84  LEU A CG  1 
ATOM   608  C  CD1 . LEU A 1 86  ? -0.110  -11.553 6.453   1.00 19.14 ? 84  LEU A CD1 1 
ATOM   609  C  CD2 . LEU A 1 86  ? -1.437  -10.558 8.380   1.00 18.30 ? 84  LEU A CD2 1 
ATOM   610  N  N   . LEU A 1 87  ? 2.559   -7.943  8.482   1.00 12.77 ? 85  LEU A N   1 
ATOM   611  C  CA  . LEU A 1 87  ? 2.621   -6.537  8.082   1.00 15.19 ? 85  LEU A CA  1 
ATOM   612  C  C   . LEU A 1 87  ? 3.757   -6.317  7.081   1.00 14.65 ? 85  LEU A C   1 
ATOM   613  O  O   . LEU A 1 87  ? 3.601   -5.542  6.156   1.00 17.44 ? 85  LEU A O   1 
ATOM   614  C  CB  . LEU A 1 87  ? 2.856   -5.663  9.309   1.00 14.36 ? 85  LEU A CB  1 
ATOM   615  C  CG  . LEU A 1 87  ? 1.672   -5.678  10.319  1.00 19.36 ? 85  LEU A CG  1 
ATOM   616  C  CD1 . LEU A 1 87  ? 2.083   -5.083  11.679  1.00 19.21 ? 85  LEU A CD1 1 
ATOM   617  C  CD2 . LEU A 1 87  ? 0.493   -4.888  9.769   1.00 24.22 ? 85  LEU A CD2 1 
ATOM   618  N  N   . VAL A 1 88  ? 4.858   -7.024  7.286   1.00 14.96 ? 86  VAL A N   1 
ATOM   619  C  CA  . VAL A 1 88  ? 6.040   -6.845  6.432   1.00 15.68 ? 86  VAL A CA  1 
ATOM   620  C  C   . VAL A 1 88  ? 5.944   -7.635  5.137   1.00 15.11 ? 86  VAL A C   1 
ATOM   621  O  O   . VAL A 1 88  ? 6.080   -7.042  4.061   1.00 14.11 ? 86  VAL A O   1 
ATOM   622  C  CB  . VAL A 1 88  ? 7.305   -7.236  7.166   1.00 15.65 ? 86  VAL A CB  1 
ATOM   623  C  CG1 . VAL A 1 88  ? 8.604   -7.144  6.216   1.00 17.31 ? 86  VAL A CG1 1 
ATOM   624  C  CG2 . VAL A 1 88  ? 7.510   -6.267  8.373   1.00 17.36 ? 86  VAL A CG2 1 
ATOM   625  N  N   . THR A 1 89  ? 5.696   -8.944  5.242   1.00 14.27 ? 87  THR A N   1 
ATOM   626  C  CA  . THR A 1 89  ? 5.636   -9.744  3.947   1.00 14.97 ? 87  THR A CA  1 
ATOM   627  C  C   . THR A 1 89  ? 4.526   -9.241  3.024   1.00 15.85 ? 87  THR A C   1 
ATOM   628  O  O   . THR A 1 89  ? 4.685   -9.299  1.817   1.00 17.66 ? 87  THR A O   1 
ATOM   629  C  CB  . THR A 1 89  ? 5.463   -11.236 4.207   1.00 16.26 ? 87  THR A CB  1 
ATOM   630  O  OG1 . THR A 1 89  ? 4.205   -11.458 4.859   1.00 15.56 ? 87  THR A OG1 1 
ATOM   631  C  CG2 . THR A 1 89  ? 6.573   -11.740 5.104   1.00 16.21 ? 87  THR A CG2 1 
ATOM   632  N  N   . SER A 1 90  ? 3.382   -8.782  3.555   1.00 14.13 ? 88  SER A N   1 
ATOM   633  C  CA  . SER A 1 90  ? 2.301   -8.294  2.712   1.00 15.88 ? 88  SER A CA  1 
ATOM   634  C  C   . SER A 1 90  ? 2.742   -7.088  1.889   1.00 16.62 ? 88  SER A C   1 
ATOM   635  O  O   . SER A 1 90  ? 2.424   -6.979  0.700   1.00 15.99 ? 88  SER A O   1 
ATOM   636  C  CB  . SER A 1 90  ? 1.032   -7.991  3.527   1.00 15.12 ? 88  SER A CB  1 
ATOM   637  O  OG  . SER A 1 90  ? 0.558   -9.172  4.112   1.00 16.93 ? 88  SER A OG  1 
ATOM   638  N  N   . TYR A 1 91  ? 3.507   -6.189  2.523   1.00 15.99 ? 89  TYR A N   1 
ATOM   639  C  CA  . TYR A 1 91  ? 3.939   -5.003  1.830   1.00 17.33 ? 89  TYR A CA  1 
ATOM   640  C  C   . TYR A 1 91  ? 4.984   -5.346  0.759   1.00 16.86 ? 89  TYR A C   1 
ATOM   641  O  O   . TYR A 1 91  ? 4.824   -4.952  -0.399  1.00 18.14 ? 89  TYR A O   1 
ATOM   642  C  CB  . TYR A 1 91  ? 4.485   -3.968  2.827   1.00 17.22 ? 89  TYR A CB  1 
ATOM   643  C  CG  . TYR A 1 91  ? 4.927   -2.765  2.091   1.00 18.38 ? 89  TYR A CG  1 
ATOM   644  C  CD1 . TYR A 1 91  ? 3.976   -1.929  1.467   1.00 21.61 ? 89  TYR A CD1 1 
ATOM   645  C  CD2 . TYR A 1 91  ? 6.288   -2.468  1.947   1.00 19.32 ? 89  TYR A CD2 1 
ATOM   646  C  CE1 . TYR A 1 91  ? 4.390   -0.793  0.735   1.00 24.59 ? 89  TYR A CE1 1 
ATOM   647  C  CE2 . TYR A 1 91  ? 6.706   -1.347  1.225   1.00 21.28 ? 89  TYR A CE2 1 
ATOM   648  C  CZ  . TYR A 1 91  ? 5.767   -0.525  0.639   1.00 22.85 ? 89  TYR A CZ  1 
ATOM   649  O  OH  . TYR A 1 91  ? 6.174   0.566   -0.099  1.00 27.14 ? 89  TYR A OH  1 
ATOM   650  N  N   . ILE A 1 92  ? 5.979   -6.137  1.128   1.00 16.50 ? 90  ILE A N   1 
ATOM   651  C  CA  . ILE A 1 92  ? 7.087   -6.471  0.224   1.00 15.71 ? 90  ILE A CA  1 
ATOM   652  C  C   . ILE A 1 92  ? 6.496   -7.241  -0.974  1.00 16.24 ? 90  ILE A C   1 
ATOM   653  O  O   . ILE A 1 92  ? 6.738   -6.885  -2.115  1.00 17.17 ? 90  ILE A O   1 
ATOM   654  C  CB  . ILE A 1 92  ? 8.177   -7.270  0.962   1.00 16.96 ? 90  ILE A CB  1 
ATOM   655  C  CG1 . ILE A 1 92  ? 8.906   -6.345  1.959   1.00 16.59 ? 90  ILE A CG1 1 
ATOM   656  C  CG2 . ILE A 1 92  ? 9.155   -7.926  -0.087  1.00 17.01 ? 90  ILE A CG2 1 
ATOM   657  C  CD1 . ILE A 1 92  ? 9.626   -5.201  1.321   1.00 27.78 ? 90  ILE A CD1 1 
ATOM   658  N  N   . ASP A 1 93  ? 5.667   -8.232  -0.680  1.00 16.02 ? 91  ASP A N   1 
ATOM   659  C  CA  . ASP A 1 93  ? 5.084   -9.071  -1.770  1.00 16.65 ? 91  ASP A CA  1 
ATOM   660  C  C   . ASP A 1 93  ? 4.242   -8.231  -2.704  1.00 17.91 ? 91  ASP A C   1 
ATOM   661  O  O   . ASP A 1 93  ? 4.306   -8.421  -3.904  1.00 19.22 ? 91  ASP A O   1 
ATOM   662  C  CB  . ASP A 1 93  ? 4.267   -10.191 -1.182  1.00 17.18 ? 91  ASP A CB  1 
ATOM   663  C  CG  . ASP A 1 93  ? 5.133   -11.213 -0.468  1.00 16.47 ? 91  ASP A CG  1 
ATOM   664  O  OD1 . ASP A 1 93  ? 6.396   -11.143 -0.600  1.00 20.47 ? 91  ASP A OD1 1 
ATOM   665  O  OD2 . ASP A 1 93  ? 4.582   -12.118 0.211   1.00 18.64 ? 91  ASP A OD2 1 
ATOM   666  N  N   . TRP A 1 94  ? 3.416   -7.324  -2.146  1.00 17.21 ? 92  TRP A N   1 
ATOM   667  C  CA  . TRP A 1 94  ? 2.565   -6.473  -2.948  1.00 17.73 ? 92  TRP A CA  1 
ATOM   668  C  C   . TRP A 1 94  ? 3.418   -5.546  -3.865  1.00 18.76 ? 92  TRP A C   1 
ATOM   669  O  O   . TRP A 1 94  ? 3.120   -5.384  -5.070  1.00 19.64 ? 92  TRP A O   1 
ATOM   670  C  CB  . TRP A 1 94  ? 1.585   -5.670  -2.063  1.00 18.41 ? 92  TRP A CB  1 
ATOM   671  C  CG  . TRP A 1 94  ? 0.591   -4.905  -2.922  1.00 19.41 ? 92  TRP A CG  1 
ATOM   672  C  CD1 . TRP A 1 94  ? -0.642  -5.361  -3.409  1.00 22.74 ? 92  TRP A CD1 1 
ATOM   673  C  CD2 . TRP A 1 94  ? 0.759   -3.593  -3.425  1.00 21.33 ? 92  TRP A CD2 1 
ATOM   674  N  NE1 . TRP A 1 94  ? -1.232  -4.365  -4.172  1.00 23.97 ? 92  TRP A NE1 1 
ATOM   675  C  CE2 . TRP A 1 94  ? -0.401  -3.276  -4.191  1.00 21.66 ? 92  TRP A CE2 1 
ATOM   676  C  CE3 . TRP A 1 94  ? 1.769   -2.630  -3.294  1.00 23.53 ? 92  TRP A CE3 1 
ATOM   677  C  CZ2 . TRP A 1 94  ? -0.554  -2.026  -4.834  1.00 21.59 ? 92  TRP A CZ2 1 
ATOM   678  C  CZ3 . TRP A 1 94  ? 1.598   -1.378  -3.923  1.00 24.67 ? 92  TRP A CZ3 1 
ATOM   679  C  CH2 . TRP A 1 94  ? 0.448   -1.114  -4.679  1.00 21.17 ? 92  TRP A CH2 1 
ATOM   680  N  N   . VAL A 1 95  ? 4.505   -4.994  -3.310  1.00 17.46 ? 93  VAL A N   1 
ATOM   681  C  CA  . VAL A 1 95  ? 5.386   -4.125  -4.097  1.00 18.78 ? 93  VAL A CA  1 
ATOM   682  C  C   . VAL A 1 95  ? 6.049   -4.947  -5.222  1.00 19.92 ? 93  VAL A C   1 
ATOM   683  O  O   . VAL A 1 95  ? 6.093   -4.485  -6.365  1.00 21.20 ? 93  VAL A O   1 
ATOM   684  C  CB  . VAL A 1 95  ? 6.440   -3.488  -3.212  1.00 18.60 ? 93  VAL A CB  1 
ATOM   685  C  CG1 . VAL A 1 95  ? 7.589   -2.869  -4.061  1.00 20.24 ? 93  VAL A CG1 1 
ATOM   686  C  CG2 . VAL A 1 95  ? 5.759   -2.475  -2.256  1.00 18.86 ? 93  VAL A CG2 1 
ATOM   687  N  N   . VAL A 1 96  ? 6.554   -6.128  -4.888  1.00 20.16 ? 94  VAL A N   1 
ATOM   688  C  CA  . VAL A 1 96  ? 7.282   -6.959  -5.895  1.00 20.90 ? 94  VAL A CA  1 
ATOM   689  C  C   . VAL A 1 96  ? 6.329   -7.312  -7.077  1.00 21.15 ? 94  VAL A C   1 
ATOM   690  O  O   . VAL A 1 96  ? 6.756   -7.331  -8.237  1.00 21.39 ? 94  VAL A O   1 
ATOM   691  C  CB  . VAL A 1 96  ? 7.905   -8.218  -5.269  1.00 21.12 ? 94  VAL A CB  1 
ATOM   692  C  CG1 . VAL A 1 96  ? 8.378   -9.198  -6.391  1.00 22.99 ? 94  VAL A CG1 1 
ATOM   693  C  CG2 . VAL A 1 96  ? 9.078   -7.824  -4.372  1.00 21.31 ? 94  VAL A CG2 1 
ATOM   694  N  N   . ALA A 1 97  ? 5.067   -7.595  -6.748  1.00 20.15 ? 95  ALA A N   1 
ATOM   695  C  CA  . ALA A 1 97  ? 3.997   -7.951  -7.700  1.00 21.69 ? 95  ALA A CA  1 
ATOM   696  C  C   . ALA A 1 97  ? 3.468   -6.755  -8.483  1.00 22.14 ? 95  ALA A C   1 
ATOM   697  O  O   . ALA A 1 97  ? 2.925   -6.905  -9.598  1.00 24.06 ? 95  ALA A O   1 
ATOM   698  C  CB  . ALA A 1 97  ? 2.858   -8.597  -6.975  1.00 20.40 ? 95  ALA A CB  1 
ATOM   699  N  N   . ASN A 1 98  ? 3.592   -5.574  -7.880  1.00 21.62 ? 96  ASN A N   1 
ATOM   700  C  CA  . ASN A 1 98  ? 2.991   -4.337  -8.405  1.00 21.15 ? 96  ASN A CA  1 
ATOM   701  C  C   . ASN A 1 98  ? 3.962   -3.135  -8.357  1.00 22.38 ? 96  ASN A C   1 
ATOM   702  O  O   . ASN A 1 98  ? 3.640   -2.121  -7.742  1.00 22.45 ? 96  ASN A O   1 
ATOM   703  C  CB  . ASN A 1 98  ? 1.667   -3.995  -7.674  1.00 21.85 ? 96  ASN A CB  1 
ATOM   704  C  CG  . ASN A 1 98  ? 0.648   -5.123  -7.674  1.00 22.67 ? 96  ASN A CG  1 
ATOM   705  O  OD1 . ASN A 1 98  ? -0.175  -5.226  -8.587  1.00 23.82 ? 96  ASN A OD1 1 
ATOM   706  N  ND2 . ASN A 1 98  ? 0.666   -5.970  -6.633  1.00 20.88 ? 96  ASN A ND2 1 
ATOM   707  N  N   . PRO A 1 99  ? 5.141   -3.239  -8.983  1.00 22.93 ? 97  PRO A N   1 
ATOM   708  C  CA  . PRO A 1 99  ? 6.118   -2.180  -8.771  1.00 23.55 ? 97  PRO A CA  1 
ATOM   709  C  C   . PRO A 1 99  ? 5.675   -0.814  -9.287  1.00 23.20 ? 97  PRO A C   1 
ATOM   710  O  O   . PRO A 1 99  ? 5.934   0.213   -8.629  1.00 23.42 ? 97  PRO A O   1 
ATOM   711  C  CB  . PRO A 1 99  ? 7.371   -2.685  -9.493  1.00 23.56 ? 97  PRO A CB  1 
ATOM   712  C  CG  . PRO A 1 99  ? 6.880   -3.716  -10.440 1.00 24.26 ? 97  PRO A CG  1 
ATOM   713  C  CD  . PRO A 1 99  ? 5.698   -4.341  -9.810  1.00 24.07 ? 97  PRO A CD  1 
ATOM   714  N  N   . ASP A 1 100 ? 5.019   -0.774  -10.441 1.00 24.49 ? 98  ASP A N   1 
ATOM   715  C  CA  . ASP A 1 100 ? 4.540   0.522   -10.941 1.00 24.98 ? 98  ASP A CA  1 
ATOM   716  C  C   . ASP A 1 100 ? 3.468   1.120   -10.011 1.00 24.02 ? 98  ASP A C   1 
ATOM   717  O  O   . ASP A 1 100 ? 3.470   2.327   -9.717  1.00 25.05 ? 98  ASP A O   1 
ATOM   718  C  CB  . ASP A 1 100 ? 4.023   0.424   -12.388 1.00 26.98 ? 98  ASP A CB  1 
ATOM   719  C  CG  . ASP A 1 100 ? 5.147   0.266   -13.416 1.00 30.88 ? 98  ASP A CG  1 
ATOM   720  O  OD1 . ASP A 1 100 ? 6.296   0.711   -13.185 1.00 34.08 ? 98  ASP A OD1 1 
ATOM   721  O  OD2 . ASP A 1 100 ? 4.836   -0.309  -14.479 1.00 37.43 ? 98  ASP A OD2 1 
ATOM   722  N  N   . TRP A 1 101 ? 2.547   0.281   -9.546  1.00 23.89 ? 99  TRP A N   1 
ATOM   723  C  CA  . TRP A 1 101 ? 1.552   0.738   -8.597  1.00 23.34 ? 99  TRP A CA  1 
ATOM   724  C  C   . TRP A 1 101 ? 2.209   1.227   -7.305  1.00 23.50 ? 99  TRP A C   1 
ATOM   725  O  O   . TRP A 1 101 ? 1.822   2.267   -6.759  1.00 24.04 ? 99  TRP A O   1 
ATOM   726  C  CB  . TRP A 1 101 ? 0.547   -0.376  -8.317  1.00 23.57 ? 99  TRP A CB  1 
ATOM   727  C  CG  . TRP A 1 101 ? -0.824  0.080   -7.974  1.00 21.97 ? 99  TRP A CG  1 
ATOM   728  C  CD1 . TRP A 1 101 ? -1.226  1.343   -7.618  1.00 24.24 ? 99  TRP A CD1 1 
ATOM   729  C  CD2 . TRP A 1 101 ? -1.985  -0.746  -7.913  1.00 23.69 ? 99  TRP A CD2 1 
ATOM   730  N  NE1 . TRP A 1 101 ? -2.577  1.347   -7.366  1.00 23.19 ? 99  TRP A NE1 1 
ATOM   731  C  CE2 . TRP A 1 101 ? -3.074  0.082   -7.543  1.00 22.54 ? 99  TRP A CE2 1 
ATOM   732  C  CE3 . TRP A 1 101 ? -2.220  -2.114  -8.158  1.00 24.18 ? 99  TRP A CE3 1 
ATOM   733  C  CZ2 . TRP A 1 101 ? -4.374  -0.399  -7.416  1.00 22.97 ? 99  TRP A CZ2 1 
ATOM   734  C  CZ3 . TRP A 1 101 ? -3.524  -2.609  -8.033  1.00 24.99 ? 99  TRP A CZ3 1 
ATOM   735  C  CH2 . TRP A 1 101 ? -4.598  -1.744  -7.653  1.00 24.90 ? 99  TRP A CH2 1 
ATOM   736  N  N   . ALA A 1 102 ? 3.222   0.507   -6.808  1.00 23.66 ? 100 ALA A N   1 
ATOM   737  C  CA  . ALA A 1 102 ? 3.938   0.966   -5.585  1.00 23.78 ? 100 ALA A CA  1 
ATOM   738  C  C   . ALA A 1 102 ? 4.574   2.347   -5.812  1.00 24.97 ? 100 ALA A C   1 
ATOM   739  O  O   . ALA A 1 102 ? 4.452   3.253   -4.970  1.00 24.94 ? 100 ALA A O   1 
ATOM   740  C  CB  . ALA A 1 102 ? 5.020   -0.053  -5.158  1.00 23.39 ? 100 ALA A CB  1 
ATOM   741  N  N   . ARG A 1 103 ? 5.268   2.499   -6.944  1.00 25.61 ? 101 ARG A N   1 
ATOM   742  C  CA  . ARG A 1 103 ? 5.896   3.782   -7.277  1.00 27.35 ? 101 ARG A CA  1 
ATOM   743  C  C   . ARG A 1 103 ? 4.845   4.886   -7.272  1.00 26.77 ? 101 ARG A C   1 
ATOM   744  O  O   . ARG A 1 103 ? 5.057   5.962   -6.703  1.00 27.45 ? 101 ARG A O   1 
ATOM   745  C  CB  . ARG A 1 103 ? 6.573   3.683   -8.634  1.00 27.80 ? 101 ARG A CB  1 
ATOM   746  C  CG  . ARG A 1 103 ? 7.721   4.618   -8.782  1.00 33.47 ? 101 ARG A CG  1 
ATOM   747  C  CD  . ARG A 1 103 ? 8.393   4.370   -10.136 1.00 35.01 ? 101 ARG A CD  1 
ATOM   748  N  NE  . ARG A 1 103 ? 9.281   3.213   -10.060 1.00 33.56 ? 101 ARG A NE  1 
ATOM   749  C  CZ  . ARG A 1 103 ? 9.043   2.026   -10.599 1.00 35.67 ? 101 ARG A CZ  1 
ATOM   750  N  NH1 . ARG A 1 103 ? 7.926   1.812   -11.273 1.00 40.79 ? 101 ARG A NH1 1 
ATOM   751  N  NH2 . ARG A 1 103 ? 9.931   1.040   -10.451 1.00 38.52 ? 101 ARG A NH2 1 
ATOM   752  N  N   . PHE A 1 104 ? 3.698   4.599   -7.887  1.00 27.25 ? 102 PHE A N   1 
ATOM   753  C  CA  . PHE A 1 104 ? 2.627   5.580   -8.017  1.00 26.94 ? 102 PHE A CA  1 
ATOM   754  C  C   . PHE A 1 104 ? 2.156   6.001   -6.629  1.00 28.03 ? 102 PHE A C   1 
ATOM   755  O  O   . PHE A 1 104 ? 2.059   7.200   -6.335  1.00 28.73 ? 102 PHE A O   1 
ATOM   756  C  CB  . PHE A 1 104 ? 1.460   5.006   -8.826  1.00 26.97 ? 102 PHE A CB  1 
ATOM   757  C  CG  . PHE A 1 104 ? 0.254   5.898   -8.857  1.00 26.73 ? 102 PHE A CG  1 
ATOM   758  C  CD1 . PHE A 1 104 ? 0.182   6.967   -9.780  1.00 27.81 ? 102 PHE A CD1 1 
ATOM   759  C  CD2 . PHE A 1 104 ? -0.818  5.676   -7.993  1.00 25.22 ? 102 PHE A CD2 1 
ATOM   760  C  CE1 . PHE A 1 104 ? -0.923  7.806   -9.806  1.00 26.32 ? 102 PHE A CE1 1 
ATOM   761  C  CE2 . PHE A 1 104 ? -1.952  6.505   -8.011  1.00 28.48 ? 102 PHE A CE2 1 
ATOM   762  C  CZ  . PHE A 1 104 ? -1.995  7.589   -8.944  1.00 28.09 ? 102 PHE A CZ  1 
ATOM   763  N  N   . ILE A 1 105 ? 1.899   5.027   -5.753  1.00 27.27 ? 103 ILE A N   1 
ATOM   764  C  CA  . ILE A 1 105 ? 1.428   5.314   -4.404  1.00 29.41 ? 103 ILE A CA  1 
ATOM   765  C  C   . ILE A 1 105 ? 2.444   6.172   -3.631  1.00 29.84 ? 103 ILE A C   1 
ATOM   766  O  O   . ILE A 1 105 ? 2.060   7.098   -2.943  1.00 30.39 ? 103 ILE A O   1 
ATOM   767  C  CB  . ILE A 1 105 ? 1.143   4.005   -3.595  1.00 28.90 ? 103 ILE A CB  1 
ATOM   768  C  CG1 . ILE A 1 105 ? -0.125  3.330   -4.120  1.00 30.99 ? 103 ILE A CG1 1 
ATOM   769  C  CG2 . ILE A 1 105 ? 0.973   4.318   -2.082  1.00 30.01 ? 103 ILE A CG2 1 
ATOM   770  C  CD1 . ILE A 1 105 ? -0.336  1.965   -3.530  1.00 32.66 ? 103 ILE A CD1 1 
ATOM   771  N  N   . LEU A 1 106 ? 3.732   5.849   -3.759  1.00 31.41 ? 104 LEU A N   1 
ATOM   772  C  CA  . LEU A 1 106 ? 4.789   6.532   -3.022  1.00 33.38 ? 104 LEU A CA  1 
ATOM   773  C  C   . LEU A 1 106 ? 4.945   7.981   -3.457  1.00 35.16 ? 104 LEU A C   1 
ATOM   774  O  O   . LEU A 1 106 ? 5.511   8.789   -2.713  1.00 36.23 ? 104 LEU A O   1 
ATOM   775  C  CB  . LEU A 1 106 ? 6.127   5.776   -3.151  1.00 33.74 ? 104 LEU A CB  1 
ATOM   776  C  CG  . LEU A 1 106 ? 6.230   4.444   -2.421  1.00 34.68 ? 104 LEU A CG  1 
ATOM   777  C  CD1 . LEU A 1 106 ? 7.621   3.874   -2.643  1.00 37.66 ? 104 LEU A CD1 1 
ATOM   778  C  CD2 . LEU A 1 106 ? 5.925   4.617   -0.931  1.00 35.93 ? 104 LEU A CD2 1 
ATOM   779  N  N   . HIS A 1 107 ? 4.445   8.328   -4.643  1.00 36.13 ? 105 HIS A N   1 
ATOM   780  C  CA  . HIS A 1 107 ? 4.620   9.695   -5.141  1.00 38.00 ? 105 HIS A CA  1 
ATOM   781  C  C   . HIS A 1 107 ? 3.340   10.525  -5.214  1.00 37.65 ? 105 HIS A C   1 
ATOM   782  O  O   . HIS A 1 107 ? 3.385   11.712  -5.565  1.00 38.74 ? 105 HIS A O   1 
ATOM   783  C  CB  . HIS A 1 107 ? 5.366   9.671   -6.468  1.00 38.61 ? 105 HIS A CB  1 
ATOM   784  C  CG  . HIS A 1 107 ? 6.746   9.094   -6.356  1.00 42.30 ? 105 HIS A CG  1 
ATOM   785  N  ND1 . HIS A 1 107 ? 7.259   8.195   -7.269  1.00 44.66 ? 105 HIS A ND1 1 
ATOM   786  C  CD2 . HIS A 1 107 ? 7.719   9.289   -5.428  1.00 43.76 ? 105 HIS A CD2 1 
ATOM   787  C  CE1 . HIS A 1 107 ? 8.492   7.871   -6.916  1.00 46.02 ? 105 HIS A CE1 1 
ATOM   788  N  NE2 . HIS A 1 107 ? 8.796   8.522   -5.805  1.00 46.47 ? 105 HIS A NE2 1 
ATOM   789  N  N   . SER A 1 108 ? 2.209   9.930   -4.836  1.00 36.67 ? 106 SER A N   1 
ATOM   790  C  CA  . SER A 1 108 ? 0.906   10.544  -5.121  1.00 35.98 ? 106 SER A CA  1 
ATOM   791  C  C   . SER A 1 108 ? 0.032   10.954  -3.926  1.00 35.70 ? 106 SER A C   1 
ATOM   792  O  O   . SER A 1 108 ? -1.055  11.501  -4.123  1.00 35.68 ? 106 SER A O   1 
ATOM   793  C  CB  . SER A 1 108 ? 0.092   9.631   -6.044  1.00 35.93 ? 106 SER A CB  1 
ATOM   794  O  OG  . SER A 1 108 ? 0.787   9.402   -7.256  1.00 35.14 ? 106 SER A OG  1 
ATOM   795  N  N   . ARG A 1 109 ? 0.465   10.675  -2.701  1.00 35.48 ? 107 ARG A N   1 
ATOM   796  C  CA  . ARG A 1 109 ? -0.434  10.907  -1.563  1.00 35.77 ? 107 ARG A CA  1 
ATOM   797  C  C   . ARG A 1 109 ? -0.852  12.377  -1.437  1.00 35.54 ? 107 ARG A C   1 
ATOM   798  O  O   . ARG A 1 109 ? -2.036  12.668  -1.296  1.00 35.81 ? 107 ARG A O   1 
ATOM   799  C  CB  . ARG A 1 109 ? 0.175   10.430  -0.249  1.00 35.13 ? 107 ARG A CB  1 
ATOM   800  C  CG  . ARG A 1 109 ? -0.872  10.224  0.816   1.00 36.02 ? 107 ARG A CG  1 
ATOM   801  C  CD  . ARG A 1 109 ? -0.280  10.050  2.204   1.00 34.73 ? 107 ARG A CD  1 
ATOM   802  N  NE  . ARG A 1 109 ? -1.338  9.905   3.203   1.00 34.83 ? 107 ARG A NE  1 
ATOM   803  C  CZ  . ARG A 1 109 ? -2.005  10.923  3.741   1.00 38.99 ? 107 ARG A CZ  1 
ATOM   804  N  NH1 . ARG A 1 109 ? -1.725  12.175  3.379   1.00 40.16 ? 107 ARG A NH1 1 
ATOM   805  N  NH2 . ARG A 1 109 ? -2.958  10.704  4.638   1.00 38.35 ? 107 ARG A NH2 1 
ATOM   806  N  N   . GLY A 1 110 ? 0.124   13.281  -1.499  1.00 36.53 ? 108 GLY A N   1 
ATOM   807  C  CA  . GLY A 1 110 ? -0.117  14.728  -1.353  1.00 37.19 ? 108 GLY A CA  1 
ATOM   808  C  C   . GLY A 1 110 ? -1.200  15.220  -2.289  1.00 37.63 ? 108 GLY A C   1 
ATOM   809  O  O   . GLY A 1 110 ? -2.160  15.915  -1.876  1.00 38.57 ? 108 GLY A O   1 
ATOM   810  N  N   . ARG A 1 111 ? -1.058  14.826  -3.550  1.00 37.25 ? 109 ARG A N   1 
ATOM   811  C  CA  . ARG A 1 111 ? -2.006  15.177  -4.586  1.00 36.68 ? 109 ARG A CA  1 
ATOM   812  C  C   . ARG A 1 111 ? -3.422  14.684  -4.265  1.00 36.38 ? 109 ARG A C   1 
ATOM   813  O  O   . ARG A 1 111 ? -4.381  15.430  -4.385  1.00 35.78 ? 109 ARG A O   1 
ATOM   814  C  CB  . ARG A 1 111 ? -1.501  14.668  -5.932  1.00 36.78 ? 109 ARG A CB  1 
ATOM   815  C  CG  . ARG A 1 111 ? -2.369  15.080  -7.106  1.00 37.60 ? 109 ARG A CG  1 
ATOM   816  C  CD  . ARG A 1 111 ? -1.645  14.930  -8.411  1.00 38.51 ? 109 ARG A CD  1 
ATOM   817  N  NE  . ARG A 1 111 ? -2.553  15.089  -9.550  1.00 40.95 ? 109 ARG A NE  1 
ATOM   818  C  CZ  . ARG A 1 111 ? -2.146  15.355  -10.788 1.00 41.60 ? 109 ARG A CZ  1 
ATOM   819  N  NH1 . ARG A 1 111 ? -0.855  15.505  -11.035 1.00 42.52 ? 109 ARG A NH1 1 
ATOM   820  N  NH2 . ARG A 1 111 ? -3.031  15.477  -11.774 1.00 42.63 ? 109 ARG A NH2 1 
ATOM   821  N  N   . VAL A 1 112 ? -3.555  13.431  -3.818  1.00 35.31 ? 110 VAL A N   1 
ATOM   822  C  CA  . VAL A 1 112 ? -4.870  12.879  -3.507  1.00 35.11 ? 110 VAL A CA  1 
ATOM   823  C  C   . VAL A 1 112 ? -5.500  13.528  -2.258  1.00 36.22 ? 110 VAL A C   1 
ATOM   824  O  O   . VAL A 1 112 ? -6.707  13.760  -2.218  1.00 34.82 ? 110 VAL A O   1 
ATOM   825  C  CB  . VAL A 1 112 ? -4.793  11.330  -3.301  1.00 34.21 ? 110 VAL A CB  1 
ATOM   826  C  CG1 . VAL A 1 112 ? -6.169  10.758  -2.870  1.00 34.18 ? 110 VAL A CG1 1 
ATOM   827  C  CG2 . VAL A 1 112 ? -4.308  10.687  -4.555  1.00 33.37 ? 110 VAL A CG2 1 
ATOM   828  N  N   . GLU A 1 113 ? -4.683  13.770  -1.231  1.00 38.62 ? 111 GLU A N   1 
ATOM   829  C  CA  . GLU A 1 113 ? -5.208  14.323  0.014   1.00 42.03 ? 111 GLU A CA  1 
ATOM   830  C  C   . GLU A 1 113 ? -5.667  15.773  -0.219  1.00 42.41 ? 111 GLU A C   1 
ATOM   831  O  O   . GLU A 1 113 ? -6.670  16.217  0.354   1.00 42.77 ? 111 GLU A O   1 
ATOM   832  C  CB  . GLU A 1 113 ? -4.204  14.184  1.182   1.00 42.31 ? 111 GLU A CB  1 
ATOM   833  C  CG  . GLU A 1 113 ? -2.791  14.687  0.895   1.00 45.08 ? 111 GLU A CG  1 
ATOM   834  C  CD  . GLU A 1 113 ? -1.875  14.768  2.140   1.00 45.94 ? 111 GLU A CD  1 
ATOM   835  O  OE1 . GLU A 1 113 ? -2.328  15.302  3.188   1.00 52.41 ? 111 GLU A OE1 1 
ATOM   836  O  OE2 . GLU A 1 113 ? -0.695  14.318  2.062   1.00 50.56 ? 111 GLU A OE2 1 
ATOM   837  N  N   . ALA A 1 114 ? -4.978  16.462  -1.128  1.00 43.08 ? 112 ALA A N   1 
ATOM   838  C  CA  . ALA A 1 114 ? -5.287  17.863  -1.459  1.00 44.03 ? 112 ALA A CA  1 
ATOM   839  C  C   . ALA A 1 114 ? -6.629  18.028  -2.173  1.00 44.15 ? 112 ALA A C   1 
ATOM   840  O  O   . ALA A 1 114 ? -7.292  19.052  -2.013  1.00 45.57 ? 112 ALA A O   1 
ATOM   841  C  CB  . ALA A 1 114 ? -4.171  18.472  -2.282  1.00 43.86 ? 112 ALA A CB  1 
ATOM   842  N  N   . GLY A 1 115 ? -7.033  17.015  -2.937  1.00 43.73 ? 113 GLY A N   1 
ATOM   843  C  CA  . GLY A 1 115 ? -8.227  17.083  -3.780  1.00 42.75 ? 113 GLY A CA  1 
ATOM   844  C  C   . GLY A 1 115 ? -9.511  16.606  -3.144  1.00 42.34 ? 113 GLY A C   1 
ATOM   845  O  O   . GLY A 1 115 ? -9.665  16.644  -1.919  1.00 42.53 ? 113 GLY A O   1 
ATOM   846  N  N   . GLU A 1 116 ? -10.421 16.129  -3.987  1.00 41.83 ? 114 GLU A N   1 
ATOM   847  C  CA  . GLU A 1 116 ? -11.809 15.825  -3.604  1.00 42.00 ? 114 GLU A CA  1 
ATOM   848  C  C   . GLU A 1 116 ? -11.999 14.458  -2.955  1.00 40.67 ? 114 GLU A C   1 
ATOM   849  O  O   . GLU A 1 116 ? -13.066 14.160  -2.405  1.00 39.30 ? 114 GLU A O   1 
ATOM   850  C  CB  . GLU A 1 116 ? -12.735 15.942  -4.821  1.00 42.16 ? 114 GLU A CB  1 
ATOM   851  C  CG  . GLU A 1 116 ? -12.923 17.392  -5.285  1.00 44.75 ? 114 GLU A CG  1 
ATOM   852  C  CD  . GLU A 1 116 ? -14.056 17.582  -6.278  1.00 45.24 ? 114 GLU A CD  1 
ATOM   853  O  OE1 . GLU A 1 116 ? -14.608 16.578  -6.791  1.00 47.90 ? 114 GLU A OE1 1 
ATOM   854  O  OE2 . GLU A 1 116 ? -14.389 18.768  -6.550  1.00 50.43 ? 114 GLU A OE2 1 
ATOM   855  N  N   . LEU A 1 117 ? -10.976 13.617  -3.055  1.00 39.49 ? 115 LEU A N   1 
ATOM   856  C  CA  . LEU A 1 117 ? -11.043 12.294  -2.420  1.00 39.13 ? 115 LEU A CA  1 
ATOM   857  C  C   . LEU A 1 117 ? -10.331 12.298  -1.076  1.00 39.11 ? 115 LEU A C   1 
ATOM   858  O  O   . LEU A 1 117 ? -10.097 11.233  -0.493  1.00 38.52 ? 115 LEU A O   1 
ATOM   859  C  CB  . LEU A 1 117 ? -10.490 11.203  -3.358  1.00 38.94 ? 115 LEU A CB  1 
ATOM   860  C  CG  . LEU A 1 117 ? -11.519 10.421  -4.194  1.00 40.22 ? 115 LEU A CG  1 
ATOM   861  C  CD1 . LEU A 1 117 ? -12.625 11.309  -4.779  1.00 37.46 ? 115 LEU A CD1 1 
ATOM   862  C  CD2 . LEU A 1 117 ? -10.864 9.586   -5.296  1.00 38.73 ? 115 LEU A CD2 1 
ATOM   863  N  N   . GLY A 1 118 ? -10.024 13.496  -0.573  1.00 38.37 ? 116 GLY A N   1 
ATOM   864  C  CA  . GLY A 1 118 ? -9.308  13.665  0.699   1.00 38.48 ? 116 GLY A CA  1 
ATOM   865  C  C   . GLY A 1 118 ? -10.046 13.091  1.904   1.00 38.74 ? 116 GLY A C   1 
ATOM   866  O  O   . GLY A 1 118 ? -9.428  12.481  2.789   1.00 38.00 ? 116 GLY A O   1 
ATOM   867  N  N   . GLU A 1 119 ? -11.364 13.279  1.934   1.00 38.29 ? 117 GLU A N   1 
ATOM   868  C  CA  . GLU A 1 119 ? -12.206 12.776  3.011   1.00 39.29 ? 117 GLU A CA  1 
ATOM   869  C  C   . GLU A 1 119 ? -12.210 11.253  3.031   1.00 38.25 ? 117 GLU A C   1 
ATOM   870  O  O   . GLU A 1 119 ? -12.119 10.619  4.103   1.00 38.11 ? 117 GLU A O   1 
ATOM   871  C  CB  . GLU A 1 119 ? -13.642 13.293  2.845   1.00 40.04 ? 117 GLU A CB  1 
ATOM   872  C  CG  . GLU A 1 119 ? -13.852 14.726  3.340   1.00 45.31 ? 117 GLU A CG  1 
ATOM   873  C  CD  . GLU A 1 119 ? -13.360 15.817  2.369   1.00 51.33 ? 117 GLU A CD  1 
ATOM   874  O  OE1 . GLU A 1 119 ? -13.016 15.517  1.189   1.00 53.50 ? 117 GLU A OE1 1 
ATOM   875  O  OE2 . GLU A 1 119 ? -13.344 17.000  2.801   1.00 54.22 ? 117 GLU A OE2 1 
ATOM   876  N  N   . ARG A 1 120 ? -12.315 10.669  1.837   1.00 36.70 ? 118 ARG A N   1 
ATOM   877  C  CA  . ARG A 1 120 ? -12.334 9.220   1.702   1.00 35.86 ? 118 ARG A CA  1 
ATOM   878  C  C   . ARG A 1 120 ? -10.996 8.629   2.076   1.00 34.63 ? 118 ARG A C   1 
ATOM   879  O  O   . ARG A 1 120 ? -10.948 7.552   2.679   1.00 33.92 ? 118 ARG A O   1 
ATOM   880  C  CB  . ARG A 1 120 ? -12.687 8.814   0.291   1.00 35.84 ? 118 ARG A CB  1 
ATOM   881  C  CG  . ARG A 1 120 ? -14.168 8.728   0.055   1.00 38.46 ? 118 ARG A CG  1 
ATOM   882  C  CD  . ARG A 1 120 ? -14.449 8.436   -1.388  1.00 39.36 ? 118 ARG A CD  1 
ATOM   883  N  NE  . ARG A 1 120 ? -13.938 7.131   -1.797  1.00 41.43 ? 118 ARG A NE  1 
ATOM   884  C  CZ  . ARG A 1 120 ? -13.861 6.709   -3.058  1.00 42.77 ? 118 ARG A CZ  1 
ATOM   885  N  NH1 . ARG A 1 120 ? -14.273 7.489   -4.064  1.00 40.98 ? 118 ARG A NH1 1 
ATOM   886  N  NH2 . ARG A 1 120 ? -13.364 5.498   -3.319  1.00 40.08 ? 118 ARG A NH2 1 
ATOM   887  N  N   . LEU A 1 121 ? -9.924  9.318   1.691   1.00 33.39 ? 119 LEU A N   1 
ATOM   888  C  CA  . LEU A 1 121 ? -8.572  8.901   2.074   1.00 33.50 ? 119 LEU A CA  1 
ATOM   889  C  C   . LEU A 1 121 ? -8.439  8.878   3.612   1.00 33.62 ? 119 LEU A C   1 
ATOM   890  O  O   . LEU A 1 121 ? -7.945  7.892   4.178   1.00 31.94 ? 119 LEU A O   1 
ATOM   891  C  CB  . LEU A 1 121 ? -7.497  9.779   1.415   1.00 32.61 ? 119 LEU A CB  1 
ATOM   892  C  CG  . LEU A 1 121 ? -6.015  9.549   1.759   1.00 33.52 ? 119 LEU A CG  1 
ATOM   893  C  CD1 . LEU A 1 121 ? -5.610  8.038   1.695   1.00 32.86 ? 119 LEU A CD1 1 
ATOM   894  C  CD2 . LEU A 1 121 ? -5.059  10.410  0.934   1.00 34.47 ? 119 LEU A CD2 1 
ATOM   895  N  N   . ARG A 1 122 ? -8.916  9.929   4.278   1.00 33.37 ? 120 ARG A N   1 
ATOM   896  C  CA  . ARG A 1 122 ? -8.878  9.978   5.753   1.00 34.38 ? 120 ARG A CA  1 
ATOM   897  C  C   . ARG A 1 122 ? -9.670  8.837   6.401   1.00 32.56 ? 120 ARG A C   1 
ATOM   898  O  O   . ARG A 1 122 ? -9.171  8.194   7.350   1.00 32.45 ? 120 ARG A O   1 
ATOM   899  C  CB  . ARG A 1 122 ? -9.368  11.328  6.309   1.00 34.20 ? 120 ARG A CB  1 
ATOM   900  C  CG  . ARG A 1 122 ? -8.441  12.512  6.075   1.00 38.38 ? 120 ARG A CG  1 
ATOM   901  C  CD  . ARG A 1 122 ? -9.074  13.818  6.649   1.00 38.50 ? 120 ARG A CD  1 
ATOM   902  N  NE  . ARG A 1 122 ? -9.447  13.688  8.068   1.00 47.10 ? 120 ARG A NE  1 
ATOM   903  C  CZ  . ARG A 1 122 ? -8.597  13.747  9.099   1.00 50.60 ? 120 ARG A CZ  1 
ATOM   904  N  NH1 . ARG A 1 122 ? -7.291  13.919  8.903   1.00 52.83 ? 120 ARG A NH1 1 
ATOM   905  N  NH2 . ARG A 1 122 ? -9.055  13.626  10.342  1.00 53.23 ? 120 ARG A NH2 1 
ATOM   906  N  N   . ALA A 1 123 ? -10.898 8.607   5.921   1.00 31.01 ? 121 ALA A N   1 
ATOM   907  C  CA  . ALA A 1 123 ? -11.749 7.531   6.418   1.00 30.53 ? 121 ALA A CA  1 
ATOM   908  C  C   . ALA A 1 123 ? -11.131 6.138   6.169   1.00 29.41 ? 121 ALA A C   1 
ATOM   909  O  O   . ALA A 1 123 ? -11.148 5.257   7.071   1.00 28.78 ? 121 ALA A O   1 
ATOM   910  C  CB  . ALA A 1 123 ? -13.131 7.625   5.781   1.00 30.69 ? 121 ALA A CB  1 
ATOM   911  N  N   . ASP A 1 124 ? -10.578 5.938   4.965   1.00 28.48 ? 122 ASP A N   1 
ATOM   912  C  CA  . ASP A 1 124 ? -9.896  4.672   4.637   1.00 28.81 ? 122 ASP A CA  1 
ATOM   913  C  C   . ASP A 1 124 ? -8.712  4.468   5.568   1.00 27.66 ? 122 ASP A C   1 
ATOM   914  O  O   . ASP A 1 124 ? -8.568  3.380   6.150   1.00 27.29 ? 122 ASP A O   1 
ATOM   915  C  CB  . ASP A 1 124 ? -9.406  4.640   3.180   1.00 29.12 ? 122 ASP A CB  1 
ATOM   916  C  CG  . ASP A 1 124 ? -10.523 4.377   2.198   1.00 32.18 ? 122 ASP A CG  1 
ATOM   917  O  OD1 . ASP A 1 124 ? -11.692 4.331   2.640   1.00 34.03 ? 122 ASP A OD1 1 
ATOM   918  O  OD2 . ASP A 1 124 ? -10.228 4.222   0.989   1.00 32.03 ? 122 ASP A OD2 1 
ATOM   919  N  N   . ASN A 1 125 ? -7.856  5.487   5.675   1.00 26.57 ? 123 ASN A N   1 
ATOM   920  C  CA  . ASN A 1 125 ? -6.695  5.441   6.577   1.00 27.72 ? 123 ASN A CA  1 
ATOM   921  C  C   . ASN A 1 125 ? -7.129  5.106   8.014   1.00 27.42 ? 123 ASN A C   1 
ATOM   922  O  O   . ASN A 1 125 ? -6.514  4.257   8.685   1.00 25.91 ? 123 ASN A O   1 
ATOM   923  C  CB  . ASN A 1 125 ? -5.965  6.781   6.617   1.00 28.92 ? 123 ASN A CB  1 
ATOM   924  C  CG  . ASN A 1 125 ? -5.130  7.054   5.384   1.00 31.08 ? 123 ASN A CG  1 
ATOM   925  O  OD1 . ASN A 1 125 ? -4.808  8.322   5.184   1.00 31.98 ? 123 ASN A OD1 1 
ATOM   926  N  ND2 . ASN A 1 125 ? -4.776  6.152   4.628   1.00 32.91 ? 123 ASN A ND2 1 
ATOM   927  N  N   . GLN A 1 126 ? -8.189  5.770   8.489   1.00 27.47 ? 124 GLN A N   1 
ATOM   928  C  CA  . GLN A 1 126 ? -8.703  5.498   9.845   1.00 28.03 ? 124 GLN A CA  1 
ATOM   929  C  C   . GLN A 1 126 ? -9.143  4.028   10.023  1.00 25.83 ? 124 GLN A C   1 
ATOM   930  O  O   . GLN A 1 126 ? -8.832  3.387   11.056  1.00 24.18 ? 124 GLN A O   1 
ATOM   931  C  CB  . GLN A 1 126 ? -9.866  6.466   10.147  1.00 28.92 ? 124 GLN A CB  1 
ATOM   932  C  CG  . GLN A 1 126 ? -10.505 6.413   11.539  1.00 32.90 ? 124 GLN A CG  1 
ATOM   933  C  CD  . GLN A 1 126 ? -11.428 7.641   11.779  1.00 34.11 ? 124 GLN A CD  1 
ATOM   934  O  OE1 . GLN A 1 126 ? -12.032 8.173   10.831  1.00 43.19 ? 124 GLN A OE1 1 
ATOM   935  N  NE2 . GLN A 1 126 ? -11.506 8.112   13.041  1.00 40.26 ? 124 GLN A NE2 1 
ATOM   936  N  N   . ALA A 1 127 ? -9.872  3.499   9.046   1.00 24.10 ? 125 ALA A N   1 
ATOM   937  C  CA  . ALA A 1 127 ? -10.347 2.114   9.112   1.00 24.36 ? 125 ALA A CA  1 
ATOM   938  C  C   . ALA A 1 127 ? -9.146  1.163   9.129   1.00 22.80 ? 125 ALA A C   1 
ATOM   939  O  O   . ALA A 1 127 ? -9.129  0.176   9.870   1.00 22.96 ? 125 ALA A O   1 
ATOM   940  C  CB  . ALA A 1 127 ? -11.259 1.780   7.919   1.00 23.60 ? 125 ALA A CB  1 
ATOM   941  N  N   . HIS A 1 128 ? -8.150  1.472   8.316   1.00 22.59 ? 126 HIS A N   1 
ATOM   942  C  CA  . HIS A 1 128 ? -6.962  0.576   8.197   1.00 22.85 ? 126 HIS A CA  1 
ATOM   943  C  C   . HIS A 1 128 ? -6.205  0.518   9.502   1.00 22.25 ? 126 HIS A C   1 
ATOM   944  O  O   . HIS A 1 128 ? -5.902  -0.586  9.995   1.00 21.76 ? 126 HIS A O   1 
ATOM   945  C  CB  . HIS A 1 128 ? -6.065  1.006   7.033   1.00 23.63 ? 126 HIS A CB  1 
ATOM   946  C  CG  . HIS A 1 128 ? -6.765  0.965   5.714   1.00 24.29 ? 126 HIS A CG  1 
ATOM   947  N  ND1 . HIS A 1 128 ? -6.323  1.670   4.611   1.00 27.18 ? 126 HIS A ND1 1 
ATOM   948  C  CD2 . HIS A 1 128 ? -7.888  0.320   5.325   1.00 27.68 ? 126 HIS A CD2 1 
ATOM   949  C  CE1 . HIS A 1 128 ? -7.139  1.438   3.593   1.00 27.67 ? 126 HIS A CE1 1 
ATOM   950  N  NE2 . HIS A 1 128 ? -8.100  0.630   4.001   1.00 27.64 ? 126 HIS A NE2 1 
ATOM   951  N  N   . PHE A 1 129 ? -5.968  1.689   10.084  1.00 21.49 ? 127 PHE A N   1 
ATOM   952  C  CA  . PHE A 1 129 ? -5.259  1.805   11.373  1.00 21.35 ? 127 PHE A CA  1 
ATOM   953  C  C   . PHE A 1 129 ? -6.045  1.073   12.444  1.00 20.35 ? 127 PHE A C   1 
ATOM   954  O  O   . PHE A 1 129 ? -5.490  0.397   13.298  1.00 20.52 ? 127 PHE A O   1 
ATOM   955  C  CB  . PHE A 1 129 ? -5.094  3.281   11.790  1.00 23.39 ? 127 PHE A CB  1 
ATOM   956  C  CG  . PHE A 1 129 ? -4.980  3.474   13.269  1.00 27.77 ? 127 PHE A CG  1 
ATOM   957  C  CD1 . PHE A 1 129 ? -3.752  3.364   13.907  1.00 32.36 ? 127 PHE A CD1 1 
ATOM   958  C  CD2 . PHE A 1 129 ? -6.118  3.735   14.053  1.00 31.17 ? 127 PHE A CD2 1 
ATOM   959  C  CE1 . PHE A 1 129 ? -3.641  3.498   15.274  1.00 31.76 ? 127 PHE A CE1 1 
ATOM   960  C  CE2 . PHE A 1 129 ? -6.016  3.872   15.430  1.00 32.18 ? 127 PHE A CE2 1 
ATOM   961  C  CZ  . PHE A 1 129 ? -4.752  3.763   16.042  1.00 30.37 ? 127 PHE A CZ  1 
ATOM   962  N  N   . ALA A 1 130 ? -7.356  1.224   12.415  1.00 19.63 ? 128 ALA A N   1 
ATOM   963  C  CA  . ALA A 1 130 ? -8.165  0.615   13.454  1.00 20.67 ? 128 ALA A CA  1 
ATOM   964  C  C   . ALA A 1 130 ? -8.106  -0.901  13.450  1.00 19.98 ? 128 ALA A C   1 
ATOM   965  O  O   . ALA A 1 130 ? -8.059  -1.537  14.509  1.00 19.91 ? 128 ALA A O   1 
ATOM   966  C  CB  . ALA A 1 130 ? -9.591  1.116   13.376  1.00 20.57 ? 128 ALA A CB  1 
ATOM   967  N  N   . ARG A 1 131 ? -8.054  -1.479  12.248  1.00 18.76 ? 129 ARG A N   1 
ATOM   968  C  CA  . ARG A 1 131 ? -7.983  -2.933  12.123  1.00 18.05 ? 129 ARG A CA  1 
ATOM   969  C  C   . ARG A 1 131 ? -6.617  -3.432  12.633  1.00 16.42 ? 129 ARG A C   1 
ATOM   970  O  O   . ARG A 1 131 ? -6.522  -4.464  13.308  1.00 17.14 ? 129 ARG A O   1 
ATOM   971  C  CB  . ARG A 1 131 ? -8.215  -3.310  10.649  1.00 18.30 ? 129 ARG A CB  1 
ATOM   972  C  CG  . ARG A 1 131 ? -8.075  -4.795  10.383  1.00 22.14 ? 129 ARG A CG  1 
ATOM   973  C  CD  . ARG A 1 131 ? -9.171  -5.578  11.128  1.00 29.36 ? 129 ARG A CD  1 
ATOM   974  N  NE  . ARG A 1 131 ? -9.133  -7.055  11.091  1.00 30.44 ? 129 ARG A NE  1 
ATOM   975  C  CZ  . ARG A 1 131 ? -8.595  -7.793  12.058  1.00 33.02 ? 129 ARG A CZ  1 
ATOM   976  N  NH1 . ARG A 1 131 ? -7.987  -7.190  13.078  1.00 29.55 ? 129 ARG A NH1 1 
ATOM   977  N  NH2 . ARG A 1 131 ? -8.632  -9.132  11.994  1.00 30.20 ? 129 ARG A NH2 1 
ATOM   978  N  N   . ILE A 1 132 ? -5.547  -2.737  12.268  1.00 16.62 ? 130 ILE A N   1 
ATOM   979  C  CA  . ILE A 1 132 ? -4.219  -3.116  12.732  1.00 16.61 ? 130 ILE A CA  1 
ATOM   980  C  C   . ILE A 1 132 ? -4.124  -2.977  14.261  1.00 16.39 ? 130 ILE A C   1 
ATOM   981  O  O   . ILE A 1 132 ? -3.660  -3.899  14.970  1.00 15.67 ? 130 ILE A O   1 
ATOM   982  C  CB  . ILE A 1 132 ? -3.137  -2.295  12.044  1.00 16.13 ? 130 ILE A CB  1 
ATOM   983  C  CG1 . ILE A 1 132 ? -3.125  -2.608  10.533  1.00 18.32 ? 130 ILE A CG1 1 
ATOM   984  C  CG2 . ILE A 1 132 ? -1.765  -2.583  12.663  1.00 17.39 ? 130 ILE A CG2 1 
ATOM   985  C  CD1 . ILE A 1 132 ? -2.167  -1.661  9.787   1.00 19.44 ? 130 ILE A CD1 1 
ATOM   986  N  N   . HIS A 1 133 ? -4.627  -1.866  14.786  1.00 17.55 ? 131 HIS A N   1 
ATOM   987  C  CA  . HIS A 1 133 ? -4.628  -1.672  16.249  1.00 17.50 ? 131 HIS A CA  1 
ATOM   988  C  C   . HIS A 1 133 ? -5.388  -2.793  16.949  1.00 17.27 ? 131 HIS A C   1 
ATOM   989  O  O   . HIS A 1 133 ? -4.895  -3.362  17.926  1.00 17.26 ? 131 HIS A O   1 
ATOM   990  C  CB  . HIS A 1 133 ? -5.163  -0.288  16.630  1.00 18.19 ? 131 HIS A CB  1 
ATOM   991  C  CG  . HIS A 1 133 ? -4.940  0.055   18.069  1.00 20.35 ? 131 HIS A CG  1 
ATOM   992  N  ND1 . HIS A 1 133 ? -5.768  -0.403  19.081  1.00 23.30 ? 131 HIS A ND1 1 
ATOM   993  C  CD2 . HIS A 1 133 ? -3.979  0.797   18.671  1.00 21.75 ? 131 HIS A CD2 1 
ATOM   994  C  CE1 . HIS A 1 133 ? -5.318  0.043   20.245  1.00 24.77 ? 131 HIS A CE1 1 
ATOM   995  N  NE2 . HIS A 1 133 ? -4.230  0.771   20.028  1.00 21.89 ? 131 HIS A NE2 1 
ATOM   996  N  N   . ALA A 1 134 ? -6.551  -3.190  16.407  1.00 17.60 ? 132 ALA A N   1 
ATOM   997  C  CA  . ALA A 1 134 ? -7.309  -4.315  16.995  1.00 16.84 ? 132 ALA A CA  1 
ATOM   998  C  C   . ALA A 1 134 ? -6.565  -5.624  16.915  1.00 16.53 ? 132 ALA A C   1 
ATOM   999  O  O   . ALA A 1 134 ? -6.592  -6.397  17.875  1.00 16.43 ? 132 ALA A O   1 
ATOM   1000 C  CB  . ALA A 1 134 ? -8.695  -4.427  16.340  1.00 17.84 ? 132 ALA A CB  1 
ATOM   1001 N  N   . ALA A 1 135 ? -5.829  -5.851  15.810  1.00 15.54 ? 133 ALA A N   1 
ATOM   1002 C  CA  . ALA A 1 135 ? -5.070  -7.099  15.658  1.00 16.17 ? 133 ALA A CA  1 
ATOM   1003 C  C   . ALA A 1 135 ? -3.898  -7.234  16.639  1.00 15.09 ? 133 ALA A C   1 
ATOM   1004 O  O   . ALA A 1 135 ? -3.456  -8.332  16.954  1.00 16.60 ? 133 ALA A O   1 
ATOM   1005 C  CB  . ALA A 1 135 ? -4.544  -7.227  14.221  1.00 16.06 ? 133 ALA A CB  1 
ATOM   1006 N  N   . LEU A 1 136 ? -3.336  -6.095  17.044  1.00 15.49 ? 134 LEU A N   1 
ATOM   1007 C  CA  . LEU A 1 136 ? -2.138  -6.120  17.880  1.00 16.98 ? 134 LEU A CA  1 
ATOM   1008 C  C   . LEU A 1 136 ? -2.459  -6.064  19.346  1.00 17.18 ? 134 LEU A C   1 
ATOM   1009 O  O   . LEU A 1 136 ? -1.607  -6.395  20.163  1.00 17.41 ? 134 LEU A O   1 
ATOM   1010 C  CB  . LEU A 1 136 ? -1.252  -4.916  17.501  1.00 16.71 ? 134 LEU A CB  1 
ATOM   1011 C  CG  . LEU A 1 136 ? -0.642  -4.978  16.094  1.00 18.30 ? 134 LEU A CG  1 
ATOM   1012 C  CD1 . LEU A 1 136 ? -0.045  -3.659  15.691  1.00 21.06 ? 134 LEU A CD1 1 
ATOM   1013 C  CD2 . LEU A 1 136 ? 0.389   -6.131  16.018  1.00 19.91 ? 134 LEU A CD2 1 
ATOM   1014 N  N   . ALA A 1 137 ? -3.664  -5.594  19.681  1.00 17.03 ? 135 ALA A N   1 
ATOM   1015 C  CA  . ALA A 1 137 ? -3.932  -5.148  21.058  1.00 17.90 ? 135 ALA A CA  1 
ATOM   1016 C  C   . ALA A 1 137 ? -3.850  -6.279  22.107  1.00 17.65 ? 135 ALA A C   1 
ATOM   1017 O  O   . ALA A 1 137 ? -3.313  -6.057  23.250  1.00 18.86 ? 135 ALA A O   1 
ATOM   1018 C  CB  . ALA A 1 137 ? -5.296  -4.428  21.145  1.00 18.70 ? 135 ALA A CB  1 
ATOM   1019 N  N   . GLY A 1 138 ? -4.355  -7.477  21.755  1.00 16.69 ? 136 GLY A N   1 
ATOM   1020 C  CA  . GLY A 1 138 ? -4.333  -8.592  22.742  1.00 16.51 ? 136 GLY A CA  1 
ATOM   1021 C  C   . GLY A 1 138 ? -2.866  -8.987  23.001  1.00 17.25 ? 136 GLY A C   1 
ATOM   1022 O  O   . GLY A 1 138 ? -2.425  -9.200  24.137  1.00 17.09 ? 136 GLY A O   1 
ATOM   1023 N  N   . TYR A 1 139 ? -2.071  -9.060  21.923  1.00 16.73 ? 137 TYR A N   1 
ATOM   1024 C  CA  . TYR A 1 139 ? -0.646  -9.406  22.123  1.00 17.23 ? 137 TYR A CA  1 
ATOM   1025 C  C   . TYR A 1 139 ? 0.066   -8.368  22.981  1.00 17.78 ? 137 TYR A C   1 
ATOM   1026 O  O   . TYR A 1 139 ? 0.928   -8.714  23.782  1.00 18.41 ? 137 TYR A O   1 
ATOM   1027 C  CB  . TYR A 1 139 ? 0.074   -9.568  20.759  1.00 18.25 ? 137 TYR A CB  1 
ATOM   1028 C  CG  . TYR A 1 139 ? -0.557  -10.664 19.902  1.00 17.55 ? 137 TYR A CG  1 
ATOM   1029 C  CD1 . TYR A 1 139 ? -0.674  -11.948 20.384  1.00 17.19 ? 137 TYR A CD1 1 
ATOM   1030 C  CD2 . TYR A 1 139 ? -1.004  -10.386 18.577  1.00 20.76 ? 137 TYR A CD2 1 
ATOM   1031 C  CE1 . TYR A 1 139 ? -1.242  -13.017 19.581  1.00 21.77 ? 137 TYR A CE1 1 
ATOM   1032 C  CE2 . TYR A 1 139 ? -1.577  -11.443 17.773  1.00 20.73 ? 137 TYR A CE2 1 
ATOM   1033 C  CZ  . TYR A 1 139 ? -1.653  -12.745 18.299  1.00 23.29 ? 137 TYR A CZ  1 
ATOM   1034 O  OH  . TYR A 1 139 ? -2.203  -13.824 17.599  1.00 24.83 ? 137 TYR A OH  1 
ATOM   1035 N  N   . ARG A 1 140 ? -0.271  -7.104  22.770  1.00 18.86 ? 138 ARG A N   1 
ATOM   1036 C  CA  . ARG A 1 140 ? 0.359   -6.007  23.510  1.00 20.89 ? 138 ARG A CA  1 
ATOM   1037 C  C   . ARG A 1 140 ? -0.036  -6.193  24.972  1.00 19.76 ? 138 ARG A C   1 
ATOM   1038 O  O   . ARG A 1 140 ? 0.812   -6.106  25.879  1.00 20.07 ? 138 ARG A O   1 
ATOM   1039 C  CB  . ARG A 1 140 ? -0.156  -4.689  22.955  1.00 20.27 ? 138 ARG A CB  1 
ATOM   1040 C  CG  . ARG A 1 140 ? 0.509   -4.335  21.618  1.00 25.74 ? 138 ARG A CG  1 
ATOM   1041 C  CD  . ARG A 1 140 ? -0.144  -3.155  20.852  1.00 26.95 ? 138 ARG A CD  1 
ATOM   1042 N  NE  . ARG A 1 140 ? 0.872   -2.472  20.013  1.00 32.59 ? 138 ARG A NE  1 
ATOM   1043 C  CZ  . ARG A 1 140 ? 0.604   -1.569  19.067  1.00 32.65 ? 138 ARG A CZ  1 
ATOM   1044 N  NH1 . ARG A 1 140 ? -0.635  -1.223  18.776  1.00 31.14 ? 138 ARG A NH1 1 
ATOM   1045 N  NH2 . ARG A 1 140 ? 1.593   -1.006  18.405  1.00 33.86 ? 138 ARG A NH2 1 
ATOM   1046 N  N   . ALA A 1 141 ? -1.311  -6.509  25.215  1.00 19.36 ? 139 ALA A N   1 
ATOM   1047 C  CA  . ALA A 1 141 ? -1.768  -6.734  26.626  1.00 18.83 ? 139 ALA A CA  1 
ATOM   1048 C  C   . ALA A 1 141 ? -1.043  -7.883  27.294  1.00 19.62 ? 139 ALA A C   1 
ATOM   1049 O  O   . ALA A 1 141 ? -0.857  -7.868  28.518  1.00 19.83 ? 139 ALA A O   1 
ATOM   1050 C  CB  . ALA A 1 141 ? -3.294  -6.968  26.705  1.00 17.68 ? 139 ALA A CB  1 
ATOM   1051 N  N   . GLU A 1 142 ? -0.592  -8.860  26.500  1.00 17.64 ? 140 GLU A N   1 
ATOM   1052 C  CA  . GLU A 1 142 ? 0.060   -10.047 27.023  1.00 18.26 ? 140 GLU A CA  1 
ATOM   1053 C  C   . GLU A 1 142 ? 1.572   -9.846  27.298  1.00 17.84 ? 140 GLU A C   1 
ATOM   1054 O  O   . GLU A 1 142 ? 2.253   -10.809 27.714  1.00 20.70 ? 140 GLU A O   1 
ATOM   1055 C  CB  . GLU A 1 142 ? -0.161  -11.201 26.047  1.00 18.72 ? 140 GLU A CB  1 
ATOM   1056 C  CG  . GLU A 1 142 ? -1.650  -11.615 25.975  1.00 19.48 ? 140 GLU A CG  1 
ATOM   1057 C  CD  . GLU A 1 142 ? -1.990  -12.453 24.737  1.00 19.56 ? 140 GLU A CD  1 
ATOM   1058 O  OE1 . GLU A 1 142 ? -1.105  -13.109 24.128  1.00 21.53 ? 140 GLU A OE1 1 
ATOM   1059 O  OE2 . GLU A 1 142 ? -3.195  -12.471 24.383  1.00 18.82 ? 140 GLU A OE2 1 
ATOM   1060 N  N   . GLY A 1 143 ? 2.070   -8.650  26.994  1.00 18.46 ? 141 GLY A N   1 
ATOM   1061 C  CA  . GLY A 1 143 ? 3.452   -8.268  27.272  1.00 19.69 ? 141 GLY A CA  1 
ATOM   1062 C  C   . GLY A 1 143 ? 4.396   -8.895  26.261  1.00 19.66 ? 141 GLY A C   1 
ATOM   1063 O  O   . GLY A 1 143 ? 5.591   -9.128  26.567  1.00 21.32 ? 141 GLY A O   1 
ATOM   1064 N  N   . LEU A 1 144 ? 3.882   -9.194  25.067  1.00 17.74 ? 142 LEU A N   1 
ATOM   1065 C  CA  . LEU A 1 144 ? 4.717   -9.903  24.061  1.00 17.52 ? 142 LEU A CA  1 
ATOM   1066 C  C   . LEU A 1 144 ? 5.657   -8.973  23.317  1.00 18.59 ? 142 LEU A C   1 
ATOM   1067 O  O   . LEU A 1 144 ? 6.564   -9.455  22.611  1.00 18.62 ? 142 LEU A O   1 
ATOM   1068 C  CB  . LEU A 1 144 ? 3.851   -10.692 23.073  1.00 17.94 ? 142 LEU A CB  1 
ATOM   1069 C  CG  . LEU A 1 144 ? 3.041   -11.808 23.762  1.00 15.67 ? 142 LEU A CG  1 
ATOM   1070 C  CD1 . LEU A 1 144 ? 2.283   -12.567 22.709  1.00 17.10 ? 142 LEU A CD1 1 
ATOM   1071 C  CD2 . LEU A 1 144 ? 3.875   -12.777 24.620  1.00 20.41 ? 142 LEU A CD2 1 
ATOM   1072 N  N   . PHE A 1 145 ? 5.447   -7.671  23.475  1.00 18.46 ? 143 PHE A N   1 
ATOM   1073 C  CA  . PHE A 1 145 ? 6.237   -6.686  22.749  1.00 19.04 ? 143 PHE A CA  1 
ATOM   1074 C  C   . PHE A 1 145 ? 7.036   -5.816  23.704  1.00 21.39 ? 143 PHE A C   1 
ATOM   1075 O  O   . PHE A 1 145 ? 6.585   -5.510  24.847  1.00 21.36 ? 143 PHE A O   1 
ATOM   1076 C  CB  . PHE A 1 145 ? 5.374   -5.729  21.922  1.00 19.95 ? 143 PHE A CB  1 
ATOM   1077 C  CG  . PHE A 1 145 ? 4.446   -6.411  20.928  1.00 18.59 ? 143 PHE A CG  1 
ATOM   1078 C  CD1 . PHE A 1 145 ? 4.958   -7.321  19.977  1.00 20.31 ? 143 PHE A CD1 1 
ATOM   1079 C  CD2 . PHE A 1 145 ? 3.127   -6.069  20.867  1.00 17.65 ? 143 PHE A CD2 1 
ATOM   1080 C  CE1 . PHE A 1 145 ? 4.093   -7.931  19.053  1.00 19.11 ? 143 PHE A CE1 1 
ATOM   1081 C  CE2 . PHE A 1 145 ? 2.258   -6.673  19.917  1.00 18.66 ? 143 PHE A CE2 1 
ATOM   1082 C  CZ  . PHE A 1 145 ? 2.741   -7.571  19.023  1.00 18.48 ? 143 PHE A CZ  1 
ATOM   1083 N  N   . ARG A 1 146 ? 8.174   -5.344  23.212  1.00 21.92 ? 144 ARG A N   1 
ATOM   1084 C  CA  . ARG A 1 146 ? 8.903   -4.306  23.935  1.00 25.85 ? 144 ARG A CA  1 
ATOM   1085 C  C   . ARG A 1 146 ? 8.052   -3.019  24.021  1.00 24.33 ? 144 ARG A C   1 
ATOM   1086 O  O   . ARG A 1 146 ? 7.290   -2.672  23.094  1.00 24.60 ? 144 ARG A O   1 
ATOM   1087 C  CB  . ARG A 1 146 ? 10.290  -4.107  23.297  1.00 25.55 ? 144 ARG A CB  1 
ATOM   1088 C  CG  . ARG A 1 146 ? 10.392  -2.954  22.360  1.00 29.95 ? 144 ARG A CG  1 
ATOM   1089 C  CD  . ARG A 1 146 ? 11.870  -2.687  21.891  1.00 30.71 ? 144 ARG A CD  1 
ATOM   1090 N  NE  . ARG A 1 146 ? 12.499  -1.676  22.740  1.00 40.48 ? 144 ARG A NE  1 
ATOM   1091 C  CZ  . ARG A 1 146 ? 13.812  -1.449  22.851  1.00 38.95 ? 144 ARG A CZ  1 
ATOM   1092 N  NH1 . ARG A 1 146 ? 14.715  -2.172  22.163  1.00 36.36 ? 144 ARG A NH1 1 
ATOM   1093 N  NH2 . ARG A 1 146 ? 14.217  -0.481  23.676  1.00 36.84 ? 144 ARG A NH2 1 
ATOM   1094 N  N   . GLU A 1 147 ? 8.157   -2.308  25.141  1.00 26.96 ? 145 GLU A N   1 
ATOM   1095 C  CA  . GLU A 1 147 ? 7.302   -1.120  25.381  1.00 29.02 ? 145 GLU A CA  1 
ATOM   1096 C  C   . GLU A 1 147 ? 7.680   0.034   24.456  1.00 28.77 ? 145 GLU A C   1 
ATOM   1097 O  O   . GLU A 1 147 ? 8.843   0.449   24.416  1.00 28.68 ? 145 GLU A O   1 
ATOM   1098 C  CB  . GLU A 1 147 ? 7.382   -0.639  26.847  1.00 29.14 ? 145 GLU A CB  1 
ATOM   1099 C  CG  . GLU A 1 147 ? 7.319   -1.750  27.927  1.00 32.88 ? 145 GLU A CG  1 
ATOM   1100 C  CD  . GLU A 1 147 ? 6.967   -1.203  29.320  1.00 34.62 ? 145 GLU A CD  1 
ATOM   1101 O  OE1 . GLU A 1 147 ? 7.506   -0.129  29.709  1.00 40.70 ? 145 GLU A OE1 1 
ATOM   1102 O  OE2 . GLU A 1 147 ? 6.132   -1.841  30.022  1.00 41.28 ? 145 GLU A OE2 1 
HETATM 1103 N  N   . MSE A 1 148 ? 6.705   0.523   23.705  1.00 27.89 ? 146 MSE A N   1 
HETATM 1104 C  CA  . MSE A 1 148 ? 6.854   1.698   22.870  1.00 28.66 ? 146 MSE A CA  1 
HETATM 1105 C  C   . MSE A 1 148 ? 5.493   2.253   22.464  1.00 27.79 ? 146 MSE A C   1 
HETATM 1106 O  O   . MSE A 1 148 ? 4.495   1.497   22.461  1.00 27.32 ? 146 MSE A O   1 
HETATM 1107 C  CB  . MSE A 1 148 ? 7.736   1.390   21.630  1.00 30.23 ? 146 MSE A CB  1 
HETATM 1108 C  CG  . MSE A 1 148 ? 7.077   0.615   20.591  1.00 28.49 ? 146 MSE A CG  1 
HETATM 1109 SE SE  . MSE A 1 148 ? 8.433   0.085   19.189  0.70 31.51 ? 146 MSE A SE  1 
HETATM 1110 C  CE  . MSE A 1 148 ? 9.119   -1.419  19.948  1.00 32.01 ? 146 MSE A CE  1 
ATOM   1111 N  N   . PRO A 1 149 ? 5.425   3.549   22.115  1.00 26.59 ? 147 PRO A N   1 
ATOM   1112 C  CA  . PRO A 1 149 ? 4.198   4.148   21.575  1.00 27.05 ? 147 PRO A CA  1 
ATOM   1113 C  C   . PRO A 1 149 ? 3.726   3.450   20.303  1.00 26.87 ? 147 PRO A C   1 
ATOM   1114 O  O   . PRO A 1 149 ? 4.553   2.972   19.525  1.00 26.08 ? 147 PRO A O   1 
ATOM   1115 C  CB  . PRO A 1 149 ? 4.600   5.584   21.265  1.00 27.29 ? 147 PRO A CB  1 
ATOM   1116 C  CG  . PRO A 1 149 ? 5.824   5.835   22.107  1.00 26.83 ? 147 PRO A CG  1 
ATOM   1117 C  CD  . PRO A 1 149 ? 6.512   4.541   22.254  1.00 27.08 ? 147 PRO A CD  1 
ATOM   1118 N  N   . ASP A 1 150 ? 2.417   3.386   20.105  1.00 26.20 ? 148 ASP A N   1 
ATOM   1119 C  CA  . ASP A 1 150 ? 1.832   2.695   18.925  1.00 27.29 ? 148 ASP A CA  1 
ATOM   1120 C  C   . ASP A 1 150 ? 2.429   3.215   17.610  1.00 27.44 ? 148 ASP A C   1 
ATOM   1121 O  O   . ASP A 1 150 ? 2.739   2.403   16.700  1.00 27.95 ? 148 ASP A O   1 
ATOM   1122 C  CB  . ASP A 1 150 ? 0.301   2.892   18.880  1.00 26.83 ? 148 ASP A CB  1 
ATOM   1123 C  CG  . ASP A 1 150 ? -0.446  2.108   19.959  1.00 28.24 ? 148 ASP A CG  1 
ATOM   1124 O  OD1 . ASP A 1 150 ? 0.143   1.244   20.644  1.00 27.46 ? 148 ASP A OD1 1 
ATOM   1125 O  OD2 . ASP A 1 150 ? -1.666  2.385   20.140  1.00 27.36 ? 148 ASP A OD2 1 
ATOM   1126 N  N   . ASP A 1 151 ? 2.633   4.543   17.509  1.00 27.98 ? 149 ASP A N   1 
ATOM   1127 C  CA  . ASP A 1 151 ? 3.231   5.130   16.292  1.00 28.51 ? 149 ASP A CA  1 
ATOM   1128 C  C   . ASP A 1 151 ? 4.664   4.697   16.070  1.00 27.50 ? 149 ASP A C   1 
ATOM   1129 O  O   . ASP A 1 151 ? 5.067   4.512   14.897  1.00 26.21 ? 149 ASP A O   1 
ATOM   1130 C  CB  . ASP A 1 151 ? 3.228   6.656   16.271  1.00 30.31 ? 149 ASP A CB  1 
ATOM   1131 C  CG  . ASP A 1 151 ? 1.847   7.260   16.297  1.00 33.98 ? 149 ASP A CG  1 
ATOM   1132 O  OD1 . ASP A 1 151 ? 0.963   6.861   15.503  1.00 37.82 ? 149 ASP A OD1 1 
ATOM   1133 O  OD2 . ASP A 1 151 ? 1.672   8.189   17.113  1.00 36.24 ? 149 ASP A OD2 1 
ATOM   1134 N  N   . CYS A 1 152 ? 5.428   4.544   17.158  1.00 27.09 ? 150 CYS A N   1 
ATOM   1135 C  CA  . CYS A 1 152 ? 6.805   4.024   17.079  1.00 28.14 ? 150 CYS A CA  1 
ATOM   1136 C  C   . CYS A 1 152 ? 6.816   2.577   16.593  1.00 26.80 ? 150 CYS A C   1 
ATOM   1137 O  O   . CYS A 1 152 ? 7.533   2.229   15.638  1.00 26.22 ? 150 CYS A O   1 
ATOM   1138 C  CB  . CYS A 1 152 ? 7.469   4.044   18.435  1.00 30.27 ? 150 CYS A CB  1 
ATOM   1139 S  SG  . CYS A 1 152 ? 7.809   5.681   18.939  1.00 40.43 ? 150 CYS A SG  1 
ATOM   1140 N  N   . PHE A 1 153 ? 6.024   1.733   17.268  1.00 24.09 ? 151 PHE A N   1 
ATOM   1141 C  CA  . PHE A 1 153 ? 5.822   0.342   16.813  1.00 22.74 ? 151 PHE A CA  1 
ATOM   1142 C  C   . PHE A 1 153 ? 5.520   0.291   15.303  1.00 22.39 ? 151 PHE A C   1 
ATOM   1143 O  O   . PHE A 1 153 ? 6.166   -0.495  14.588  1.00 21.89 ? 151 PHE A O   1 
ATOM   1144 C  CB  . PHE A 1 153 ? 4.729   -0.351  17.646  1.00 22.73 ? 151 PHE A CB  1 
ATOM   1145 C  CG  . PHE A 1 153 ? 4.520   -1.806  17.327  1.00 21.13 ? 151 PHE A CG  1 
ATOM   1146 C  CD1 . PHE A 1 153 ? 4.961   -2.780  18.221  1.00 22.12 ? 151 PHE A CD1 1 
ATOM   1147 C  CD2 . PHE A 1 153 ? 3.848   -2.202  16.182  1.00 22.85 ? 151 PHE A CD2 1 
ATOM   1148 C  CE1 . PHE A 1 153 ? 4.759   -4.136  18.000  1.00 24.00 ? 151 PHE A CE1 1 
ATOM   1149 C  CE2 . PHE A 1 153 ? 3.607   -3.594  15.953  1.00 20.47 ? 151 PHE A CE2 1 
ATOM   1150 C  CZ  . PHE A 1 153 ? 4.107   -4.559  16.862  1.00 22.48 ? 151 PHE A CZ  1 
ATOM   1151 N  N   . ALA A 1 154 ? 4.572   1.090   14.821  1.00 21.54 ? 152 ALA A N   1 
ATOM   1152 C  CA  . ALA A 1 154 ? 4.200   1.071   13.389  1.00 22.54 ? 152 ALA A CA  1 
ATOM   1153 C  C   . ALA A 1 154 ? 5.414   1.314   12.485  1.00 22.92 ? 152 ALA A C   1 
ATOM   1154 O  O   . ALA A 1 154 ? 5.668   0.549   11.535  1.00 22.82 ? 152 ALA A O   1 
ATOM   1155 C  CB  . ALA A 1 154 ? 3.096   2.089   13.093  1.00 23.61 ? 152 ALA A CB  1 
ATOM   1156 N  N   . SER A 1 155 ? 6.163   2.372   12.810  1.00 20.79 ? 153 SER A N   1 
ATOM   1157 C  CA  . SER A 1 155 ? 7.375   2.747   12.032  1.00 20.51 ? 153 SER A CA  1 
ATOM   1158 C  C   . SER A 1 155 ? 8.521   1.786   12.202  1.00 19.00 ? 153 SER A C   1 
ATOM   1159 O  O   . SER A 1 155 ? 9.292   1.602   11.212  1.00 19.46 ? 153 SER A O   1 
ATOM   1160 C  CB  . SER A 1 155 ? 7.853   4.168   12.403  1.00 20.32 ? 153 SER A CB  1 
ATOM   1161 O  OG  . SER A 1 155 ? 6.971   5.107   11.813  1.00 23.58 ? 153 SER A OG  1 
ATOM   1162 N  N   . VAL A 1 156 ? 8.715   1.193   13.383  1.00 19.02 ? 154 VAL A N   1 
ATOM   1163 C  CA  . VAL A 1 156 ? 9.745   0.139   13.459  1.00 19.63 ? 154 VAL A CA  1 
ATOM   1164 C  C   . VAL A 1 156 ? 9.375   -1.067  12.628  1.00 20.05 ? 154 VAL A C   1 
ATOM   1165 O  O   . VAL A 1 156 ? 10.220  -1.556  11.872  1.00 18.45 ? 154 VAL A O   1 
ATOM   1166 C  CB  . VAL A 1 156 ? 10.486  -0.185  14.848  1.00 23.09 ? 154 VAL A CB  1 
ATOM   1167 C  CG1 . VAL A 1 156 ? 10.433  0.920   15.924  1.00 19.80 ? 154 VAL A CG1 1 
ATOM   1168 C  CG2 . VAL A 1 156 ? 10.583  -1.602  15.260  1.00 21.47 ? 154 VAL A CG2 1 
ATOM   1169 N  N   . VAL A 1 157 ? 8.106   -1.483  12.683  1.00 18.54 ? 155 VAL A N   1 
ATOM   1170 C  CA  . VAL A 1 157 ? 7.746   -2.704  11.926  1.00 18.80 ? 155 VAL A CA  1 
ATOM   1171 C  C   . VAL A 1 157 ? 7.853   -2.517  10.406  1.00 18.89 ? 155 VAL A C   1 
ATOM   1172 O  O   . VAL A 1 157 ? 8.444   -3.401  9.705   1.00 19.63 ? 155 VAL A O   1 
ATOM   1173 C  CB  . VAL A 1 157 ? 6.332   -3.216  12.332  1.00 19.05 ? 155 VAL A CB  1 
ATOM   1174 C  CG1 . VAL A 1 157 ? 5.860   -4.376  11.369  1.00 23.97 ? 155 VAL A CG1 1 
ATOM   1175 C  CG2 . VAL A 1 157 ? 6.389   -3.701  13.748  1.00 20.94 ? 155 VAL A CG2 1 
ATOM   1176 N  N   . ILE A 1 158 ? 7.316   -1.412  9.900   1.00 16.84 ? 156 ILE A N   1 
ATOM   1177 C  CA  . ILE A 1 158 ? 7.234   -1.192  8.429   1.00 19.30 ? 156 ILE A CA  1 
ATOM   1178 C  C   . ILE A 1 158 ? 8.282   -0.254  7.830   1.00 19.20 ? 156 ILE A C   1 
ATOM   1179 O  O   . ILE A 1 158 ? 8.437   -0.189  6.586   1.00 19.98 ? 156 ILE A O   1 
ATOM   1180 C  CB  . ILE A 1 158 ? 5.778   -0.783  7.976   1.00 20.41 ? 156 ILE A CB  1 
ATOM   1181 C  CG1 . ILE A 1 158 ? 5.495   -1.157  6.510   1.00 22.07 ? 156 ILE A CG1 1 
ATOM   1182 C  CG2 . ILE A 1 158 ? 5.509   0.668   8.218   1.00 18.39 ? 156 ILE A CG2 1 
ATOM   1183 C  CD1 . ILE A 1 158 ? 5.515   -2.679  6.300   1.00 25.82 ? 156 ILE A CD1 1 
ATOM   1184 N  N   . GLY A 1 159 ? 8.974   0.538   8.678   1.00 18.19 ? 157 GLY A N   1 
ATOM   1185 C  CA  . GLY A 1 159 ? 9.908   1.552   8.163   1.00 16.39 ? 157 GLY A CA  1 
ATOM   1186 C  C   . GLY A 1 159 ? 11.012  0.930   7.283   1.00 15.65 ? 157 GLY A C   1 
ATOM   1187 O  O   . GLY A 1 159 ? 11.244  1.451   6.204   1.00 16.91 ? 157 GLY A O   1 
ATOM   1188 N  N   . PRO A 1 160 ? 11.688  -0.123  7.768   1.00 15.39 ? 158 PRO A N   1 
ATOM   1189 C  CA  . PRO A 1 160 ? 12.729  -0.709  6.876   1.00 16.43 ? 158 PRO A CA  1 
ATOM   1190 C  C   . PRO A 1 160 ? 12.203  -1.147  5.501   1.00 17.16 ? 158 PRO A C   1 
ATOM   1191 O  O   . PRO A 1 160 ? 12.807  -0.807  4.457   1.00 17.86 ? 158 PRO A O   1 
ATOM   1192 C  CB  . PRO A 1 160 ? 13.273  -1.880  7.689   1.00 17.12 ? 158 PRO A CB  1 
ATOM   1193 C  CG  . PRO A 1 160 ? 13.152  -1.417  9.122   1.00 16.15 ? 158 PRO A CG  1 
ATOM   1194 C  CD  . PRO A 1 160 ? 11.740  -0.787  9.086   1.00 14.52 ? 158 PRO A CD  1 
ATOM   1195 N  N   . ALA A 1 161 ? 11.087  -1.879  5.476   1.00 17.77 ? 159 ALA A N   1 
ATOM   1196 C  CA  . ALA A 1 161 ? 10.473  -2.280  4.230   1.00 18.03 ? 159 ALA A CA  1 
ATOM   1197 C  C   . ALA A 1 161 ? 10.080  -1.082  3.370   1.00 18.16 ? 159 ALA A C   1 
ATOM   1198 O  O   . ALA A 1 161 ? 10.369  -1.077  2.193   1.00 18.53 ? 159 ALA A O   1 
ATOM   1199 C  CB  . ALA A 1 161 ? 9.227   -3.202  4.505   1.00 17.20 ? 159 ALA A CB  1 
ATOM   1200 N  N   . HIS A 1 162 ? 9.415   -0.055  3.932   1.00 19.18 ? 160 HIS A N   1 
ATOM   1201 C  CA  . HIS A 1 162 ? 9.106   1.142   3.187   1.00 20.50 ? 160 HIS A CA  1 
ATOM   1202 C  C   . HIS A 1 162 ? 10.387  1.768   2.595   1.00 19.85 ? 160 HIS A C   1 
ATOM   1203 O  O   . HIS A 1 162 ? 10.419  2.193   1.416   1.00 19.69 ? 160 HIS A O   1 
ATOM   1204 C  CB  . HIS A 1 162 ? 8.419   2.178   4.098   1.00 21.91 ? 160 HIS A CB  1 
ATOM   1205 C  CG  . HIS A 1 162 ? 6.958   1.945   4.315   1.00 22.37 ? 160 HIS A CG  1 
ATOM   1206 N  ND1 . HIS A 1 162 ? 6.197   2.757   5.149   1.00 25.72 ? 160 HIS A ND1 1 
ATOM   1207 C  CD2 . HIS A 1 162 ? 6.106   1.003   3.826   1.00 25.98 ? 160 HIS A CD2 1 
ATOM   1208 C  CE1 . HIS A 1 162 ? 4.937   2.343   5.132   1.00 26.17 ? 160 HIS A CE1 1 
ATOM   1209 N  NE2 . HIS A 1 162 ? 4.854   1.279   4.341   1.00 26.78 ? 160 HIS A NE2 1 
ATOM   1210 N  N   . ASP A 1 163 ? 11.415  1.855   3.433   1.00 19.58 ? 161 ASP A N   1 
ATOM   1211 C  CA  . ASP A 1 163 ? 12.642  2.518   3.022   1.00 21.40 ? 161 ASP A CA  1 
ATOM   1212 C  C   . ASP A 1 163 ? 13.350  1.731   1.909   1.00 20.92 ? 161 ASP A C   1 
ATOM   1213 O  O   . ASP A 1 163 ? 13.730  2.318   0.886   1.00 22.11 ? 161 ASP A O   1 
ATOM   1214 C  CB  . ASP A 1 163 ? 13.556  2.724   4.222   1.00 21.97 ? 161 ASP A CB  1 
ATOM   1215 C  CG  . ASP A 1 163 ? 14.680  3.694   3.931   1.00 27.06 ? 161 ASP A CG  1 
ATOM   1216 O  OD1 . ASP A 1 163 ? 14.411  4.933   3.867   1.00 29.20 ? 161 ASP A OD1 1 
ATOM   1217 O  OD2 . ASP A 1 163 ? 15.816  3.214   3.758   1.00 29.31 ? 161 ASP A OD2 1 
ATOM   1218 N  N   . LEU A 1 164 ? 13.531  0.431   2.098   1.00 20.35 ? 162 LEU A N   1 
ATOM   1219 C  CA  . LEU A 1 164 ? 14.168  -0.412  1.065   1.00 20.42 ? 162 LEU A CA  1 
ATOM   1220 C  C   . LEU A 1 164 ? 13.349  -0.399  -0.235  1.00 21.42 ? 162 LEU A C   1 
ATOM   1221 O  O   . LEU A 1 164 ? 13.915  -0.273  -1.326  1.00 22.28 ? 162 LEU A O   1 
ATOM   1222 C  CB  . LEU A 1 164 ? 14.357  -1.822  1.560   1.00 19.59 ? 162 LEU A CB  1 
ATOM   1223 C  CG  . LEU A 1 164 ? 15.282  -2.742  0.726   1.00 20.73 ? 162 LEU A CG  1 
ATOM   1224 C  CD1 . LEU A 1 164 ? 16.646  -2.060  0.492   1.00 23.90 ? 162 LEU A CD1 1 
ATOM   1225 C  CD2 . LEU A 1 164 ? 15.494  -4.072  1.416   1.00 21.45 ? 162 LEU A CD2 1 
ATOM   1226 N  N   . ALA A 1 165 ? 12.022  -0.497  -0.124  1.00 20.65 ? 163 ALA A N   1 
ATOM   1227 C  CA  . ALA A 1 165 ? 11.169  -0.458  -1.309  1.00 22.25 ? 163 ALA A CA  1 
ATOM   1228 C  C   . ALA A 1 165 ? 11.356  0.835   -2.101  1.00 23.36 ? 163 ALA A C   1 
ATOM   1229 O  O   . ALA A 1 165 ? 11.524  0.803   -3.324  1.00 23.80 ? 163 ALA A O   1 
ATOM   1230 C  CB  . ALA A 1 165 ? 9.715   -0.624  -0.921  1.00 21.84 ? 163 ALA A CB  1 
ATOM   1231 N  N   . ARG A 1 166 ? 11.344  1.965   -1.391  1.00 24.42 ? 164 ARG A N   1 
ATOM   1232 C  CA  . ARG A 1 166 ? 11.602  3.279   -2.007  1.00 26.32 ? 164 ARG A CA  1 
ATOM   1233 C  C   . ARG A 1 166 ? 12.943  3.283   -2.800  1.00 26.72 ? 164 ARG A C   1 
ATOM   1234 O  O   . ARG A 1 166 ? 12.974  3.630   -3.998  1.00 27.55 ? 164 ARG A O   1 
ATOM   1235 C  CB  . ARG A 1 166 ? 11.565  4.360   -0.906  1.00 25.88 ? 164 ARG A CB  1 
ATOM   1236 C  CG  . ARG A 1 166 ? 11.348  5.768   -1.384  1.00 30.32 ? 164 ARG A CG  1 
ATOM   1237 C  CD  . ARG A 1 166 ? 11.137  6.782   -0.203  1.00 29.78 ? 164 ARG A CD  1 
ATOM   1238 N  NE  . ARG A 1 166 ? 9.780   6.887   0.344   1.00 36.64 ? 164 ARG A NE  1 
ATOM   1239 C  CZ  . ARG A 1 166 ? 8.791   7.628   -0.176  1.00 37.72 ? 164 ARG A CZ  1 
ATOM   1240 N  NH1 . ARG A 1 166 ? 8.969   8.311   -1.303  1.00 35.72 ? 164 ARG A NH1 1 
ATOM   1241 N  NH2 . ARG A 1 166 ? 7.600   7.656   0.416   1.00 39.54 ? 164 ARG A NH2 1 
ATOM   1242 N  N   . GLN A 1 167 ? 14.024  2.819   -2.165  1.00 26.46 ? 165 GLN A N   1 
ATOM   1243 C  CA  . GLN A 1 167 ? 15.354  2.792   -2.800  1.00 26.75 ? 165 GLN A CA  1 
ATOM   1244 C  C   . GLN A 1 167 ? 15.389  1.840   -3.971  1.00 27.64 ? 165 GLN A C   1 
ATOM   1245 O  O   . GLN A 1 167 ? 15.958  2.145   -5.027  1.00 28.17 ? 165 GLN A O   1 
ATOM   1246 C  CB  . GLN A 1 167 ? 16.404  2.374   -1.777  1.00 27.13 ? 165 GLN A CB  1 
ATOM   1247 C  CG  . GLN A 1 167 ? 16.488  3.338   -0.565  1.00 28.63 ? 165 GLN A CG  1 
ATOM   1248 C  CD  . GLN A 1 167 ? 16.793  4.762   -1.007  1.00 35.95 ? 165 GLN A CD  1 
ATOM   1249 O  OE1 . GLN A 1 167 ? 15.931  5.641   -0.939  1.00 39.14 ? 165 GLN A OE1 1 
ATOM   1250 N  NE2 . GLN A 1 167 ? 18.013  4.985   -1.492  1.00 38.16 ? 165 GLN A NE2 1 
ATOM   1251 N  N   . TRP A 1 168 ? 14.791  0.667   -3.779  1.00 26.96 ? 166 TRP A N   1 
ATOM   1252 C  CA  . TRP A 1 168 ? 14.756  -0.359  -4.821  1.00 28.68 ? 166 TRP A CA  1 
ATOM   1253 C  C   . TRP A 1 168 ? 14.012  0.103   -6.069  1.00 29.40 ? 166 TRP A C   1 
ATOM   1254 O  O   . TRP A 1 168 ? 14.494  -0.069  -7.200  1.00 29.58 ? 166 TRP A O   1 
ATOM   1255 C  CB  . TRP A 1 168 ? 14.133  -1.640  -4.263  1.00 28.56 ? 166 TRP A CB  1 
ATOM   1256 C  CG  . TRP A 1 168 ? 14.005  -2.733  -5.286  1.00 29.32 ? 166 TRP A CG  1 
ATOM   1257 C  CD1 . TRP A 1 168 ? 15.020  -3.497  -5.814  1.00 30.22 ? 166 TRP A CD1 1 
ATOM   1258 C  CD2 . TRP A 1 168 ? 12.787  -3.214  -5.870  1.00 28.86 ? 166 TRP A CD2 1 
ATOM   1259 N  NE1 . TRP A 1 168 ? 14.495  -4.416  -6.700  1.00 32.13 ? 166 TRP A NE1 1 
ATOM   1260 C  CE2 . TRP A 1 168 ? 13.129  -4.260  -6.752  1.00 29.46 ? 166 TRP A CE2 1 
ATOM   1261 C  CE3 . TRP A 1 168 ? 11.437  -2.857  -5.735  1.00 27.62 ? 166 TRP A CE3 1 
ATOM   1262 C  CZ2 . TRP A 1 168 ? 12.162  -4.946  -7.509  1.00 31.00 ? 166 TRP A CZ2 1 
ATOM   1263 C  CZ3 . TRP A 1 168 ? 10.464  -3.560  -6.483  1.00 27.90 ? 166 TRP A CZ3 1 
ATOM   1264 C  CH2 . TRP A 1 168 ? 10.833  -4.582  -7.352  1.00 29.32 ? 166 TRP A CH2 1 
ATOM   1265 N  N   . LEU A 1 169 ? 12.832  0.674   -5.875  1.00 29.75 ? 167 LEU A N   1 
ATOM   1266 C  CA  . LEU A 1 169 ? 12.011  1.158   -6.974  1.00 30.20 ? 167 LEU A CA  1 
ATOM   1267 C  C   . LEU A 1 169 ? 12.689  2.269   -7.758  1.00 32.03 ? 167 LEU A C   1 
ATOM   1268 O  O   . LEU A 1 169 ? 12.499  2.386   -8.972  1.00 32.80 ? 167 LEU A O   1 
ATOM   1269 C  CB  . LEU A 1 169 ? 10.670  1.657   -6.448  1.00 29.26 ? 167 LEU A CB  1 
ATOM   1270 C  CG  . LEU A 1 169 ? 9.713   0.553   -5.957  1.00 26.86 ? 167 LEU A CG  1 
ATOM   1271 C  CD1 . LEU A 1 169 ? 8.637   1.176   -5.046  1.00 25.99 ? 167 LEU A CD1 1 
ATOM   1272 C  CD2 . LEU A 1 169 ? 9.086   -0.282  -7.110  1.00 26.91 ? 167 LEU A CD2 1 
ATOM   1273 N  N   . ALA A 1 170 ? 13.472  3.083   -7.051  1.00 32.64 ? 168 ALA A N   1 
ATOM   1274 C  CA  . ALA A 1 170 ? 14.196  4.198   -7.669  1.00 34.45 ? 168 ALA A CA  1 
ATOM   1275 C  C   . ALA A 1 170 ? 15.515  3.745   -8.315  1.00 35.38 ? 168 ALA A C   1 
ATOM   1276 O  O   . ALA A 1 170 ? 16.268  4.574   -8.837  1.00 36.66 ? 168 ALA A O   1 
ATOM   1277 C  CB  . ALA A 1 170 ? 14.449  5.282   -6.612  1.00 34.56 ? 168 ALA A CB  1 
ATOM   1278 N  N   . GLY A 1 171 ? 15.780  2.445   -8.289  1.00 35.93 ? 169 GLY A N   1 
ATOM   1279 C  CA  . GLY A 1 171 ? 17.014  1.861   -8.844  1.00 37.37 ? 169 GLY A CA  1 
ATOM   1280 C  C   . GLY A 1 171 ? 18.265  2.255   -8.070  1.00 38.39 ? 169 GLY A C   1 
ATOM   1281 O  O   . GLY A 1 171 ? 19.327  2.483   -8.663  1.00 37.97 ? 169 GLY A O   1 
ATOM   1282 N  N   . ARG A 1 172 ? 18.154  2.343   -6.741  1.00 38.83 ? 170 ARG A N   1 
ATOM   1283 C  CA  . ARG A 1 172 ? 19.293  2.805   -5.929  1.00 39.78 ? 170 ARG A CA  1 
ATOM   1284 C  C   . ARG A 1 172 ? 19.869  1.758   -4.979  1.00 39.80 ? 170 ARG A C   1 
ATOM   1285 O  O   . ARG A 1 172 ? 20.646  2.115   -4.076  1.00 40.07 ? 170 ARG A O   1 
ATOM   1286 C  CB  . ARG A 1 172 ? 18.928  4.065   -5.153  1.00 39.96 ? 170 ARG A CB  1 
ATOM   1287 C  CG  . ARG A 1 172 ? 18.447  5.204   -6.011  1.00 42.03 ? 170 ARG A CG  1 
ATOM   1288 C  CD  . ARG A 1 172 ? 18.432  6.494   -5.238  1.00 46.02 ? 170 ARG A CD  1 
ATOM   1289 N  NE  . ARG A 1 172 ? 17.380  6.561   -4.230  1.00 49.14 ? 170 ARG A NE  1 
ATOM   1290 C  CZ  . ARG A 1 172 ? 16.272  7.299   -4.330  1.00 49.86 ? 170 ARG A CZ  1 
ATOM   1291 N  NH1 . ARG A 1 172 ? 16.048  8.035   -5.407  1.00 51.38 ? 170 ARG A NH1 1 
ATOM   1292 N  NH2 . ARG A 1 172 ? 15.383  7.304   -3.344  1.00 50.68 ? 170 ARG A NH2 1 
ATOM   1293 N  N   . THR A 1 173 ? 19.496  0.492   -5.173  1.00 39.55 ? 171 THR A N   1 
ATOM   1294 C  CA  . THR A 1 173 ? 19.978  -0.623  -4.338  1.00 40.22 ? 171 THR A CA  1 
ATOM   1295 C  C   . THR A 1 173 ? 20.842  -1.635  -5.118  1.00 40.28 ? 171 THR A C   1 
ATOM   1296 O  O   . THR A 1 173 ? 20.705  -1.774  -6.327  1.00 39.83 ? 171 THR A O   1 
ATOM   1297 C  CB  . THR A 1 173 ? 18.805  -1.445  -3.690  1.00 40.07 ? 171 THR A CB  1 
ATOM   1298 O  OG1 . THR A 1 173 ? 18.113  -2.206  -4.689  1.00 40.54 ? 171 THR A OG1 1 
ATOM   1299 C  CG2 . THR A 1 173 ? 17.828  -0.557  -2.964  1.00 39.80 ? 171 THR A CG2 1 
ATOM   1300 N  N   . ARG A 1 174 ? 21.706  -2.349  -4.396  1.00 40.85 ? 172 ARG A N   1 
ATOM   1301 C  CA  . ARG A 1 174 ? 22.409  -3.505  -4.964  1.00 41.59 ? 172 ARG A CA  1 
ATOM   1302 C  C   . ARG A 1 174 ? 21.794  -4.825  -4.474  1.00 41.38 ? 172 ARG A C   1 
ATOM   1303 O  O   . ARG A 1 174 ? 22.525  -5.818  -4.345  1.00 42.65 ? 172 ARG A O   1 
ATOM   1304 C  CB  . ARG A 1 174 ? 23.914  -3.520  -4.616  1.00 41.53 ? 172 ARG A CB  1 
ATOM   1305 C  CG  . ARG A 1 174 ? 24.595  -2.219  -4.294  1.00 43.92 ? 172 ARG A CG  1 
ATOM   1306 C  CD  . ARG A 1 174 ? 25.712  -2.477  -3.295  1.00 48.38 ? 172 ARG A CD  1 
ATOM   1307 N  NE  . ARG A 1 174 ? 25.690  -1.550  -2.164  1.00 51.58 ? 172 ARG A NE  1 
ATOM   1308 C  CZ  . ARG A 1 174 ? 26.534  -1.577  -1.125  1.00 53.51 ? 172 ARG A CZ  1 
ATOM   1309 N  NH1 . ARG A 1 174 ? 27.515  -2.478  -1.033  1.00 52.24 ? 172 ARG A NH1 1 
ATOM   1310 N  NH2 . ARG A 1 174 ? 26.393  -0.686  -0.155  1.00 55.13 ? 172 ARG A NH2 1 
ATOM   1311 N  N   . VAL A 1 175 ? 20.486  -4.844  -4.179  1.00 40.43 ? 173 VAL A N   1 
ATOM   1312 C  CA  . VAL A 1 175 ? 19.782  -6.088  -3.812  1.00 39.74 ? 173 VAL A CA  1 
ATOM   1313 C  C   . VAL A 1 175 ? 18.422  -6.224  -4.496  1.00 37.49 ? 173 VAL A C   1 
ATOM   1314 O  O   . VAL A 1 175 ? 17.832  -5.227  -4.883  1.00 38.26 ? 173 VAL A O   1 
ATOM   1315 C  CB  . VAL A 1 175 ? 19.561  -6.257  -2.264  1.00 40.05 ? 173 VAL A CB  1 
ATOM   1316 C  CG1 . VAL A 1 175 ? 20.591  -7.190  -1.673  1.00 41.77 ? 173 VAL A CG1 1 
ATOM   1317 C  CG2 . VAL A 1 175 ? 19.517  -4.945  -1.547  1.00 41.58 ? 173 VAL A CG2 1 
ATOM   1318 N  N   . ALA A 1 176 ? 17.955  -7.460  -4.679  1.00 35.46 ? 174 ALA A N   1 
ATOM   1319 C  CA  . ALA A 1 176 ? 16.597  -7.695  -5.168  1.00 34.05 ? 174 ALA A CA  1 
ATOM   1320 C  C   . ALA A 1 176 ? 15.680  -7.561  -3.943  1.00 32.87 ? 174 ALA A C   1 
ATOM   1321 O  O   . ALA A 1 176 ? 15.943  -8.194  -2.910  1.00 33.00 ? 174 ALA A O   1 
ATOM   1322 C  CB  . ALA A 1 176 ? 16.480  -9.079  -5.777  1.00 33.41 ? 174 ALA A CB  1 
ATOM   1323 N  N   . LEU A 1 177 ? 14.664  -6.704  -4.029  1.00 32.20 ? 175 LEU A N   1 
ATOM   1324 C  CA  . LEU A 1 177 ? 13.686  -6.570  -2.915  1.00 31.27 ? 175 LEU A CA  1 
ATOM   1325 C  C   . LEU A 1 177 ? 13.141  -7.906  -2.398  1.00 30.55 ? 175 LEU A C   1 
ATOM   1326 O  O   . LEU A 1 177 ? 13.129  -8.094  -1.174  1.00 29.61 ? 175 LEU A O   1 
ATOM   1327 C  CB  . LEU A 1 177 ? 12.533  -5.605  -3.253  1.00 32.09 ? 175 LEU A CB  1 
ATOM   1328 C  CG  . LEU A 1 177 ? 11.600  -5.237  -2.081  1.00 31.56 ? 175 LEU A CG  1 
ATOM   1329 C  CD1 . LEU A 1 177 ? 12.348  -4.550  -0.931  1.00 33.33 ? 175 LEU A CD1 1 
ATOM   1330 C  CD2 . LEU A 1 177 ? 10.430  -4.369  -2.543  1.00 29.58 ? 175 LEU A CD2 1 
ATOM   1331 N  N   . ALA A 1 178 ? 12.736  -8.834  -3.289  1.00 29.95 ? 176 ALA A N   1 
ATOM   1332 C  CA  . ALA A 1 178 ? 12.269  -10.160 -2.874  1.00 29.50 ? 176 ALA A CA  1 
ATOM   1333 C  C   . ALA A 1 178 ? 13.322  -10.921 -2.084  1.00 28.80 ? 176 ALA A C   1 
ATOM   1334 O  O   . ALA A 1 178 ? 12.972  -11.686 -1.201  1.00 29.78 ? 176 ALA A O   1 
ATOM   1335 C  CB  . ALA A 1 178 ? 11.792  -11.014 -4.084  1.00 30.20 ? 176 ALA A CB  1 
ATOM   1336 N  N   . ASP A 1 179 ? 14.615  -10.694 -2.370  1.00 28.09 ? 177 ASP A N   1 
ATOM   1337 C  CA  . ASP A 1 179 ? 15.678  -11.404 -1.653  1.00 28.38 ? 177 ASP A CA  1 
ATOM   1338 C  C   . ASP A 1 179 ? 15.863  -10.878 -0.227  1.00 27.35 ? 177 ASP A C   1 
ATOM   1339 O  O   . ASP A 1 179 ? 16.627  -11.441 0.525   1.00 28.42 ? 177 ASP A O   1 
ATOM   1340 C  CB  . ASP A 1 179 ? 17.045  -11.305 -2.382  1.00 28.35 ? 177 ASP A CB  1 
ATOM   1341 C  CG  . ASP A 1 179 ? 17.184  -12.268 -3.569  1.00 32.54 ? 177 ASP A CG  1 
ATOM   1342 O  OD1 . ASP A 1 179 ? 16.392  -13.232 -3.676  1.00 34.07 ? 177 ASP A OD1 1 
ATOM   1343 O  OD2 . ASP A 1 179 ? 18.128  -12.037 -4.394  1.00 34.14 ? 177 ASP A OD2 1 
ATOM   1344 N  N   . CYS A 1 180 ? 15.197  -9.782  0.140   1.00 26.20 ? 178 CYS A N   1 
ATOM   1345 C  CA  . CYS A 1 180 ? 15.318  -9.278  1.515   1.00 24.68 ? 178 CYS A CA  1 
ATOM   1346 C  C   . CYS A 1 180 ? 14.018  -9.509  2.298   1.00 23.48 ? 178 CYS A C   1 
ATOM   1347 O  O   . CYS A 1 180 ? 13.908  -9.073  3.432   1.00 22.71 ? 178 CYS A O   1 
ATOM   1348 C  CB  . CYS A 1 180 ? 15.595  -7.789  1.511   1.00 25.36 ? 178 CYS A CB  1 
ATOM   1349 S  SG  . CYS A 1 180 ? 17.155  -7.391  0.654   1.00 30.11 ? 178 CYS A SG  1 
ATOM   1350 N  N   . ARG A 1 181 ? 13.072  -10.212 1.704   1.00 22.81 ? 179 ARG A N   1 
ATOM   1351 C  CA  . ARG A 1 181 ? 11.769  -10.427 2.367   1.00 22.22 ? 179 ARG A CA  1 
ATOM   1352 C  C   . ARG A 1 181 ? 11.904  -11.106 3.734   1.00 23.07 ? 179 ARG A C   1 
ATOM   1353 O  O   . ARG A 1 181 ? 11.373  -10.580 4.745   1.00 22.25 ? 179 ARG A O   1 
ATOM   1354 C  CB  . ARG A 1 181 ? 10.822  -11.230 1.448   1.00 21.60 ? 179 ARG A CB  1 
ATOM   1355 C  CG  . ARG A 1 181 ? 9.513   -11.656 2.124   1.00 19.52 ? 179 ARG A CG  1 
ATOM   1356 C  CD  . ARG A 1 181 ? 8.934   -12.696 1.215   1.00 21.56 ? 179 ARG A CD  1 
ATOM   1357 N  NE  . ARG A 1 181 ? 7.509   -12.913 1.340   1.00 17.86 ? 179 ARG A NE  1 
ATOM   1358 C  CZ  . ARG A 1 181 ? 6.961   -13.891 2.052   1.00 17.66 ? 179 ARG A CZ  1 
ATOM   1359 N  NH1 . ARG A 1 181 ? 7.701   -14.730 2.826   1.00 20.67 ? 179 ARG A NH1 1 
ATOM   1360 N  NH2 . ARG A 1 181 ? 5.660   -14.038 2.013   1.00 16.55 ? 179 ARG A NH2 1 
ATOM   1361 N  N   . GLU A 1 182 ? 12.590  -12.251 3.802   1.00 22.96 ? 180 GLU A N   1 
ATOM   1362 C  CA  . GLU A 1 182 ? 12.723  -13.000 5.080   1.00 22.64 ? 180 GLU A CA  1 
ATOM   1363 C  C   . GLU A 1 182 ? 13.506  -12.179 6.107   1.00 22.04 ? 180 GLU A C   1 
ATOM   1364 O  O   . GLU A 1 182 ? 13.088  -12.066 7.273   1.00 21.91 ? 180 GLU A O   1 
ATOM   1365 C  CB  . GLU A 1 182 ? 13.337  -14.416 4.905   1.00 23.22 ? 180 GLU A CB  1 
ATOM   1366 C  CG  . GLU A 1 182 ? 13.472  -15.202 6.249   1.00 23.12 ? 180 GLU A CG  1 
ATOM   1367 C  CD  . GLU A 1 182 ? 12.111  -15.478 6.893   1.00 24.90 ? 180 GLU A CD  1 
ATOM   1368 O  OE1 . GLU A 1 182 ? 11.087  -15.460 6.151   1.00 22.81 ? 180 GLU A OE1 1 
ATOM   1369 O  OE2 . GLU A 1 182 ? 12.072  -15.714 8.123   1.00 24.66 ? 180 GLU A OE2 1 
ATOM   1370 N  N   . LEU A 1 183 ? 14.612  -11.570 5.680   1.00 20.00 ? 181 LEU A N   1 
ATOM   1371 C  CA  . LEU A 1 183 ? 15.382  -10.756 6.591   1.00 20.74 ? 181 LEU A CA  1 
ATOM   1372 C  C   . LEU A 1 183 ? 14.527  -9.645  7.231   1.00 20.20 ? 181 LEU A C   1 
ATOM   1373 O  O   . LEU A 1 183 ? 14.547  -9.523  8.474   1.00 19.27 ? 181 LEU A O   1 
ATOM   1374 C  CB  . LEU A 1 183 ? 16.542  -10.137 5.836   1.00 20.89 ? 181 LEU A CB  1 
ATOM   1375 C  CG  . LEU A 1 183 ? 17.457  -9.288  6.682   1.00 25.18 ? 181 LEU A CG  1 
ATOM   1376 C  CD1 . LEU A 1 183 ? 18.154  -10.141 7.743   1.00 29.52 ? 181 LEU A CD1 1 
ATOM   1377 C  CD2 . LEU A 1 183 ? 18.418  -8.607  5.723   1.00 29.49 ? 181 LEU A CD2 1 
ATOM   1378 N  N   . LEU A 1 184 ? 13.782  -8.899  6.410   1.00 18.28 ? 182 LEU A N   1 
ATOM   1379 C  CA  . LEU A 1 184 ? 13.024  -7.734  6.934   1.00 18.77 ? 182 LEU A CA  1 
ATOM   1380 C  C   . LEU A 1 184 ? 11.889  -8.226  7.865   1.00 18.81 ? 182 LEU A C   1 
ATOM   1381 O  O   . LEU A 1 184 ? 11.633  -7.632  8.912   1.00 17.97 ? 182 LEU A O   1 
ATOM   1382 C  CB  . LEU A 1 184 ? 12.503  -6.860  5.802   1.00 18.82 ? 182 LEU A CB  1 
ATOM   1383 C  CG  . LEU A 1 184 ? 13.612  -6.051  5.069   1.00 20.61 ? 182 LEU A CG  1 
ATOM   1384 C  CD1 . LEU A 1 184 ? 13.105  -5.007  4.127   1.00 27.91 ? 182 LEU A CD1 1 
ATOM   1385 C  CD2 . LEU A 1 184 ? 14.594  -5.404  6.067   1.00 22.72 ? 182 LEU A CD2 1 
ATOM   1386 N  N   . ALA A 1 185 ? 11.256  -9.351  7.512   1.00 18.32 ? 183 ALA A N   1 
ATOM   1387 C  CA  . ALA A 1 185 ? 10.205  -9.926  8.392   1.00 17.66 ? 183 ALA A CA  1 
ATOM   1388 C  C   . ALA A 1 185 ? 10.811  -10.330 9.739   1.00 18.91 ? 183 ALA A C   1 
ATOM   1389 O  O   . ALA A 1 185 ? 10.242  -10.055 10.794  1.00 18.28 ? 183 ALA A O   1 
ATOM   1390 C  CB  . ALA A 1 185 ? 9.555   -11.141 7.731   1.00 19.06 ? 183 ALA A CB  1 
ATOM   1391 N  N   . GLN A 1 186 ? 11.953  -11.028 9.680   1.00 17.28 ? 184 GLN A N   1 
ATOM   1392 C  CA  . GLN A 1 186 ? 12.624  -11.505 10.878  1.00 18.57 ? 184 GLN A CA  1 
ATOM   1393 C  C   . GLN A 1 186 ? 13.076  -10.335 11.754  1.00 17.95 ? 184 GLN A C   1 
ATOM   1394 O  O   . GLN A 1 186 ? 12.883  -10.342 12.969  1.00 17.45 ? 184 GLN A O   1 
ATOM   1395 C  CB  . GLN A 1 186 ? 13.849  -12.329 10.499  1.00 18.35 ? 184 GLN A CB  1 
ATOM   1396 C  CG  . GLN A 1 186 ? 14.463  -12.903 11.752  1.00 22.42 ? 184 GLN A CG  1 
ATOM   1397 C  CD  . GLN A 1 186 ? 13.577  -13.909 12.442  1.00 28.31 ? 184 GLN A CD  1 
ATOM   1398 O  OE1 . GLN A 1 186 ? 13.007  -14.799 11.787  1.00 29.16 ? 184 GLN A OE1 1 
ATOM   1399 N  NE2 . GLN A 1 186 ? 13.420  -13.762 13.774  1.00 30.91 ? 184 GLN A NE2 1 
ATOM   1400 N  N   . VAL A 1 187 ? 13.675  -9.316  11.141  1.00 18.15 ? 185 VAL A N   1 
ATOM   1401 C  CA  . VAL A 1 187 ? 14.129  -8.167  11.877  1.00 18.83 ? 185 VAL A CA  1 
ATOM   1402 C  C   . VAL A 1 187 ? 12.959  -7.428  12.511  1.00 17.32 ? 185 VAL A C   1 
ATOM   1403 O  O   . VAL A 1 187 ? 13.081  -6.983  13.639  1.00 19.03 ? 185 VAL A O   1 
ATOM   1404 C  CB  . VAL A 1 187 ? 14.868  -7.212  11.015  1.00 18.84 ? 185 VAL A CB  1 
ATOM   1405 C  CG1 . VAL A 1 187 ? 15.062  -5.879  11.765  1.00 20.36 ? 185 VAL A CG1 1 
ATOM   1406 C  CG2 . VAL A 1 187 ? 16.251  -7.864  10.553  1.00 19.52 ? 185 VAL A CG2 1 
ATOM   1407 N  N   . ALA A 1 188 ? 11.837  -7.321  11.806  1.00 17.67 ? 186 ALA A N   1 
ATOM   1408 C  CA  . ALA A 1 188 ? 10.658  -6.599  12.379  1.00 17.16 ? 186 ALA A CA  1 
ATOM   1409 C  C   . ALA A 1 188 ? 10.271  -7.314  13.693  1.00 17.28 ? 186 ALA A C   1 
ATOM   1410 O  O   . ALA A 1 188 ? 10.054  -6.656  14.737  1.00 18.47 ? 186 ALA A O   1 
ATOM   1411 C  CB  . ALA A 1 188 ? 9.488   -6.628  11.377  1.00 18.17 ? 186 ALA A CB  1 
ATOM   1412 N  N   . TRP A 1 189 ? 10.116  -8.621  13.638  1.00 16.98 ? 187 TRP A N   1 
ATOM   1413 C  CA  . TRP A 1 189 ? 9.715   -9.413  14.839  1.00 17.85 ? 187 TRP A CA  1 
ATOM   1414 C  C   . TRP A 1 189 ? 10.771  -9.236  15.917  1.00 18.73 ? 187 TRP A C   1 
ATOM   1415 O  O   . TRP A 1 189 ? 10.478  -8.880  17.069  1.00 18.62 ? 187 TRP A O   1 
ATOM   1416 C  CB  . TRP A 1 189 ? 9.552   -10.890 14.492  1.00 18.25 ? 187 TRP A CB  1 
ATOM   1417 C  CG  . TRP A 1 189 ? 9.354   -11.761 15.665  1.00 18.35 ? 187 TRP A CG  1 
ATOM   1418 C  CD1 . TRP A 1 189 ? 10.091  -12.870 15.971  1.00 20.68 ? 187 TRP A CD1 1 
ATOM   1419 C  CD2 . TRP A 1 189 ? 8.387   -11.612 16.721  1.00 18.76 ? 187 TRP A CD2 1 
ATOM   1420 N  NE1 . TRP A 1 189 ? 9.642   -13.453 17.148  1.00 24.48 ? 187 TRP A NE1 1 
ATOM   1421 C  CE2 . TRP A 1 189 ? 8.593   -12.703 17.625  1.00 21.26 ? 187 TRP A CE2 1 
ATOM   1422 C  CE3 . TRP A 1 189 ? 7.349   -10.705 16.979  1.00 21.06 ? 187 TRP A CE3 1 
ATOM   1423 C  CZ2 . TRP A 1 189 ? 7.818   -12.888 18.775  1.00 21.02 ? 187 TRP A CZ2 1 
ATOM   1424 C  CZ3 . TRP A 1 189 ? 6.578   -10.915 18.146  1.00 17.37 ? 187 TRP A CZ3 1 
ATOM   1425 C  CH2 . TRP A 1 189 ? 6.826   -11.981 19.020  1.00 18.98 ? 187 TRP A CH2 1 
ATOM   1426 N  N   . ASP A 1 190 ? 12.049  -9.440  15.551  1.00 19.41 ? 188 ASP A N   1 
ATOM   1427 C  CA  . ASP A 1 190 ? 13.088  -9.275  16.562  1.00 21.05 ? 188 ASP A CA  1 
ATOM   1428 C  C   . ASP A 1 190 ? 13.189  -7.866  17.177  1.00 21.37 ? 188 ASP A C   1 
ATOM   1429 O  O   . ASP A 1 190 ? 13.582  -7.732  18.366  1.00 23.02 ? 188 ASP A O   1 
ATOM   1430 C  CB  . ASP A 1 190 ? 14.448  -9.737  15.987  1.00 21.33 ? 188 ASP A CB  1 
ATOM   1431 C  CG  . ASP A 1 190 ? 14.540  -11.215 15.909  1.00 23.46 ? 188 ASP A CG  1 
ATOM   1432 O  OD1 . ASP A 1 190 ? 13.925  -11.925 16.739  1.00 28.54 ? 188 ASP A OD1 1 
ATOM   1433 O  OD2 . ASP A 1 190 ? 15.300  -11.708 15.038  1.00 29.35 ? 188 ASP A OD2 1 
ATOM   1434 N  N   . SER A 1 191 ? 12.800  -6.848  16.408  1.00 19.81 ? 189 SER A N   1 
ATOM   1435 C  CA  . SER A 1 191 ? 12.886  -5.468  16.831  1.00 22.81 ? 189 SER A CA  1 
ATOM   1436 C  C   . SER A 1 191 ? 11.794  -5.141  17.830  1.00 22.10 ? 189 SER A C   1 
ATOM   1437 O  O   . SER A 1 191 ? 12.022  -4.335  18.714  1.00 24.06 ? 189 SER A O   1 
ATOM   1438 C  CB  . SER A 1 191 ? 12.791  -4.500  15.670  1.00 22.63 ? 189 SER A CB  1 
ATOM   1439 O  OG  . SER A 1 191 ? 13.915  -4.676  14.826  1.00 29.98 ? 189 SER A OG  1 
ATOM   1440 N  N   . VAL A 1 192 ? 10.618  -5.765  17.687  1.00 19.40 ? 190 VAL A N   1 
ATOM   1441 C  CA  . VAL A 1 192 ? 9.497   -5.362  18.561  1.00 19.71 ? 190 VAL A CA  1 
ATOM   1442 C  C   . VAL A 1 192 ? 9.173   -6.384  19.630  1.00 19.11 ? 190 VAL A C   1 
ATOM   1443 O  O   . VAL A 1 192 ? 8.433   -6.037  20.584  1.00 20.82 ? 190 VAL A O   1 
ATOM   1444 C  CB  . VAL A 1 192 ? 8.195   -5.027  17.782  1.00 19.41 ? 190 VAL A CB  1 
ATOM   1445 C  CG1 . VAL A 1 192 ? 8.365   -3.808  16.880  1.00 20.58 ? 190 VAL A CG1 1 
ATOM   1446 C  CG2 . VAL A 1 192 ? 7.736   -6.255  16.972  1.00 19.43 ? 190 VAL A CG2 1 
ATOM   1447 N  N   . ARG A 1 193 ? 9.691   -7.597  19.538  1.00 19.67 ? 191 ARG A N   1 
ATOM   1448 C  CA  . ARG A 1 193 ? 9.350   -8.602  20.552  1.00 21.22 ? 191 ARG A CA  1 
ATOM   1449 C  C   . ARG A 1 193 ? 9.971   -8.269  21.929  1.00 23.25 ? 191 ARG A C   1 
ATOM   1450 O  O   . ARG A 1 193 ? 11.000  -7.576  22.008  1.00 22.58 ? 191 ARG A O   1 
ATOM   1451 C  CB  . ARG A 1 193 ? 9.694   -10.011 20.112  1.00 23.19 ? 191 ARG A CB  1 
ATOM   1452 C  CG  . ARG A 1 193 ? 11.187  -10.294 20.051  1.00 22.71 ? 191 ARG A CG  1 
ATOM   1453 C  CD  . ARG A 1 193 ? 11.349  -11.632 19.407  1.00 26.15 ? 191 ARG A CD  1 
ATOM   1454 N  NE  . ARG A 1 193 ? 12.762  -11.985 19.308  1.00 33.07 ? 191 ARG A NE  1 
ATOM   1455 C  CZ  . ARG A 1 193 ? 13.442  -12.620 20.261  1.00 39.47 ? 191 ARG A CZ  1 
ATOM   1456 N  NH1 . ARG A 1 193 ? 12.843  -12.978 21.402  1.00 38.77 ? 191 ARG A NH1 1 
ATOM   1457 N  NH2 . ARG A 1 193 ? 14.733  -12.883 20.084  1.00 40.67 ? 191 ARG A NH2 1 
ATOM   1458 N  N   . ALA A 1 194 ? 9.286   -8.695  22.993  1.00 24.69 ? 192 ALA A N   1 
ATOM   1459 C  CA  . ALA A 1 194 ? 9.789   -8.540  24.374  1.00 27.89 ? 192 ALA A CA  1 
ATOM   1460 C  C   . ALA A 1 194 ? 11.164  -9.199  24.555  1.00 29.35 ? 192 ALA A C   1 
ATOM   1461 O  O   . ALA A 1 194 ? 11.445  -10.230 23.960  1.00 29.70 ? 192 ALA A O   1 
ATOM   1462 C  CB  . ALA A 1 194 ? 8.791   -9.155  25.354  1.00 27.44 ? 192 ALA A CB  1 
ATOM   1463 N  N   . ALA A 1 195 ? 11.990  -8.593  25.408  1.00 32.82 ? 193 ALA A N   1 
ATOM   1464 C  CA  . ALA A 1 195 ? 13.333  -9.098  25.762  1.00 35.36 ? 193 ALA A CA  1 
ATOM   1465 C  C   . ALA A 1 195 ? 13.358  -10.453 26.484  1.00 36.77 ? 193 ALA A C   1 
ATOM   1466 O  O   . ALA A 1 195 ? 12.378  -10.848 27.149  1.00 38.12 ? 193 ALA A O   1 
ATOM   1467 C  CB  . ALA A 1 195 ? 14.076  -8.040  26.592  1.00 35.70 ? 193 ALA A CB  1 
HETATM 1468 O  O   . HOH B 2 .   ? 14.191  -2.438  13.134  0.50 26.10 ? 196 HOH A O   1 
HETATM 1469 O  O   . HOH B 2 .   ? -8.759  -6.074  19.461  1.00 19.36 ? 197 HOH A O   1 
HETATM 1470 O  O   . HOH B 2 .   ? -4.102  -9.324  19.550  1.00 19.86 ? 198 HOH A O   1 
HETATM 1471 O  O   . HOH B 2 .   ? 1.027   -9.152  30.591  1.00 26.35 ? 199 HOH A O   1 
HETATM 1472 O  O   . HOH B 2 .   ? 3.496   -5.939  25.109  1.00 23.53 ? 200 HOH A O   1 
HETATM 1473 O  O   . HOH B 2 .   ? 1.971   -11.537 3.262   1.00 19.19 ? 201 HOH A O   1 
HETATM 1474 O  O   . HOH B 2 .   ? 12.218  -4.778  9.151   1.00 18.39 ? 202 HOH A O   1 
HETATM 1475 O  O   . HOH B 2 .   ? -5.313  -7.423  -1.772  1.00 22.31 ? 203 HOH A O   1 
HETATM 1476 O  O   . HOH B 2 .   ? -4.730  -10.569 15.942  1.00 21.52 ? 204 HOH A O   1 
HETATM 1477 O  O   . HOH B 2 .   ? 12.088  -3.677  11.812  1.00 21.81 ? 205 HOH A O   1 
HETATM 1478 O  O   . HOH B 2 .   ? -9.357  -9.469  2.658   1.00 26.94 ? 206 HOH A O   1 
HETATM 1479 O  O   . HOH B 2 .   ? 2.388   -2.420  -11.083 1.00 22.85 ? 207 HOH A O   1 
HETATM 1480 O  O   . HOH B 2 .   ? -3.618  0.167   3.600   1.00 22.57 ? 208 HOH A O   1 
HETATM 1481 O  O   . HOH B 2 .   ? 4.167   -20.403 13.107  1.00 24.57 ? 209 HOH A O   1 
HETATM 1482 O  O   . HOH B 2 .   ? 4.689   -15.125 18.927  1.00 22.86 ? 210 HOH A O   1 
HETATM 1483 O  O   . HOH B 2 .   ? 5.130   -10.790 -4.883  1.00 23.98 ? 211 HOH A O   1 
HETATM 1484 O  O   . HOH B 2 .   ? 9.985   -17.989 5.729   1.00 22.15 ? 212 HOH A O   1 
HETATM 1485 O  O   . HOH B 2 .   ? 10.219  -3.592  7.561   1.00 19.39 ? 213 HOH A O   1 
HETATM 1486 O  O   . HOH B 2 .   ? -5.415  -2.270  7.748   1.00 24.70 ? 214 HOH A O   1 
HETATM 1487 O  O   . HOH B 2 .   ? 1.683   -15.305 20.194  1.00 21.45 ? 215 HOH A O   1 
HETATM 1488 O  O   . HOH B 2 .   ? -3.272  -3.651  24.378  1.00 23.56 ? 216 HOH A O   1 
HETATM 1489 O  O   . HOH B 2 .   ? -2.980  -2.293  19.830  1.00 25.54 ? 217 HOH A O   1 
HETATM 1490 O  O   . HOH B 2 .   ? 10.367  -14.373 12.236  1.00 26.94 ? 218 HOH A O   1 
HETATM 1491 O  O   . HOH B 2 .   ? 4.128   -13.657 6.550   1.00 18.67 ? 219 HOH A O   1 
HETATM 1492 O  O   . HOH B 2 .   ? -8.589  2.333   0.463   1.00 34.84 ? 220 HOH A O   1 
HETATM 1493 O  O   . HOH B 2 .   ? 15.841  -12.347 3.278   1.00 23.86 ? 221 HOH A O   1 
HETATM 1494 O  O   . HOH B 2 .   ? 11.099  -5.978  26.729  1.00 37.07 ? 222 HOH A O   1 
HETATM 1495 O  O   . HOH B 2 .   ? -1.565  -15.015 8.231   1.00 34.92 ? 223 HOH A O   1 
HETATM 1496 O  O   . HOH B 2 .   ? 2.479   -13.952 8.651   1.00 23.39 ? 224 HOH A O   1 
HETATM 1497 O  O   . HOH B 2 .   ? 14.471  -15.461 9.534   1.00 28.48 ? 225 HOH A O   1 
HETATM 1498 O  O   . HOH B 2 .   ? -9.274  -10.615 9.761   1.00 29.16 ? 226 HOH A O   1 
HETATM 1499 O  O   . HOH B 2 .   ? 10.485  -14.823 3.460   1.00 28.18 ? 227 HOH A O   1 
HETATM 1500 O  O   . HOH B 2 .   ? -1.478  0.386   16.218  1.00 25.63 ? 228 HOH A O   1 
HETATM 1501 O  O   . HOH B 2 .   ? -16.965 8.503   -25.546 1.00 39.76 ? 229 HOH A O   1 
HETATM 1502 O  O   . HOH B 2 .   ? -6.928  -2.318  -10.541 1.00 35.29 ? 230 HOH A O   1 
HETATM 1503 O  O   . HOH B 2 .   ? 9.035   -7.065  -9.436  1.00 33.44 ? 231 HOH A O   1 
HETATM 1504 O  O   . HOH B 2 .   ? -0.407  -15.057 22.143  1.00 22.05 ? 232 HOH A O   1 
HETATM 1505 O  O   . HOH B 2 .   ? -11.657 -6.714  10.248  1.00 43.11 ? 233 HOH A O   1 
HETATM 1506 O  O   . HOH B 2 .   ? -7.394  14.540  -19.695 1.00 33.94 ? 234 HOH A O   1 
HETATM 1507 O  O   . HOH B 2 .   ? 10.118  -12.307 22.776  1.00 29.84 ? 235 HOH A O   1 
HETATM 1508 O  O   . HOH B 2 .   ? -10.560 3.143   -5.891  1.00 28.88 ? 236 HOH A O   1 
HETATM 1509 O  O   . HOH B 2 .   ? 1.584   6.517   19.245  1.00 34.54 ? 237 HOH A O   1 
HETATM 1510 O  O   . HOH B 2 .   ? 4.885   -18.253 15.148  1.00 27.84 ? 238 HOH A O   1 
HETATM 1511 O  O   . HOH B 2 .   ? 4.043   1.706   -2.046  1.00 34.74 ? 239 HOH A O   1 
HETATM 1512 O  O   . HOH B 2 .   ? -6.888  -4.458  7.139   1.00 24.76 ? 240 HOH A O   1 
HETATM 1513 O  O   . HOH B 2 .   ? -2.280  6.812   2.670   1.00 30.84 ? 241 HOH A O   1 
HETATM 1514 O  O   . HOH B 2 .   ? -0.237  -3.666  -10.867 1.00 30.46 ? 242 HOH A O   1 
HETATM 1515 O  O   . HOH B 2 .   ? -6.949  -8.961  18.809  1.00 24.84 ? 243 HOH A O   1 
HETATM 1516 O  O   . HOH B 2 .   ? 7.384   -12.079 22.885  1.00 25.98 ? 244 HOH A O   1 
HETATM 1517 O  O   . HOH B 2 .   ? -1.734  0.487   22.505  1.00 31.32 ? 245 HOH A O   1 
HETATM 1518 O  O   . HOH B 2 .   ? 11.834  -16.063 15.076  1.00 35.25 ? 246 HOH A O   1 
HETATM 1519 O  O   . HOH B 2 .   ? 17.150  5.708   3.056   1.00 36.38 ? 247 HOH A O   1 
HETATM 1520 O  O   . HOH B 2 .   ? 0.756   11.472  -8.879  1.00 38.52 ? 248 HOH A O   1 
HETATM 1521 O  O   . HOH B 2 .   ? -8.263  13.847  -4.271  1.00 39.32 ? 249 HOH A O   1 
HETATM 1522 O  O   . HOH B 2 .   ? 10.910  5.457   -8.172  1.00 35.54 ? 250 HOH A O   1 
HETATM 1523 O  O   . HOH B 2 .   ? -9.779  14.394  -17.582 1.00 31.15 ? 251 HOH A O   1 
HETATM 1524 O  O   . HOH B 2 .   ? -9.842  -4.797  3.786   1.00 36.10 ? 252 HOH A O   1 
HETATM 1525 O  O   . HOH B 2 .   ? -11.928 3.741   -1.106  1.00 30.95 ? 253 HOH A O   1 
HETATM 1526 O  O   . HOH B 2 .   ? -13.055 5.295   8.839   1.00 37.13 ? 254 HOH A O   1 
HETATM 1527 O  O   . HOH B 2 .   ? -11.225 -2.993  12.832  1.00 45.81 ? 255 HOH A O   1 
HETATM 1528 O  O   . HOH B 2 .   ? 4.320   -2.962  -12.635 1.00 38.88 ? 256 HOH A O   1 
HETATM 1529 O  O   . HOH B 2 .   ? -4.844  -16.266 5.235   1.00 29.91 ? 257 HOH A O   1 
HETATM 1530 O  O   . HOH B 2 .   ? -7.414  -17.062 14.461  1.00 29.25 ? 258 HOH A O   1 
HETATM 1531 O  O   . HOH B 2 .   ? 1.885   -13.398 28.213  1.00 35.07 ? 259 HOH A O   1 
HETATM 1532 O  O   . HOH B 2 .   ? -9.594  -18.540 9.647   1.00 45.30 ? 260 HOH A O   1 
HETATM 1533 O  O   . HOH B 2 .   ? 6.975   -7.354  28.483  1.00 41.55 ? 261 HOH A O   1 
HETATM 1534 O  O   . HOH B 2 .   ? -3.396  -1.099  6.270   1.00 25.56 ? 262 HOH A O   1 
HETATM 1535 O  O   . HOH B 2 .   ? 6.033   -14.297 21.587  1.00 25.62 ? 263 HOH A O   1 
HETATM 1536 O  O   . HOH B 2 .   ? -3.198  -1.755  22.364  1.00 29.88 ? 264 HOH A O   1 
HETATM 1537 O  O   . HOH B 2 .   ? -7.590  -6.917  -3.117  1.00 29.60 ? 265 HOH A O   1 
HETATM 1538 O  O   . HOH B 2 .   ? 3.027   -21.367 15.604  1.00 40.48 ? 266 HOH A O   1 
HETATM 1539 O  O   . HOH B 2 .   ? 7.675   -12.935 25.473  1.00 31.44 ? 267 HOH A O   1 
HETATM 1540 O  O   . HOH B 2 .   ? -8.329  -3.605  -6.195  1.00 31.08 ? 268 HOH A O   1 
HETATM 1541 O  O   . HOH B 2 .   ? -6.690  -9.768  -0.504  1.00 33.08 ? 269 HOH A O   1 
HETATM 1542 O  O   . HOH B 2 .   ? 7.484   -11.838 -3.998  1.00 40.53 ? 270 HOH A O   1 
HETATM 1543 O  O   . HOH B 2 .   ? 3.296   -1.078  10.855  1.00 34.80 ? 271 HOH A O   1 
HETATM 1544 O  O   . HOH B 2 .   ? 6.697   -17.083 18.114  1.00 32.85 ? 272 HOH A O   1 
HETATM 1545 O  O   . HOH B 2 .   ? 0.595   -14.858 25.800  1.00 34.73 ? 273 HOH A O   1 
HETATM 1546 O  O   . HOH B 2 .   ? -0.442  -0.999  -1.165  1.00 28.29 ? 274 HOH A O   1 
HETATM 1547 O  O   . HOH B 2 .   ? -10.480 -11.604 3.870   1.00 35.53 ? 275 HOH A O   1 
HETATM 1548 O  O   . HOH B 2 .   ? -5.070  15.725  -18.952 1.00 46.76 ? 276 HOH A O   1 
HETATM 1549 O  O   . HOH B 2 .   ? -4.449  12.397  -25.874 1.00 39.72 ? 277 HOH A O   1 
HETATM 1550 O  O   . HOH B 2 .   ? -11.005 -7.158  2.693   1.00 37.43 ? 278 HOH A O   1 
HETATM 1551 O  O   . HOH B 2 .   ? -8.472  -2.134  -3.590  1.00 28.63 ? 279 HOH A O   1 
HETATM 1552 O  O   . HOH B 2 .   ? -2.524  0.755   13.842  1.00 30.72 ? 280 HOH A O   1 
HETATM 1553 O  O   . HOH B 2 .   ? 3.903   4.113   -11.803 1.00 36.53 ? 281 HOH A O   1 
HETATM 1554 O  O   . HOH B 2 .   ? 12.761  -8.727  -6.473  1.00 35.09 ? 282 HOH A O   1 
HETATM 1555 O  O   . HOH B 2 .   ? -8.652  -1.984  -8.367  1.00 33.68 ? 283 HOH A O   1 
HETATM 1556 O  O   . HOH B 2 .   ? -11.846 15.218  -18.927 1.00 34.37 ? 284 HOH A O   1 
HETATM 1557 O  O   . HOH B 2 .   ? -9.465  -10.145 0.075   1.00 43.49 ? 285 HOH A O   1 
HETATM 1558 O  O   . HOH B 2 .   ? -3.692  -20.666 10.458  1.00 36.18 ? 286 HOH A O   1 
HETATM 1559 O  O   . HOH B 2 .   ? -8.836  15.856  -14.706 1.00 34.56 ? 287 HOH A O   1 
HETATM 1560 O  O   . HOH B 2 .   ? -11.541 -1.054  10.491  1.00 35.30 ? 288 HOH A O   1 
HETATM 1561 O  O   . HOH B 2 .   ? -3.699  4.192   8.499   1.00 42.89 ? 289 HOH A O   1 
HETATM 1562 O  O   . HOH B 2 .   ? 19.486  -9.521  -4.126  1.00 47.72 ? 290 HOH A O   1 
HETATM 1563 O  O   . HOH B 2 .   ? -5.551  -14.509 14.355  1.00 34.35 ? 291 HOH A O   1 
HETATM 1564 O  O   . HOH B 2 .   ? 0.458   -15.452 9.507   1.00 27.43 ? 292 HOH A O   1 
HETATM 1565 O  O   . HOH B 2 .   ? -2.341  -16.343 18.599  1.00 31.38 ? 293 HOH A O   1 
HETATM 1566 O  O   . HOH B 2 .   ? 9.442   -18.381 12.045  1.00 46.39 ? 294 HOH A O   1 
HETATM 1567 O  O   . HOH B 2 .   ? 4.290   5.781   12.337  1.00 30.48 ? 295 HOH A O   1 
HETATM 1568 O  O   . HOH B 2 .   ? 10.163  -16.016 18.509  1.00 43.81 ? 296 HOH A O   1 
HETATM 1569 O  O   . HOH B 2 .   ? -5.966  12.705  -7.154  1.00 38.97 ? 297 HOH A O   1 
HETATM 1570 O  O   . HOH B 2 .   ? -9.221  -24.573 6.817   1.00 39.41 ? 298 HOH A O   1 
HETATM 1571 O  O   . HOH B 2 .   ? 1.214   0.335   15.682  1.00 36.04 ? 299 HOH A O   1 
HETATM 1572 O  O   . HOH B 2 .   ? -14.854 13.686  -12.088 1.00 40.21 ? 300 HOH A O   1 
HETATM 1573 O  O   . HOH B 2 .   ? 1.993   -1.397  7.966   1.00 40.03 ? 301 HOH A O   1 
HETATM 1574 O  O   . HOH B 2 .   ? 14.646  -3.874  19.983  1.00 40.00 ? 302 HOH A O   1 
HETATM 1575 O  O   . HOH B 2 .   ? -0.126  -9.276  -3.613  1.00 43.45 ? 303 HOH A O   1 
HETATM 1576 O  O   . HOH B 2 .   ? 1.767   -18.378 20.064  1.00 32.51 ? 304 HOH A O   1 
HETATM 1577 O  O   . HOH B 2 .   ? 11.058  4.339   5.972   0.50 28.75 ? 305 HOH A O   1 
HETATM 1578 O  O   . HOH B 2 .   ? 2.378   0.144   3.945   1.00 36.83 ? 306 HOH A O   1 
HETATM 1579 O  O   . HOH B 2 .   ? -3.385  -11.786 13.876  1.00 42.86 ? 307 HOH A O   1 
HETATM 1580 O  O   . HOH B 2 .   ? 11.138  -0.230  25.268  1.00 40.89 ? 308 HOH A O   1 
HETATM 1581 O  O   . HOH B 2 .   ? 20.140  4.973   3.638   1.00 44.41 ? 309 HOH A O   1 
HETATM 1582 O  O   . HOH B 2 .   ? -12.298 1.624   -7.341  1.00 41.72 ? 310 HOH A O   1 
HETATM 1583 O  O   . HOH B 2 .   ? -4.298  3.469   5.025   1.00 33.62 ? 311 HOH A O   1 
HETATM 1584 O  O   . HOH B 2 .   ? 10.857  -13.140 -1.718  1.00 40.92 ? 312 HOH A O   1 
HETATM 1585 O  O   . HOH B 2 .   ? 3.923   -15.918 21.839  1.00 37.72 ? 313 HOH A O   1 
HETATM 1586 O  O   . HOH B 2 .   ? 1.437   -0.888  13.065  1.00 31.75 ? 314 HOH A O   1 
HETATM 1587 O  O   . HOH B 2 .   ? -1.526  0.461   7.014   1.00 35.20 ? 315 HOH A O   1 
HETATM 1588 O  O   . HOH B 2 .   ? 2.595   -16.409 24.573  1.00 37.24 ? 316 HOH A O   1 
HETATM 1589 O  O   . HOH B 2 .   ? 8.184   -16.121 21.150  1.00 39.36 ? 317 HOH A O   1 
HETATM 1590 O  O   . HOH B 2 .   ? -10.942 2.060   -3.154  1.00 33.61 ? 318 HOH A O   1 
HETATM 1591 O  O   . HOH B 2 .   ? -2.304  2.019   9.286   1.00 46.12 ? 319 HOH A O   1 
HETATM 1592 O  O   . HOH B 2 .   ? -10.049 -8.285  -1.538  1.00 40.92 ? 320 HOH A O   1 
HETATM 1593 O  O   . HOH B 2 .   ? -0.700  1.270   12.033  1.00 37.35 ? 321 HOH A O   1 
HETATM 1594 O  O   . HOH B 2 .   ? -8.894  -4.506  -2.196  1.00 30.33 ? 322 HOH A O   1 
HETATM 1595 O  O   . HOH B 2 .   ? 14.958  2.030   24.465  1.00 36.36 ? 323 HOH A O   1 
HETATM 1596 O  O   . HOH B 2 .   ? 1.377   -5.526  29.000  1.00 39.88 ? 324 HOH A O   1 
HETATM 1597 O  O   . HOH B 2 .   ? -11.471 -6.705  0.048   1.00 47.64 ? 325 HOH A O   1 
HETATM 1598 O  O   . HOH B 2 .   ? 11.123  5.466   -4.919  1.00 37.95 ? 326 HOH A O   1 
HETATM 1599 O  O   . HOH B 2 .   ? -9.235  -4.016  6.557   1.00 36.77 ? 327 HOH A O   1 
HETATM 1600 O  O   . HOH B 2 .   ? -0.702  -8.285  -6.412  1.00 32.83 ? 328 HOH A O   1 
HETATM 1601 O  O   . HOH B 2 .   ? 3.840   14.242  -16.324 1.00 47.15 ? 329 HOH A O   1 
HETATM 1602 O  O   . HOH B 2 .   ? -0.985  1.873   2.967   1.00 36.39 ? 330 HOH A O   1 
HETATM 1603 O  O   . HOH B 2 .   ? -8.405  -15.215 5.588   1.00 39.06 ? 331 HOH A O   1 
HETATM 1604 O  O   . HOH B 2 .   ? 7.904   2.906   0.628   1.00 36.33 ? 332 HOH A O   1 
HETATM 1605 O  O   . HOH B 2 .   ? 4.852   -11.653 -7.311  1.00 35.23 ? 333 HOH A O   1 
HETATM 1606 O  O   . HOH B 2 .   ? -13.739 12.204  -0.236  1.00 42.04 ? 334 HOH A O   1 
HETATM 1607 O  O   . HOH B 2 .   ? 3.430   -1.859  20.843  1.00 42.22 ? 335 HOH A O   1 
HETATM 1608 O  O   . HOH B 2 .   ? -8.228  15.572  -22.156 1.00 40.71 ? 336 HOH A O   1 
HETATM 1609 O  O   . HOH B 2 .   ? -0.115  -19.895 18.921  1.00 38.98 ? 337 HOH A O   1 
HETATM 1610 O  O   . HOH B 2 .   ? 0.915   -1.716  23.583  1.00 45.46 ? 338 HOH A O   1 
HETATM 1611 O  O   . HOH B 2 .   ? 3.482   13.936  -13.719 1.00 46.03 ? 339 HOH A O   1 
HETATM 1612 O  O   . HOH B 2 .   ? -7.828  -7.760  -5.573  1.00 43.33 ? 340 HOH A O   1 
HETATM 1613 O  O   . HOH B 2 .   ? -3.128  -8.414  -3.643  1.00 38.87 ? 341 HOH A O   1 
HETATM 1614 O  O   . HOH B 2 .   ? -12.533 3.671   11.182  1.00 45.06 ? 342 HOH A O   1 
HETATM 1615 O  O   . HOH B 2 .   ? -9.224  -2.970  1.537   1.00 35.24 ? 343 HOH A O   1 
HETATM 1616 O  O   . HOH B 2 .   ? 13.125  -6.334  20.798  1.00 36.24 ? 344 HOH A O   1 
HETATM 1617 O  O   . HOH B 2 .   ? -16.130 9.874   -3.961  1.00 41.70 ? 345 HOH A O   1 
HETATM 1618 O  O   . HOH B 2 .   ? -8.489  12.504  -6.686  1.00 42.37 ? 346 HOH A O   1 
HETATM 1619 O  O   . HOH B 2 .   ? -11.155 -5.093  8.076   1.00 45.07 ? 347 HOH A O   1 
HETATM 1620 O  O   . HOH B 2 .   ? -9.938  -13.760 2.204   1.00 49.61 ? 348 HOH A O   1 
HETATM 1621 O  O   . HOH B 2 .   ? 0.717   0.701   0.888   1.00 43.75 ? 349 HOH A O   1 
HETATM 1622 O  O   . HOH B 2 .   ? -13.919 13.803  -7.307  1.00 48.19 ? 350 HOH A O   1 
HETATM 1623 O  O   . HOH B 2 .   ? -11.372 13.801  -7.767  1.00 36.48 ? 351 HOH A O   1 
HETATM 1624 O  O   . HOH B 2 .   ? 13.663  3.676   26.062  1.00 31.68 ? 352 HOH A O   1 
HETATM 1625 O  O   . HOH B 2 .   ? 0.039   3.869   12.854  1.00 35.48 ? 353 HOH A O   1 
HETATM 1626 O  O   . HOH B 2 .   ? -0.586  -22.536 18.455  1.00 48.51 ? 354 HOH A O   1 
HETATM 1627 O  O   . HOH B 2 .   ? 3.218   7.025   -11.738 1.00 42.21 ? 355 HOH A O   1 
HETATM 1628 O  O   . HOH B 2 .   ? 3.371   13.221  -2.570  1.00 42.50 ? 356 HOH A O   1 
HETATM 1629 O  O   . HOH B 2 .   ? 16.903  -10.880 18.439  1.00 41.27 ? 357 HOH A O   1 
HETATM 1630 O  O   . HOH B 2 .   ? 7.010   5.137   2.449   1.00 48.96 ? 358 HOH A O   1 
HETATM 1631 O  O   . HOH B 2 .   ? 14.764  -9.581  20.097  1.00 44.91 ? 359 HOH A O   1 
HETATM 1632 O  O   . HOH B 2 .   ? -1.122  8.016   14.779  1.00 44.35 ? 360 HOH A O   1 
HETATM 1633 O  O   . HOH B 2 .   ? 3.185   0.087   24.909  1.00 44.47 ? 361 HOH A O   1 
HETATM 1634 O  O   . HOH B 2 .   ? -14.056 7.686   9.633   1.00 49.45 ? 362 HOH A O   1 
HETATM 1635 O  O   . HOH B 2 .   ? 4.630   -2.178  23.144  1.00 42.76 ? 363 HOH A O   1 
HETATM 1636 O  O   . HOH B 2 .   ? -7.475  9.443   8.915   1.00 42.26 ? 364 HOH A O   1 
HETATM 1637 O  O   . HOH B 2 .   ? 8.494   -10.739 -2.543  1.00 40.86 ? 365 HOH A O   1 
HETATM 1638 O  O   . HOH B 2 .   ? -9.941  -0.565  2.573   1.00 38.51 ? 366 HOH A O   1 
HETATM 1639 O  O   . HOH B 2 .   ? -12.462 14.964  -10.154 1.00 40.12 ? 367 HOH A O   1 
HETATM 1640 O  O   . HOH B 2 .   ? 0.971   4.587   22.183  1.00 42.42 ? 368 HOH A O   1 
HETATM 1641 O  O   . HOH B 2 .   ? 14.035  -0.541  -9.887  1.00 47.63 ? 369 HOH A O   1 
HETATM 1642 O  O   . HOH B 2 .   ? 14.262  -9.815  22.685  1.00 41.44 ? 370 HOH A O   1 
# 
